data_4UOX
#
_entry.id   4UOX
#
_cell.length_a   121.124
_cell.length_b   129.520
_cell.length_c   131.273
_cell.angle_alpha   90.00
_cell.angle_beta   90.00
_cell.angle_gamma   90.00
#
_symmetry.space_group_name_H-M   'P 21 21 21'
#
loop_
_entity.id
_entity.type
_entity.pdbx_description
1 polymer 'PUTRESCINE AMINOTRANSFERASE'
2 non-polymer "PYRIDOXAL-5'-PHOSPHATE"
3 non-polymer 1,4-DIAMINOBUTANE
4 non-polymer 'FORMIC ACID'
5 non-polymer GLYCEROL
6 non-polymer DI(HYDROXYETHYL)ETHER
7 water water
#
_entity_poly.entity_id   1
_entity_poly.type   'polypeptide(L)'
_entity_poly.pdbx_seq_one_letter_code
;MNRLPSSASALACSAHALNLIEKRTLDHEEMKALNREVIEYFKEHVNPGFLEYRKSVTAGGDYGAVEWQAGSLNTLVDTQ
GQEFIDCLGGFGIFNVGHRNPVVVSAVQNQLAKQPLHSQELLDPLRAMLAKTLAALTPGKLKYSFFCNSGTESVEAALKL
AKAYQSPRGKFTFIATSGAFHGKSLGALSATAKSTFRKPFMPLLPGFRHVPFGNIEAMRTALNECKKTGDDVAAVILEPI
QGEGGVILPPPGYLTAVRKLCDEFGALMILDEVQTGMGRTGKMFACEHENVQPDILCLAKALGGGVMPIGATIATEEVFS
VLFDNPFLHTTTFGGNPLACAAALATINVLLEQNLPAQAEQKGDMLLDGFRQLAREYPDLVQEARGKGMLMAIEFVDNEI
GYNFASEMFRQRVLVAGTLNNAKTIRIEPPLTLTIEQCELVIKAARKALAAMRVSVEEALEHHHHHH
;
_entity_poly.pdbx_strand_id   A,B,C,D
#
loop_
_chem_comp.id
_chem_comp.type
_chem_comp.name
_chem_comp.formula
FMT non-polymer 'FORMIC ACID' 'C H2 O2'
GOL non-polymer GLYCEROL 'C3 H8 O3'
PEG non-polymer DI(HYDROXYETHYL)ETHER 'C4 H10 O3'
PLP non-polymer PYRIDOXAL-5'-PHOSPHATE 'C8 H10 N O6 P'
PUT non-polymer 1,4-DIAMINOBUTANE 'C4 H12 N2'
#
# COMPACT_ATOMS: atom_id res chain seq x y z
N SER A 7 13.55 -24.45 36.82
CA SER A 7 14.68 -23.57 36.53
C SER A 7 16.04 -24.28 36.53
N ALA A 8 16.17 -25.31 35.70
CA ALA A 8 17.44 -26.01 35.48
C ALA A 8 18.27 -25.37 34.36
N SER A 9 19.38 -26.01 34.01
CA SER A 9 20.18 -25.55 32.88
C SER A 9 19.62 -26.11 31.57
N ALA A 10 19.98 -25.48 30.46
CA ALA A 10 19.52 -25.93 29.15
C ALA A 10 19.91 -27.38 28.89
N LEU A 11 21.14 -27.72 29.25
CA LEU A 11 21.61 -29.10 29.11
C LEU A 11 20.73 -30.02 29.94
N ALA A 12 20.54 -29.65 31.20
CA ALA A 12 19.73 -30.45 32.13
C ALA A 12 18.32 -30.66 31.60
N CYS A 13 17.73 -29.60 31.01
CA CYS A 13 16.39 -29.68 30.44
C CYS A 13 16.32 -30.68 29.30
N SER A 14 17.28 -30.57 28.38
CA SER A 14 17.32 -31.40 27.20
C SER A 14 17.51 -32.86 27.59
N ALA A 15 18.36 -33.08 28.60
CA ALA A 15 18.58 -34.41 29.17
C ALA A 15 17.28 -35.02 29.65
N HIS A 16 16.59 -34.31 30.52
CA HIS A 16 15.27 -34.73 31.02
C HIS A 16 14.34 -35.11 29.87
N ALA A 17 14.26 -34.25 28.87
CA ALA A 17 13.36 -34.46 27.74
C ALA A 17 13.75 -35.71 26.95
N LEU A 18 15.05 -35.95 26.81
CA LEU A 18 15.53 -37.12 26.09
C LEU A 18 15.15 -38.43 26.80
N ASN A 19 15.29 -38.44 28.13
CA ASN A 19 14.90 -39.58 28.95
C ASN A 19 13.40 -39.86 28.79
N LEU A 20 12.62 -38.80 28.75
CA LEU A 20 11.17 -38.87 28.56
C LEU A 20 10.83 -39.44 27.20
N ILE A 21 11.51 -38.93 26.16
CA ILE A 21 11.41 -39.45 24.81
C ILE A 21 11.74 -40.94 24.78
N GLU A 22 12.70 -41.37 25.60
CA GLU A 22 13.03 -42.78 25.66
C GLU A 22 11.98 -43.61 26.42
N LYS A 23 11.36 -43.03 27.46
CA LYS A 23 10.31 -43.74 28.21
C LYS A 23 9.13 -44.08 27.31
N ARG A 24 8.74 -45.34 27.25
CA ARG A 24 7.59 -45.66 26.43
C ARG A 24 6.37 -45.90 27.31
N THR A 25 6.61 -46.13 28.60
CA THR A 25 5.55 -46.36 29.59
C THR A 25 5.67 -45.36 30.72
N LEU A 26 4.55 -44.92 31.27
CA LEU A 26 4.58 -44.03 32.42
C LEU A 26 3.75 -44.60 33.54
N ASP A 27 4.39 -44.93 34.65
CA ASP A 27 3.62 -45.39 35.81
C ASP A 27 3.00 -44.16 36.47
N HIS A 28 2.12 -44.37 37.45
CA HIS A 28 1.35 -43.27 38.01
C HIS A 28 2.20 -42.14 38.59
N GLU A 29 3.45 -42.44 38.88
CA GLU A 29 4.36 -41.48 39.51
C GLU A 29 4.83 -40.45 38.51
N GLU A 30 5.38 -40.95 37.41
CA GLU A 30 5.94 -40.13 36.36
C GLU A 30 4.83 -39.35 35.66
N MET A 31 3.65 -39.98 35.53
CA MET A 31 2.52 -39.35 34.85
C MET A 31 2.14 -38.03 35.50
N LYS A 32 1.99 -38.01 36.83
CA LYS A 32 1.56 -36.77 37.47
C LYS A 32 2.66 -35.71 37.45
N ALA A 33 3.92 -36.13 37.56
CA ALA A 33 5.01 -35.19 37.49
C ALA A 33 5.00 -34.55 36.11
N LEU A 34 4.99 -35.41 35.08
CA LEU A 34 4.91 -34.97 33.70
C LEU A 34 3.75 -33.98 33.45
N ASN A 35 2.52 -34.42 33.68
CA ASN A 35 1.35 -33.57 33.49
C ASN A 35 1.50 -32.22 34.18
N ARG A 36 2.06 -32.24 35.37
CA ARG A 36 2.27 -31.01 36.12
C ARG A 36 3.29 -30.14 35.40
N GLU A 37 4.35 -30.76 34.88
CA GLU A 37 5.36 -30.02 34.10
C GLU A 37 4.73 -29.41 32.87
N VAL A 38 4.07 -30.26 32.07
CA VAL A 38 3.52 -29.85 30.78
C VAL A 38 2.57 -28.68 30.94
N ILE A 39 1.75 -28.71 31.99
CA ILE A 39 0.84 -27.62 32.22
C ILE A 39 1.62 -26.38 32.61
N GLU A 40 2.55 -26.54 33.54
CA GLU A 40 3.32 -25.41 34.04
C GLU A 40 4.13 -24.75 32.92
N TYR A 41 4.74 -25.56 32.08
CA TYR A 41 5.57 -25.02 30.98
C TYR A 41 4.73 -24.37 29.88
N PHE A 42 3.55 -24.92 29.61
CA PHE A 42 2.63 -24.33 28.64
C PHE A 42 2.28 -22.92 29.05
N LYS A 43 2.09 -22.76 30.36
CA LYS A 43 1.70 -21.49 30.96
C LYS A 43 2.84 -20.48 30.88
N GLU A 44 4.05 -20.97 31.13
CA GLU A 44 5.21 -20.11 31.27
C GLU A 44 6.08 -20.01 30.00
N HIS A 45 5.95 -20.96 29.09
CA HIS A 45 6.84 -20.94 27.92
C HIS A 45 6.16 -21.19 26.56
N VAL A 46 4.87 -21.52 26.54
CA VAL A 46 4.21 -21.78 25.25
C VAL A 46 3.08 -20.78 25.01
N ASN A 47 1.96 -20.98 25.69
CA ASN A 47 0.83 -20.06 25.62
C ASN A 47 -0.18 -20.39 26.70
N PRO A 48 -0.24 -19.57 27.77
CA PRO A 48 -1.19 -19.83 28.85
C PRO A 48 -2.64 -19.87 28.31
N GLY A 49 -2.88 -19.22 27.20
CA GLY A 49 -4.19 -19.17 26.58
C GLY A 49 -4.67 -20.49 26.03
N PHE A 50 -3.76 -21.38 25.62
CA PHE A 50 -4.23 -22.66 25.10
C PHE A 50 -4.90 -23.42 26.24
N LEU A 51 -4.35 -23.27 27.44
CA LEU A 51 -4.95 -23.84 28.64
C LEU A 51 -6.38 -23.33 28.86
N GLU A 52 -6.58 -22.03 28.64
CA GLU A 52 -7.92 -21.45 28.75
C GLU A 52 -8.88 -22.01 27.72
N TYR A 53 -8.46 -22.06 26.45
CA TYR A 53 -9.30 -22.60 25.38
C TYR A 53 -9.66 -24.05 25.61
N ARG A 54 -8.69 -24.80 26.10
CA ARG A 54 -8.88 -26.23 26.26
C ARG A 54 -9.91 -26.53 27.33
N LYS A 55 -9.82 -25.83 28.46
CA LYS A 55 -10.81 -25.97 29.54
C LYS A 55 -12.20 -25.55 29.06
N SER A 56 -12.22 -24.47 28.26
CA SER A 56 -13.40 -24.01 27.53
C SER A 56 -14.13 -25.11 26.74
N VAL A 57 -13.40 -26.12 26.27
CA VAL A 57 -14.01 -27.21 25.52
C VAL A 57 -13.69 -28.60 26.13
N THR A 58 -13.63 -28.64 27.46
CA THR A 58 -13.47 -29.89 28.22
C THR A 58 -14.30 -29.87 29.49
N ALA A 59 -14.42 -31.03 30.12
CA ALA A 59 -15.09 -31.15 31.41
C ALA A 59 -14.07 -31.34 32.52
N GLY A 60 -14.32 -30.74 33.69
CA GLY A 60 -13.48 -30.90 34.87
C GLY A 60 -11.97 -30.92 34.61
N GLY A 61 -11.36 -32.08 34.81
CA GLY A 61 -9.92 -32.25 34.61
C GLY A 61 -9.53 -32.82 33.26
N ASP A 62 -10.42 -32.67 32.27
CA ASP A 62 -10.14 -33.09 30.90
C ASP A 62 -9.25 -32.08 30.20
N TYR A 63 -9.43 -30.83 30.60
CA TYR A 63 -8.59 -29.74 30.16
C TYR A 63 -7.12 -30.14 30.12
N GLY A 64 -6.65 -30.78 31.19
CA GLY A 64 -5.28 -31.26 31.30
C GLY A 64 -5.12 -32.70 30.82
N ALA A 65 -5.29 -32.89 29.52
CA ALA A 65 -5.04 -34.16 28.90
C ALA A 65 -3.77 -34.02 28.07
N VAL A 66 -2.70 -34.65 28.55
CA VAL A 66 -1.44 -34.63 27.85
C VAL A 66 -1.39 -35.86 26.94
N GLU A 67 -1.24 -35.66 25.63
CA GLU A 67 -1.20 -36.82 24.72
C GLU A 67 0.18 -37.48 24.78
N TRP A 68 0.25 -38.78 24.48
CA TRP A 68 1.46 -39.53 24.75
C TRP A 68 1.89 -40.40 23.57
N GLN A 69 1.02 -41.29 23.10
CA GLN A 69 1.32 -42.05 21.89
C GLN A 69 0.08 -42.43 21.09
N ALA A 70 0.30 -42.91 19.88
CA ALA A 70 -0.77 -43.50 19.09
C ALA A 70 -1.28 -44.76 19.76
N GLY A 71 -2.58 -45.03 19.63
CA GLY A 71 -3.19 -46.25 20.12
C GLY A 71 -3.25 -47.31 19.03
N SER A 72 -4.17 -47.14 18.09
CA SER A 72 -4.21 -47.94 16.87
C SER A 72 -4.21 -46.97 15.71
N LEU A 73 -4.65 -47.42 14.53
CA LEU A 73 -4.77 -46.53 13.38
C LEU A 73 -5.59 -45.29 13.68
N ASN A 74 -6.62 -45.42 14.51
CA ASN A 74 -7.54 -44.32 14.66
C ASN A 74 -7.72 -43.82 16.08
N THR A 75 -6.80 -44.20 16.97
CA THR A 75 -6.87 -43.72 18.35
C THR A 75 -5.59 -43.07 18.88
N LEU A 76 -5.77 -42.30 19.94
CA LEU A 76 -4.68 -41.67 20.65
C LEU A 76 -4.81 -41.95 22.14
N VAL A 77 -3.68 -42.23 22.78
CA VAL A 77 -3.65 -42.49 24.21
C VAL A 77 -2.94 -41.36 24.95
N ASP A 78 -3.54 -40.89 26.05
CA ASP A 78 -2.88 -39.82 26.79
C ASP A 78 -2.01 -40.45 27.87
N THR A 79 -1.33 -39.61 28.63
CA THR A 79 -0.36 -40.05 29.62
C THR A 79 -0.98 -40.88 30.74
N GLN A 80 -2.31 -40.75 30.89
CA GLN A 80 -3.06 -41.51 31.88
C GLN A 80 -3.60 -42.81 31.31
N GLY A 81 -3.15 -43.17 30.12
CA GLY A 81 -3.63 -44.39 29.49
C GLY A 81 -5.04 -44.33 28.93
N GLN A 82 -5.68 -43.16 28.99
CA GLN A 82 -6.99 -42.96 28.38
C GLN A 82 -6.92 -42.95 26.86
N GLU A 83 -7.60 -43.90 26.22
CA GLU A 83 -7.64 -44.03 24.76
C GLU A 83 -8.80 -43.21 24.18
N PHE A 84 -8.50 -42.36 23.20
CA PHE A 84 -9.50 -41.57 22.47
C PHE A 84 -9.63 -42.02 21.02
N ILE A 85 -10.86 -42.15 20.52
CA ILE A 85 -11.07 -42.30 19.08
C ILE A 85 -10.93 -40.92 18.44
N ASP A 86 -10.14 -40.86 17.37
CA ASP A 86 -9.77 -39.57 16.83
C ASP A 86 -10.73 -39.13 15.72
N CYS A 87 -11.68 -38.26 16.06
CA CYS A 87 -12.54 -37.70 15.02
C CYS A 87 -12.13 -36.28 14.68
N LEU A 88 -10.88 -35.97 14.99
CA LEU A 88 -10.31 -34.64 14.74
C LEU A 88 -9.39 -34.74 13.55
N GLY A 89 -8.54 -35.76 13.56
CA GLY A 89 -7.69 -36.09 12.43
C GLY A 89 -6.59 -35.06 12.20
N GLY A 90 -6.28 -34.30 13.25
CA GLY A 90 -5.32 -33.21 13.13
C GLY A 90 -5.78 -32.19 12.11
N PHE A 91 -7.09 -32.05 11.99
CA PHE A 91 -7.74 -31.08 11.09
C PHE A 91 -7.49 -31.41 9.61
N GLY A 92 -7.20 -32.67 9.32
CA GLY A 92 -7.05 -33.10 7.93
C GLY A 92 -5.70 -33.74 7.63
N ILE A 93 -4.92 -33.97 8.68
CA ILE A 93 -3.59 -34.57 8.53
C ILE A 93 -3.59 -36.11 8.45
N PHE A 94 -4.31 -36.75 9.38
CA PHE A 94 -4.16 -38.20 9.60
C PHE A 94 -5.10 -39.02 8.75
N ASN A 95 -5.16 -38.71 7.47
CA ASN A 95 -6.03 -39.40 6.52
C ASN A 95 -5.80 -40.90 6.49
N VAL A 96 -4.57 -41.31 6.77
CA VAL A 96 -4.26 -42.73 6.71
C VAL A 96 -4.01 -43.26 8.13
N GLY A 97 -4.58 -42.60 9.12
CA GLY A 97 -4.43 -43.04 10.49
C GLY A 97 -3.12 -42.61 11.14
N HIS A 98 -3.01 -42.89 12.42
CA HIS A 98 -1.81 -42.63 13.17
C HIS A 98 -0.83 -43.77 12.96
N ARG A 99 0.45 -43.43 12.88
CA ARG A 99 1.55 -44.36 12.64
C ARG A 99 1.17 -45.45 11.65
N ASN A 100 0.73 -45.03 10.48
CA ASN A 100 0.44 -45.98 9.43
C ASN A 100 1.72 -46.71 9.09
N PRO A 101 1.73 -48.04 9.26
CA PRO A 101 2.92 -48.88 9.05
C PRO A 101 3.66 -48.65 7.72
N VAL A 102 2.94 -48.47 6.62
CA VAL A 102 3.60 -48.28 5.33
C VAL A 102 4.36 -46.94 5.27
N VAL A 103 3.83 -45.91 5.93
CA VAL A 103 4.49 -44.61 5.93
C VAL A 103 5.60 -44.55 6.97
N VAL A 104 5.32 -45.10 8.15
CA VAL A 104 6.32 -45.21 9.20
C VAL A 104 7.53 -45.96 8.68
N SER A 105 7.30 -47.07 8.00
CA SER A 105 8.40 -47.85 7.46
C SER A 105 9.23 -47.08 6.44
N ALA A 106 8.56 -46.39 5.52
CA ALA A 106 9.27 -45.69 4.46
C ALA A 106 10.13 -44.56 5.04
N VAL A 107 9.66 -43.99 6.14
CA VAL A 107 10.40 -42.94 6.84
C VAL A 107 11.63 -43.53 7.58
N GLN A 108 11.51 -44.73 8.12
CA GLN A 108 12.64 -45.37 8.81
C GLN A 108 13.72 -45.72 7.83
N ASN A 109 13.28 -46.27 6.71
CA ASN A 109 14.19 -46.66 5.67
C ASN A 109 14.93 -45.46 5.16
N GLN A 110 14.24 -44.32 5.05
CA GLN A 110 14.92 -43.14 4.53
C GLN A 110 15.78 -42.48 5.62
N LEU A 111 15.30 -42.50 6.86
CA LEU A 111 16.09 -42.02 7.99
C LEU A 111 17.43 -42.75 8.08
N ALA A 112 17.41 -44.06 7.83
CA ALA A 112 18.62 -44.89 7.81
C ALA A 112 19.65 -44.44 6.79
N LYS A 113 19.20 -43.82 5.71
CA LYS A 113 20.09 -43.36 4.64
C LYS A 113 20.46 -41.88 4.74
N GLN A 114 19.44 -41.02 4.69
CA GLN A 114 19.65 -39.57 4.71
C GLN A 114 18.34 -38.85 4.99
N PRO A 115 18.19 -38.26 6.20
CA PRO A 115 16.91 -37.59 6.52
C PRO A 115 16.76 -36.24 5.83
N LEU A 116 17.80 -35.38 5.89
CA LEU A 116 17.79 -34.14 5.14
C LEU A 116 18.90 -34.14 4.11
N HIS A 117 18.74 -33.33 3.07
CA HIS A 117 19.70 -33.32 1.98
C HIS A 117 20.55 -32.05 1.97
N SER A 118 21.62 -32.07 1.18
CA SER A 118 22.51 -30.93 1.03
C SER A 118 21.84 -29.71 0.39
N GLN A 119 20.85 -30.00 -0.46
CA GLN A 119 20.16 -29.03 -1.31
C GLN A 119 21.03 -28.58 -2.48
N GLU A 120 22.18 -29.24 -2.65
CA GLU A 120 23.05 -28.93 -3.78
C GLU A 120 23.08 -30.05 -4.82
N LEU A 121 23.23 -31.30 -4.37
CA LEU A 121 23.18 -32.43 -5.30
C LEU A 121 21.73 -32.72 -5.68
N LEU A 122 21.50 -33.30 -6.85
CA LEU A 122 20.15 -33.72 -7.20
C LEU A 122 19.72 -34.77 -6.20
N ASP A 123 18.53 -34.61 -5.61
CA ASP A 123 18.05 -35.57 -4.62
C ASP A 123 16.96 -36.46 -5.20
N PRO A 124 17.16 -37.77 -5.14
CA PRO A 124 16.27 -38.66 -5.91
C PRO A 124 14.79 -38.57 -5.52
N LEU A 125 14.47 -38.62 -4.23
CA LEU A 125 13.07 -38.70 -3.81
C LEU A 125 12.29 -37.44 -4.18
N ARG A 126 12.95 -36.29 -4.25
CA ARG A 126 12.28 -35.10 -4.78
C ARG A 126 11.85 -35.34 -6.22
N ALA A 127 12.75 -35.86 -7.05
CA ALA A 127 12.39 -36.11 -8.46
C ALA A 127 11.30 -37.18 -8.59
N MET A 128 11.39 -38.24 -7.78
CA MET A 128 10.38 -39.29 -7.77
C MET A 128 9.01 -38.78 -7.36
N LEU A 129 8.95 -37.96 -6.32
CA LEU A 129 7.67 -37.47 -5.81
C LEU A 129 7.03 -36.53 -6.82
N ALA A 130 7.86 -35.78 -7.54
CA ALA A 130 7.35 -34.83 -8.52
C ALA A 130 6.77 -35.61 -9.69
N LYS A 131 7.45 -36.70 -10.07
CA LYS A 131 6.94 -37.60 -11.09
C LYS A 131 5.60 -38.16 -10.70
N THR A 132 5.47 -38.51 -9.42
CA THR A 132 4.29 -39.19 -8.94
C THR A 132 3.09 -38.24 -8.85
N LEU A 133 3.36 -37.00 -8.45
CA LEU A 133 2.28 -36.01 -8.35
C LEU A 133 1.86 -35.53 -9.73
N ALA A 134 2.80 -35.48 -10.66
CA ALA A 134 2.45 -35.15 -12.04
C ALA A 134 1.40 -36.15 -12.52
N ALA A 135 1.68 -37.43 -12.30
CA ALA A 135 0.79 -38.50 -12.71
C ALA A 135 -0.43 -38.63 -11.82
N LEU A 136 -0.42 -38.03 -10.63
CA LEU A 136 -1.60 -38.13 -9.79
C LEU A 136 -2.56 -36.95 -10.03
N THR A 137 -2.04 -35.88 -10.64
CA THR A 137 -2.82 -34.63 -10.77
C THR A 137 -3.47 -34.45 -12.14
N PRO A 138 -4.65 -33.79 -12.15
CA PRO A 138 -5.42 -33.49 -13.36
C PRO A 138 -4.60 -32.80 -14.45
N GLY A 139 -4.88 -33.16 -15.70
CA GLY A 139 -4.46 -32.41 -16.87
C GLY A 139 -3.01 -31.98 -17.03
N LYS A 140 -2.81 -30.67 -17.10
CA LYS A 140 -1.51 -30.11 -17.44
C LYS A 140 -0.65 -29.84 -16.21
N LEU A 141 -1.17 -30.18 -15.04
CA LEU A 141 -0.39 -30.08 -13.80
C LEU A 141 0.81 -31.02 -13.86
N LYS A 142 2.00 -30.41 -13.93
CA LYS A 142 3.23 -31.08 -14.33
C LYS A 142 4.41 -30.87 -13.35
N TYR A 143 4.59 -29.64 -12.87
CA TYR A 143 5.72 -29.30 -12.01
C TYR A 143 5.36 -29.09 -10.53
N SER A 144 6.25 -29.50 -9.63
CA SER A 144 5.97 -29.37 -8.20
C SER A 144 7.04 -28.58 -7.42
N PHE A 145 6.58 -27.69 -6.56
CA PHE A 145 7.47 -27.04 -5.61
C PHE A 145 7.17 -27.58 -4.23
N PHE A 146 8.19 -28.05 -3.54
CA PHE A 146 7.97 -28.64 -2.23
C PHE A 146 8.35 -27.69 -1.11
N CYS A 147 7.54 -27.72 -0.07
CA CYS A 147 7.77 -26.86 1.08
C CYS A 147 7.32 -27.61 2.32
N ASN A 148 6.99 -26.90 3.39
CA ASN A 148 6.83 -27.57 4.67
C ASN A 148 5.48 -27.48 5.31
N SER A 149 4.56 -26.70 4.73
CA SER A 149 3.28 -26.48 5.38
C SER A 149 2.23 -25.99 4.40
N GLY A 150 0.96 -26.03 4.81
CA GLY A 150 -0.11 -25.49 4.01
C GLY A 150 0.12 -24.03 3.65
N THR A 151 0.54 -23.21 4.62
CA THR A 151 0.68 -21.79 4.34
C THR A 151 1.88 -21.57 3.41
N GLU A 152 2.89 -22.42 3.51
CA GLU A 152 3.99 -22.29 2.59
C GLU A 152 3.55 -22.63 1.17
N SER A 153 2.67 -23.61 1.00
CA SER A 153 2.29 -24.00 -0.36
C SER A 153 1.47 -22.87 -1.00
N VAL A 154 0.65 -22.19 -0.18
CA VAL A 154 -0.10 -21.04 -0.68
C VAL A 154 0.84 -19.88 -1.03
N GLU A 155 1.83 -19.59 -0.19
CA GLU A 155 2.85 -18.59 -0.53
C GLU A 155 3.48 -18.82 -1.91
N ALA A 156 3.96 -20.04 -2.14
CA ALA A 156 4.49 -20.42 -3.45
C ALA A 156 3.46 -20.16 -4.57
N ALA A 157 2.18 -20.38 -4.27
CA ALA A 157 1.14 -20.28 -5.28
C ALA A 157 0.90 -18.82 -5.65
N LEU A 158 0.87 -17.97 -4.62
CA LEU A 158 0.78 -16.53 -4.86
C LEU A 158 2.02 -16.06 -5.65
N LYS A 159 3.20 -16.54 -5.27
CA LYS A 159 4.44 -16.09 -5.90
C LYS A 159 4.54 -16.53 -7.37
N LEU A 160 4.00 -17.70 -7.68
CA LEU A 160 3.99 -18.17 -9.05
C LEU A 160 3.06 -17.30 -9.88
N ALA A 161 1.86 -17.06 -9.35
CA ALA A 161 0.88 -16.27 -10.06
C ALA A 161 1.47 -14.88 -10.31
N LYS A 162 2.11 -14.34 -9.27
CA LYS A 162 2.75 -13.02 -9.32
C LYS A 162 3.84 -12.97 -10.39
N ALA A 163 4.74 -13.93 -10.34
CA ALA A 163 5.84 -13.96 -11.28
C ALA A 163 5.29 -14.09 -12.69
N TYR A 164 4.19 -14.81 -12.85
CA TYR A 164 3.59 -15.00 -14.18
C TYR A 164 2.88 -13.74 -14.66
N GLN A 165 2.12 -13.11 -13.76
CA GLN A 165 1.18 -12.05 -14.14
C GLN A 165 1.74 -10.65 -14.06
N SER A 166 2.84 -10.52 -13.35
CA SER A 166 3.49 -9.23 -13.19
C SER A 166 3.92 -8.66 -14.55
N PRO A 167 4.73 -9.41 -15.33
CA PRO A 167 5.09 -8.85 -16.64
C PRO A 167 3.87 -8.71 -17.55
N ARG A 168 2.75 -9.33 -17.19
CA ARG A 168 1.56 -9.20 -18.02
C ARG A 168 0.69 -8.06 -17.52
N GLY A 169 1.17 -7.35 -16.50
CA GLY A 169 0.49 -6.17 -16.00
C GLY A 169 -0.66 -6.38 -15.03
N LYS A 170 -0.83 -7.60 -14.53
CA LYS A 170 -1.93 -7.88 -13.62
C LYS A 170 -1.41 -8.09 -12.21
N PHE A 171 -2.05 -7.46 -11.20
CA PHE A 171 -1.51 -7.47 -9.85
C PHE A 171 -2.49 -7.77 -8.71
N THR A 172 -3.80 -7.72 -9.01
CA THR A 172 -4.86 -7.97 -8.02
C THR A 172 -5.12 -9.47 -7.82
N PHE A 173 -5.42 -9.87 -6.59
CA PHE A 173 -5.83 -11.23 -6.25
C PHE A 173 -7.25 -11.26 -5.65
N ILE A 174 -8.10 -12.15 -6.14
CA ILE A 174 -9.45 -12.37 -5.64
C ILE A 174 -9.51 -13.63 -4.77
N ALA A 175 -10.01 -13.48 -3.54
CA ALA A 175 -10.28 -14.64 -2.68
C ALA A 175 -11.75 -14.63 -2.32
N THR A 176 -12.18 -15.53 -1.44
CA THR A 176 -13.58 -15.58 -1.04
C THR A 176 -13.71 -15.31 0.45
N SER A 177 -14.81 -14.71 0.87
CA SER A 177 -15.05 -14.64 2.30
C SER A 177 -15.26 -16.06 2.83
N GLY A 178 -14.88 -16.28 4.08
CA GLY A 178 -15.02 -17.58 4.72
C GLY A 178 -13.81 -18.44 4.40
N ALA A 179 -12.91 -17.91 3.58
CA ALA A 179 -11.75 -18.67 3.14
C ALA A 179 -10.64 -18.74 4.19
N PHE A 180 -9.90 -19.85 4.20
CA PHE A 180 -8.69 -19.92 4.99
C PHE A 180 -7.56 -20.53 4.17
N HIS A 181 -6.47 -19.78 4.03
CA HIS A 181 -5.38 -20.17 3.12
C HIS A 181 -4.02 -20.16 3.83
N GLY A 182 -4.06 -19.86 5.12
CA GLY A 182 -2.84 -19.89 5.90
C GLY A 182 -2.66 -18.59 6.66
N LYS A 183 -1.63 -18.55 7.50
CA LYS A 183 -1.45 -17.43 8.41
C LYS A 183 -0.11 -16.70 8.22
N SER A 184 0.75 -17.19 7.34
CA SER A 184 1.88 -16.37 6.97
C SER A 184 1.30 -15.17 6.22
N LEU A 185 2.03 -14.06 6.17
CA LEU A 185 1.42 -12.78 5.81
C LEU A 185 0.95 -12.70 4.36
N GLY A 186 1.58 -13.45 3.47
CA GLY A 186 1.09 -13.53 2.11
C GLY A 186 -0.22 -14.31 2.04
N ALA A 187 -0.22 -15.52 2.61
CA ALA A 187 -1.43 -16.32 2.71
C ALA A 187 -2.53 -15.56 3.48
N LEU A 188 -2.12 -14.86 4.54
CA LEU A 188 -3.05 -14.16 5.40
C LEU A 188 -3.81 -13.10 4.61
N SER A 189 -3.17 -12.57 3.57
CA SER A 189 -3.79 -11.59 2.68
C SER A 189 -4.99 -12.18 1.95
N ALA A 190 -4.93 -13.47 1.68
CA ALA A 190 -6.03 -14.17 0.98
C ALA A 190 -6.99 -14.83 1.98
N THR A 191 -6.48 -15.24 3.14
CA THR A 191 -7.32 -15.70 4.26
C THR A 191 -8.34 -14.62 4.62
N ALA A 192 -9.57 -14.98 5.02
CA ALA A 192 -10.69 -14.03 5.04
C ALA A 192 -11.23 -13.63 6.42
N LYS A 193 -10.80 -14.28 7.48
CA LYS A 193 -11.39 -14.05 8.80
C LYS A 193 -10.83 -12.78 9.43
N SER A 194 -11.72 -11.81 9.62
CA SER A 194 -11.34 -10.47 10.08
C SER A 194 -10.41 -10.51 11.29
N THR A 195 -10.77 -11.33 12.28
CA THR A 195 -10.04 -11.43 13.54
C THR A 195 -8.61 -11.97 13.35
N PHE A 196 -8.41 -12.76 12.30
CA PHE A 196 -7.08 -13.27 11.95
C PHE A 196 -6.28 -12.25 11.17
N ARG A 197 -6.96 -11.25 10.61
CA ARG A 197 -6.30 -10.34 9.67
C ARG A 197 -5.97 -8.99 10.28
N LYS A 198 -6.97 -8.38 10.90
CA LYS A 198 -6.87 -6.98 11.35
C LYS A 198 -5.57 -6.62 12.08
N PRO A 199 -5.18 -7.37 13.13
CA PRO A 199 -4.05 -6.85 13.91
C PRO A 199 -2.74 -6.80 13.11
N PHE A 200 -2.73 -7.38 11.92
CA PHE A 200 -1.51 -7.54 11.16
C PHE A 200 -1.49 -6.69 9.89
N MET A 201 -2.57 -5.94 9.68
CA MET A 201 -2.65 -5.00 8.55
C MET A 201 -1.68 -3.84 8.76
N PRO A 202 -1.13 -3.27 7.67
CA PRO A 202 -1.44 -3.58 6.25
C PRO A 202 -0.88 -4.92 5.78
N LEU A 203 -1.71 -5.67 5.07
CA LEU A 203 -1.28 -6.90 4.44
C LEU A 203 -0.86 -6.60 2.99
N LEU A 204 -0.75 -7.60 2.13
CA LEU A 204 -0.44 -7.34 0.74
C LEU A 204 -1.56 -6.49 0.10
N PRO A 205 -1.18 -5.41 -0.61
CA PRO A 205 -2.20 -4.59 -1.29
C PRO A 205 -2.91 -5.38 -2.39
N GLY A 206 -4.09 -4.92 -2.81
CA GLY A 206 -4.76 -5.52 -3.94
C GLY A 206 -5.33 -6.92 -3.77
N PHE A 207 -5.67 -7.29 -2.53
CA PHE A 207 -6.49 -8.47 -2.29
C PHE A 207 -7.91 -8.08 -1.99
N ARG A 208 -8.83 -8.74 -2.66
CA ARG A 208 -10.24 -8.43 -2.60
C ARG A 208 -11.03 -9.73 -2.45
N HIS A 209 -12.21 -9.63 -1.87
CA HIS A 209 -12.98 -10.83 -1.55
C HIS A 209 -14.40 -10.81 -2.11
N VAL A 210 -14.82 -11.95 -2.67
CA VAL A 210 -16.18 -12.13 -3.15
C VAL A 210 -16.84 -13.23 -2.34
N PRO A 211 -18.18 -13.25 -2.27
CA PRO A 211 -18.80 -14.35 -1.54
C PRO A 211 -18.49 -15.70 -2.19
N PHE A 212 -18.21 -16.71 -1.36
CA PHE A 212 -17.93 -18.06 -1.86
C PHE A 212 -19.18 -18.68 -2.49
N GLY A 213 -19.01 -19.32 -3.64
CA GLY A 213 -20.11 -20.05 -4.24
C GLY A 213 -21.02 -19.22 -5.13
N ASN A 214 -20.68 -17.94 -5.29
CA ASN A 214 -21.52 -16.97 -6.04
C ASN A 214 -20.76 -16.46 -7.25
N ILE A 215 -20.98 -17.09 -8.40
CA ILE A 215 -20.17 -16.83 -9.60
C ILE A 215 -20.45 -15.45 -10.20
N GLU A 216 -21.69 -14.98 -10.09
CA GLU A 216 -22.02 -13.65 -10.59
C GLU A 216 -21.28 -12.56 -9.78
N ALA A 217 -21.13 -12.79 -8.48
CA ALA A 217 -20.40 -11.83 -7.65
C ALA A 217 -18.93 -11.79 -8.04
N MET A 218 -18.36 -12.94 -8.34
CA MET A 218 -16.98 -13.03 -8.78
C MET A 218 -16.77 -12.34 -10.13
N ARG A 219 -17.68 -12.55 -11.07
CA ARG A 219 -17.59 -11.88 -12.37
C ARG A 219 -17.58 -10.36 -12.22
N THR A 220 -18.49 -9.83 -11.41
CA THR A 220 -18.55 -8.38 -11.18
C THR A 220 -17.20 -7.86 -10.66
N ALA A 221 -16.62 -8.52 -9.66
CA ALA A 221 -15.31 -8.11 -9.15
C ALA A 221 -14.23 -8.11 -10.25
N LEU A 222 -14.18 -9.16 -11.06
CA LEU A 222 -13.15 -9.21 -12.09
C LEU A 222 -13.43 -8.10 -13.10
N ASN A 223 -14.68 -8.00 -13.51
CA ASN A 223 -15.06 -6.97 -14.45
C ASN A 223 -14.72 -5.55 -13.96
N GLU A 224 -15.06 -5.25 -12.72
CA GLU A 224 -14.80 -3.92 -12.21
C GLU A 224 -13.30 -3.66 -12.08
N CYS A 225 -12.53 -4.62 -11.55
CA CYS A 225 -11.08 -4.45 -11.48
C CYS A 225 -10.48 -4.13 -12.86
N LYS A 226 -11.00 -4.80 -13.88
CA LYS A 226 -10.59 -4.57 -15.27
C LYS A 226 -10.91 -3.15 -15.75
N LYS A 227 -12.14 -2.70 -15.53
CA LYS A 227 -12.54 -1.37 -15.98
C LYS A 227 -11.58 -0.31 -15.48
N THR A 228 -11.10 -0.47 -14.25
CA THR A 228 -10.30 0.58 -13.63
C THR A 228 -8.80 0.38 -13.81
N GLY A 229 -8.40 -0.72 -14.46
CA GLY A 229 -6.98 -0.98 -14.67
C GLY A 229 -6.29 -1.63 -13.48
N ASP A 230 -7.07 -2.27 -12.61
CA ASP A 230 -6.52 -3.10 -11.54
C ASP A 230 -6.80 -4.58 -11.81
N ASP A 231 -6.54 -5.01 -13.05
CA ASP A 231 -6.85 -6.37 -13.51
C ASP A 231 -6.42 -7.46 -12.53
N VAL A 232 -7.29 -8.46 -12.36
CA VAL A 232 -7.03 -9.60 -11.49
C VAL A 232 -5.94 -10.50 -12.05
N ALA A 233 -4.88 -10.74 -11.29
CA ALA A 233 -3.84 -11.69 -11.65
C ALA A 233 -4.33 -13.13 -11.43
N ALA A 234 -5.04 -13.35 -10.33
CA ALA A 234 -5.46 -14.71 -9.98
C ALA A 234 -6.63 -14.71 -9.04
N VAL A 235 -7.29 -15.87 -8.98
CA VAL A 235 -8.39 -16.16 -8.08
C VAL A 235 -7.97 -17.34 -7.23
N ILE A 236 -8.10 -17.25 -5.92
CA ILE A 236 -7.69 -18.40 -5.12
C ILE A 236 -8.89 -18.85 -4.31
N LEU A 237 -9.09 -20.16 -4.18
CA LEU A 237 -10.20 -20.66 -3.36
C LEU A 237 -10.05 -22.13 -3.02
N GLU A 238 -10.73 -22.54 -1.95
CA GLU A 238 -10.82 -23.94 -1.60
C GLU A 238 -12.02 -24.53 -2.34
N PRO A 239 -11.95 -25.80 -2.75
CA PRO A 239 -13.10 -26.41 -3.43
C PRO A 239 -14.29 -26.46 -2.51
N ILE A 240 -14.00 -26.72 -1.24
CA ILE A 240 -14.94 -26.72 -0.13
C ILE A 240 -14.27 -25.97 1.02
N GLN A 241 -14.98 -25.02 1.62
CA GLN A 241 -14.35 -24.18 2.63
C GLN A 241 -14.30 -24.94 3.93
N GLY A 242 -13.10 -25.15 4.46
CA GLY A 242 -12.92 -25.98 5.64
C GLY A 242 -13.05 -25.28 6.98
N GLU A 243 -12.12 -24.36 7.26
CA GLU A 243 -12.16 -23.58 8.49
C GLU A 243 -13.40 -22.70 8.51
N GLY A 244 -13.95 -22.46 7.33
CA GLY A 244 -15.22 -21.75 7.21
C GLY A 244 -16.40 -22.56 7.74
N GLY A 245 -16.25 -23.86 7.89
CA GLY A 245 -17.32 -24.69 8.44
C GLY A 245 -17.91 -25.73 7.52
N VAL A 246 -17.09 -26.26 6.62
CA VAL A 246 -17.56 -27.22 5.63
C VAL A 246 -18.71 -26.56 4.88
N ILE A 247 -18.33 -25.59 4.05
CA ILE A 247 -19.24 -24.88 3.19
C ILE A 247 -19.06 -25.45 1.78
N LEU A 248 -20.12 -26.03 1.23
CA LEU A 248 -20.06 -26.64 -0.09
C LEU A 248 -20.55 -25.69 -1.17
N PRO A 249 -19.80 -25.56 -2.27
CA PRO A 249 -20.27 -24.68 -3.34
C PRO A 249 -21.41 -25.38 -4.08
N PRO A 250 -22.18 -24.64 -4.90
CA PRO A 250 -23.22 -25.29 -5.69
C PRO A 250 -22.55 -26.14 -6.73
N PRO A 251 -23.19 -27.23 -7.18
CA PRO A 251 -22.62 -27.98 -8.30
C PRO A 251 -22.35 -27.09 -9.51
N GLY A 252 -21.17 -27.23 -10.12
CA GLY A 252 -20.81 -26.47 -11.31
C GLY A 252 -20.10 -25.14 -11.02
N TYR A 253 -20.05 -24.74 -9.76
CA TYR A 253 -19.43 -23.48 -9.38
C TYR A 253 -17.93 -23.49 -9.67
N LEU A 254 -17.27 -24.56 -9.26
CA LEU A 254 -15.83 -24.68 -9.53
C LEU A 254 -15.53 -24.64 -11.03
N THR A 255 -16.36 -25.32 -11.82
CA THR A 255 -16.22 -25.28 -13.28
C THR A 255 -16.43 -23.87 -13.79
N ALA A 256 -17.39 -23.16 -13.19
CA ALA A 256 -17.71 -21.80 -13.61
C ALA A 256 -16.57 -20.83 -13.26
N VAL A 257 -15.96 -21.04 -12.10
CA VAL A 257 -14.75 -20.29 -11.74
C VAL A 257 -13.61 -20.55 -12.74
N ARG A 258 -13.41 -21.82 -13.13
CA ARG A 258 -12.41 -22.16 -14.16
C ARG A 258 -12.67 -21.40 -15.47
N LYS A 259 -13.93 -21.42 -15.92
CA LYS A 259 -14.27 -20.74 -17.16
C LYS A 259 -14.17 -19.22 -17.04
N LEU A 260 -14.56 -18.70 -15.89
CA LEU A 260 -14.47 -17.26 -15.67
C LEU A 260 -13.00 -16.83 -15.72
N CYS A 261 -12.15 -17.57 -15.00
CA CYS A 261 -10.71 -17.31 -15.01
C CYS A 261 -10.15 -17.37 -16.44
N ASP A 262 -10.51 -18.43 -17.17
CA ASP A 262 -10.14 -18.56 -18.59
C ASP A 262 -10.54 -17.33 -19.39
N GLU A 263 -11.69 -16.76 -19.07
CA GLU A 263 -12.27 -15.65 -19.81
C GLU A 263 -11.56 -14.32 -19.52
N PHE A 264 -11.13 -14.13 -18.28
CA PHE A 264 -10.45 -12.88 -17.92
C PHE A 264 -8.94 -12.95 -17.99
N GLY A 265 -8.42 -14.14 -18.26
CA GLY A 265 -6.98 -14.34 -18.30
C GLY A 265 -6.39 -14.23 -16.92
N ALA A 266 -7.17 -14.61 -15.91
CA ALA A 266 -6.67 -14.71 -14.54
C ALA A 266 -6.30 -16.15 -14.24
N LEU A 267 -5.33 -16.38 -13.36
CA LEU A 267 -4.99 -17.77 -13.02
C LEU A 267 -5.91 -18.32 -11.92
N MET A 268 -6.20 -19.63 -12.00
CA MET A 268 -6.97 -20.28 -10.97
C MET A 268 -6.07 -21.05 -10.01
N ILE A 269 -6.14 -20.64 -8.73
CA ILE A 269 -5.42 -21.33 -7.67
C ILE A 269 -6.42 -22.09 -6.85
N LEU A 270 -6.26 -23.41 -6.82
CA LEU A 270 -7.12 -24.23 -5.98
C LEU A 270 -6.32 -24.67 -4.75
N ASP A 271 -6.89 -24.39 -3.59
CA ASP A 271 -6.26 -24.66 -2.30
C ASP A 271 -6.90 -25.94 -1.73
N GLU A 272 -6.20 -27.07 -1.88
CA GLU A 272 -6.72 -28.34 -1.42
C GLU A 272 -5.90 -28.85 -0.25
N VAL A 273 -5.24 -27.92 0.44
CA VAL A 273 -4.52 -28.23 1.67
C VAL A 273 -5.36 -29.10 2.60
N GLN A 274 -6.65 -28.78 2.72
CA GLN A 274 -7.52 -29.58 3.58
C GLN A 274 -8.33 -30.66 2.84
N THR A 275 -8.82 -30.36 1.63
CA THR A 275 -9.66 -31.29 0.89
C THR A 275 -8.89 -32.40 0.18
N GLY A 276 -7.57 -32.23 0.05
CA GLY A 276 -6.76 -33.12 -0.75
C GLY A 276 -6.47 -34.46 -0.10
N MET A 277 -5.74 -35.30 -0.83
CA MET A 277 -5.31 -36.61 -0.38
C MET A 277 -6.50 -37.45 0.11
N GLY A 278 -7.58 -37.40 -0.67
CA GLY A 278 -8.66 -38.35 -0.51
C GLY A 278 -9.81 -37.96 0.39
N ARG A 279 -9.71 -36.85 1.11
CA ARG A 279 -10.64 -36.64 2.22
C ARG A 279 -12.11 -36.57 1.79
N THR A 280 -12.39 -36.07 0.60
CA THR A 280 -13.78 -35.78 0.23
C THR A 280 -14.43 -36.86 -0.61
N GLY A 281 -13.69 -37.93 -0.91
CA GLY A 281 -14.25 -39.04 -1.68
C GLY A 281 -13.52 -39.29 -2.98
N LYS A 282 -12.74 -38.30 -3.41
CA LYS A 282 -11.81 -38.43 -4.55
C LYS A 282 -10.43 -38.10 -4.00
N MET A 283 -9.38 -38.32 -4.78
CA MET A 283 -8.04 -37.95 -4.36
C MET A 283 -7.97 -36.44 -4.11
N PHE A 284 -8.49 -35.67 -5.06
CA PHE A 284 -8.62 -34.21 -4.94
C PHE A 284 -10.07 -33.79 -5.18
N ALA A 285 -10.54 -32.87 -4.35
CA ALA A 285 -11.90 -32.38 -4.43
C ALA A 285 -12.22 -31.83 -5.81
N CYS A 286 -11.20 -31.33 -6.53
CA CYS A 286 -11.47 -30.81 -7.87
C CYS A 286 -11.81 -31.91 -8.88
N GLU A 287 -11.69 -33.17 -8.46
CA GLU A 287 -11.98 -34.29 -9.33
C GLU A 287 -13.48 -34.58 -9.46
N HIS A 288 -14.27 -34.15 -8.48
CA HIS A 288 -15.72 -34.30 -8.55
C HIS A 288 -16.31 -33.65 -9.80
N GLU A 289 -15.74 -32.54 -10.21
CA GLU A 289 -16.27 -31.83 -11.38
C GLU A 289 -15.25 -31.80 -12.51
N ASN A 290 -14.17 -32.56 -12.33
CA ASN A 290 -13.07 -32.56 -13.30
C ASN A 290 -12.55 -31.19 -13.67
N VAL A 291 -12.13 -30.44 -12.67
CA VAL A 291 -11.65 -29.09 -12.92
C VAL A 291 -10.15 -29.03 -12.76
N GLN A 292 -9.46 -28.49 -13.76
CA GLN A 292 -8.03 -28.33 -13.60
C GLN A 292 -7.66 -26.88 -13.27
N PRO A 293 -7.15 -26.66 -12.04
CA PRO A 293 -6.54 -25.38 -11.70
C PRO A 293 -5.25 -25.15 -12.48
N ASP A 294 -4.77 -23.92 -12.53
CA ASP A 294 -3.44 -23.65 -13.06
C ASP A 294 -2.44 -24.00 -12.00
N ILE A 295 -2.85 -23.79 -10.76
CA ILE A 295 -2.01 -24.07 -9.62
C ILE A 295 -2.85 -24.76 -8.55
N LEU A 296 -2.28 -25.82 -7.97
CA LEU A 296 -2.92 -26.63 -6.97
C LEU A 296 -2.04 -26.70 -5.71
N CYS A 297 -2.64 -26.44 -4.55
CA CYS A 297 -1.91 -26.48 -3.29
C CYS A 297 -2.26 -27.70 -2.46
N LEU A 298 -1.23 -28.35 -1.92
CA LEU A 298 -1.40 -29.51 -1.05
C LEU A 298 -0.51 -29.43 0.22
N ALA A 299 -0.95 -30.10 1.28
CA ALA A 299 -0.17 -30.27 2.49
C ALA A 299 -0.90 -31.24 3.40
N LYS A 300 -0.85 -30.96 4.70
CA LYS A 300 -1.50 -31.79 5.72
C LYS A 300 -1.33 -33.28 5.44
N ALA A 301 -2.42 -33.91 5.02
CA ALA A 301 -2.45 -35.34 4.75
C ALA A 301 -1.36 -35.83 3.80
N LEU A 302 -0.78 -34.92 3.00
CA LEU A 302 0.26 -35.33 2.05
C LEU A 302 1.48 -35.96 2.77
N GLY A 303 1.65 -35.66 4.05
CA GLY A 303 2.72 -36.22 4.84
C GLY A 303 2.37 -37.48 5.62
N GLY A 304 1.24 -38.08 5.26
CA GLY A 304 0.83 -39.35 5.84
C GLY A 304 0.62 -39.38 7.32
N GLY A 305 0.64 -38.21 7.95
CA GLY A 305 0.51 -38.13 9.38
C GLY A 305 1.83 -38.39 10.06
N VAL A 306 2.93 -38.34 9.33
CA VAL A 306 4.20 -38.55 9.98
C VAL A 306 5.18 -37.40 9.74
N MET A 307 5.15 -36.80 8.55
CA MET A 307 6.04 -35.69 8.24
C MET A 307 5.27 -34.44 7.87
N PRO A 308 5.86 -33.28 8.17
CA PRO A 308 5.36 -32.02 7.63
C PRO A 308 5.77 -31.88 6.16
N ILE A 309 4.82 -31.51 5.31
CA ILE A 309 5.13 -31.28 3.90
C ILE A 309 4.02 -30.45 3.26
N GLY A 310 4.41 -29.67 2.24
CA GLY A 310 3.44 -29.05 1.36
C GLY A 310 3.92 -29.15 -0.07
N ALA A 311 2.98 -29.19 -1.03
CA ALA A 311 3.32 -29.12 -2.46
C ALA A 311 2.52 -28.05 -3.17
N THR A 312 3.15 -27.44 -4.15
CA THR A 312 2.51 -26.48 -5.02
C THR A 312 2.75 -26.96 -6.43
N ILE A 313 1.67 -27.32 -7.13
CA ILE A 313 1.78 -27.98 -8.42
C ILE A 313 1.12 -27.10 -9.46
N ALA A 314 1.81 -26.95 -10.59
CA ALA A 314 1.40 -26.00 -11.59
C ALA A 314 1.66 -26.58 -12.98
N THR A 315 1.04 -25.95 -13.97
CA THR A 315 1.27 -26.23 -15.37
C THR A 315 2.68 -25.79 -15.73
N GLU A 316 3.24 -26.33 -16.82
CA GLU A 316 4.54 -25.87 -17.26
C GLU A 316 4.44 -24.40 -17.61
N GLU A 317 3.30 -24.01 -18.19
CA GLU A 317 3.01 -22.62 -18.50
C GLU A 317 3.36 -21.70 -17.32
N VAL A 318 2.68 -21.90 -16.20
CA VAL A 318 2.92 -21.10 -14.99
C VAL A 318 4.29 -21.35 -14.36
N PHE A 319 4.57 -22.60 -14.02
CA PHE A 319 5.79 -22.93 -13.26
C PHE A 319 7.07 -22.49 -13.96
N SER A 320 7.02 -22.31 -15.28
CA SER A 320 8.22 -21.96 -16.06
C SER A 320 8.84 -20.61 -15.66
N VAL A 321 8.08 -19.79 -14.95
CA VAL A 321 8.63 -18.52 -14.45
C VAL A 321 9.84 -18.75 -13.56
N LEU A 322 9.98 -19.98 -13.03
CA LEU A 322 11.07 -20.31 -12.12
C LEU A 322 12.29 -20.92 -12.79
N PHE A 323 12.19 -21.17 -14.10
CA PHE A 323 13.20 -21.95 -14.81
C PHE A 323 14.49 -21.17 -15.00
N ASP A 324 14.37 -19.93 -15.43
CA ASP A 324 15.53 -19.13 -15.79
C ASP A 324 16.38 -18.84 -14.55
N ASN A 325 15.72 -18.69 -13.42
CA ASN A 325 16.42 -18.43 -12.18
C ASN A 325 15.82 -19.34 -11.16
N PRO A 326 16.41 -20.53 -11.01
CA PRO A 326 15.86 -21.59 -10.16
C PRO A 326 15.98 -21.25 -8.67
N PHE A 327 16.60 -20.12 -8.37
CA PHE A 327 16.71 -19.68 -6.98
C PHE A 327 15.74 -18.56 -6.66
N LEU A 328 14.92 -18.20 -7.65
CA LEU A 328 13.92 -17.16 -7.46
C LEU A 328 12.95 -17.52 -6.34
N HIS A 329 12.56 -18.78 -6.27
CA HIS A 329 11.80 -19.21 -5.10
C HIS A 329 12.31 -20.54 -4.57
N THR A 330 12.67 -20.54 -3.29
CA THR A 330 13.19 -21.70 -2.59
C THR A 330 12.71 -21.70 -1.15
N THR A 331 12.88 -22.83 -0.46
CA THR A 331 12.78 -22.91 1.00
C THR A 331 13.81 -23.98 1.41
N THR A 332 14.27 -23.94 2.65
CA THR A 332 15.44 -24.73 3.01
C THR A 332 15.20 -26.24 3.18
N PHE A 333 14.12 -26.61 3.87
CA PHE A 333 13.89 -28.03 4.14
C PHE A 333 12.98 -28.65 3.08
N GLY A 334 12.46 -27.80 2.20
CA GLY A 334 11.45 -28.22 1.26
C GLY A 334 11.85 -29.39 0.39
N GLY A 335 11.04 -30.44 0.43
CA GLY A 335 11.29 -31.63 -0.38
C GLY A 335 12.46 -32.47 0.09
N ASN A 336 12.81 -32.37 1.36
CA ASN A 336 13.79 -33.29 1.95
C ASN A 336 13.37 -34.78 1.84
N PRO A 337 14.36 -35.68 1.88
CA PRO A 337 14.09 -37.12 1.74
C PRO A 337 13.02 -37.68 2.67
N LEU A 338 13.02 -37.31 3.94
CA LEU A 338 12.01 -37.85 4.85
C LEU A 338 10.60 -37.45 4.42
N ALA A 339 10.42 -36.18 4.09
CA ALA A 339 9.12 -35.66 3.72
C ALA A 339 8.62 -36.38 2.49
N CYS A 340 9.52 -36.52 1.49
CA CYS A 340 9.17 -37.17 0.24
C CYS A 340 8.82 -38.62 0.48
N ALA A 341 9.60 -39.28 1.32
CA ALA A 341 9.38 -40.69 1.62
C ALA A 341 7.98 -40.89 2.17
N ALA A 342 7.61 -40.07 3.14
CA ALA A 342 6.28 -40.11 3.72
C ALA A 342 5.22 -39.92 2.64
N ALA A 343 5.40 -38.91 1.79
CA ALA A 343 4.39 -38.58 0.78
C ALA A 343 4.20 -39.74 -0.20
N LEU A 344 5.31 -40.31 -0.64
CA LEU A 344 5.27 -41.43 -1.58
C LEU A 344 4.54 -42.61 -0.95
N ALA A 345 4.76 -42.85 0.34
CA ALA A 345 4.11 -43.97 1.00
C ALA A 345 2.62 -43.68 1.14
N THR A 346 2.29 -42.41 1.38
CA THR A 346 0.90 -42.01 1.57
C THR A 346 0.10 -42.17 0.30
N ILE A 347 0.69 -41.76 -0.82
CA ILE A 347 0.03 -41.87 -2.11
C ILE A 347 -0.21 -43.36 -2.43
N ASN A 348 0.74 -44.19 -2.05
CA ASN A 348 0.64 -45.62 -2.29
C ASN A 348 -0.49 -46.22 -1.46
N VAL A 349 -0.55 -45.88 -0.18
CA VAL A 349 -1.57 -46.41 0.72
C VAL A 349 -2.97 -46.01 0.26
N LEU A 350 -3.12 -44.75 -0.15
CA LEU A 350 -4.41 -44.24 -0.61
C LEU A 350 -4.90 -44.98 -1.83
N LEU A 351 -4.02 -45.15 -2.82
CA LEU A 351 -4.39 -45.78 -4.08
C LEU A 351 -4.58 -47.29 -3.91
N GLU A 352 -3.61 -47.94 -3.28
CA GLU A 352 -3.68 -49.37 -2.99
C GLU A 352 -4.92 -49.77 -2.17
N GLN A 353 -5.21 -49.03 -1.11
CA GLN A 353 -6.29 -49.46 -0.21
C GLN A 353 -7.61 -48.80 -0.53
N ASN A 354 -7.66 -48.12 -1.67
CA ASN A 354 -8.86 -47.39 -2.10
C ASN A 354 -9.49 -46.53 -1.01
N LEU A 355 -8.65 -45.76 -0.33
CA LEU A 355 -9.16 -45.00 0.79
C LEU A 355 -10.09 -43.84 0.37
N PRO A 356 -9.89 -43.27 -0.84
CA PRO A 356 -10.90 -42.24 -1.13
C PRO A 356 -12.31 -42.81 -1.28
N ALA A 357 -12.44 -43.97 -1.94
CA ALA A 357 -13.74 -44.65 -2.01
C ALA A 357 -14.30 -44.93 -0.62
N GLN A 358 -13.43 -45.37 0.30
CA GLN A 358 -13.84 -45.59 1.69
C GLN A 358 -14.32 -44.29 2.31
N ALA A 359 -13.68 -43.19 1.92
CA ALA A 359 -13.97 -41.89 2.52
C ALA A 359 -15.41 -41.52 2.17
N GLU A 360 -15.78 -41.75 0.91
CA GLU A 360 -17.15 -41.59 0.46
C GLU A 360 -18.16 -42.43 1.26
N GLN A 361 -17.90 -43.72 1.39
CA GLN A 361 -18.81 -44.62 2.11
C GLN A 361 -18.96 -44.24 3.58
N LYS A 362 -17.84 -44.16 4.27
CA LYS A 362 -17.87 -43.89 5.70
C LYS A 362 -18.50 -42.52 5.93
N GLY A 363 -18.15 -41.57 5.08
CA GLY A 363 -18.66 -40.21 5.19
C GLY A 363 -20.18 -40.16 5.12
N ASP A 364 -20.72 -40.81 4.09
CA ASP A 364 -22.17 -41.01 3.95
C ASP A 364 -22.80 -41.66 5.17
N MET A 365 -22.21 -42.75 5.63
CA MET A 365 -22.71 -43.40 6.83
C MET A 365 -22.76 -42.40 7.99
N LEU A 366 -21.68 -41.67 8.20
CA LEU A 366 -21.57 -40.76 9.33
C LEU A 366 -22.51 -39.54 9.22
N LEU A 367 -22.55 -38.93 8.04
CA LEU A 367 -23.44 -37.79 7.81
C LEU A 367 -24.92 -38.19 8.02
N ASP A 368 -25.33 -39.31 7.43
CA ASP A 368 -26.64 -39.90 7.75
C ASP A 368 -26.90 -39.90 9.26
N GLY A 369 -25.97 -40.49 10.00
CA GLY A 369 -26.03 -40.51 11.45
C GLY A 369 -26.25 -39.14 12.06
N PHE A 370 -25.43 -38.17 11.65
CA PHE A 370 -25.52 -36.83 12.24
C PHE A 370 -26.81 -36.13 11.79
N ARG A 371 -27.22 -36.38 10.55
CA ARG A 371 -28.45 -35.78 10.07
C ARG A 371 -29.65 -36.28 10.86
N GLN A 372 -29.61 -37.56 11.22
CA GLN A 372 -30.66 -38.11 12.08
C GLN A 372 -30.62 -37.44 13.44
N LEU A 373 -29.43 -37.31 14.02
CA LEU A 373 -29.30 -36.67 15.31
C LEU A 373 -29.78 -35.23 15.26
N ALA A 374 -29.55 -34.58 14.13
CA ALA A 374 -29.99 -33.21 13.91
C ALA A 374 -31.51 -33.10 14.08
N ARG A 375 -32.24 -33.99 13.41
CA ARG A 375 -33.71 -34.07 13.56
C ARG A 375 -34.19 -34.31 14.96
N GLU A 376 -33.55 -35.25 15.65
CA GLU A 376 -33.95 -35.56 17.00
C GLU A 376 -33.62 -34.42 17.96
N TYR A 377 -32.72 -33.53 17.56
CA TYR A 377 -32.30 -32.45 18.47
C TYR A 377 -32.24 -31.04 17.87
N PRO A 378 -33.36 -30.56 17.27
CA PRO A 378 -33.35 -29.18 16.75
C PRO A 378 -33.18 -28.24 17.92
N ASP A 379 -33.57 -28.79 19.05
CA ASP A 379 -33.07 -28.49 20.36
C ASP A 379 -31.69 -27.82 20.38
N LEU A 380 -30.69 -28.56 19.88
CA LEU A 380 -29.29 -28.22 20.06
C LEU A 380 -28.55 -28.05 18.73
N VAL A 381 -29.10 -28.64 17.67
CA VAL A 381 -28.38 -28.76 16.40
C VAL A 381 -29.07 -28.01 15.28
N GLN A 382 -28.34 -27.08 14.66
CA GLN A 382 -28.82 -26.36 13.50
C GLN A 382 -28.87 -27.31 12.30
N GLU A 383 -27.71 -27.67 11.79
CA GLU A 383 -27.66 -28.73 10.80
C GLU A 383 -26.31 -29.41 10.76
N ALA A 384 -26.29 -30.59 10.15
CA ALA A 384 -25.06 -31.31 9.87
C ALA A 384 -24.91 -31.29 8.37
N ARG A 385 -23.67 -31.15 7.92
CA ARG A 385 -23.37 -31.20 6.49
C ARG A 385 -21.99 -31.80 6.32
N GLY A 386 -21.66 -32.16 5.10
CA GLY A 386 -20.35 -32.72 4.84
C GLY A 386 -20.25 -33.25 3.42
N LYS A 387 -19.07 -33.79 3.12
CA LYS A 387 -18.76 -34.41 1.86
C LYS A 387 -17.58 -35.36 2.09
N GLY A 388 -17.79 -36.66 1.91
CA GLY A 388 -16.75 -37.62 2.25
C GLY A 388 -16.48 -37.50 3.73
N MET A 389 -15.21 -37.60 4.12
CA MET A 389 -14.86 -37.52 5.54
C MET A 389 -14.51 -36.08 5.97
N LEU A 390 -14.96 -35.10 5.20
CA LEU A 390 -14.95 -33.71 5.66
C LEU A 390 -16.36 -33.32 6.08
N MET A 391 -16.59 -33.22 7.39
CA MET A 391 -17.95 -33.02 7.91
C MET A 391 -17.99 -31.97 9.00
N ALA A 392 -19.20 -31.50 9.29
CA ALA A 392 -19.36 -30.51 10.33
C ALA A 392 -20.76 -30.56 10.94
N ILE A 393 -20.83 -30.47 12.25
CA ILE A 393 -22.11 -30.29 12.90
C ILE A 393 -22.16 -28.86 13.40
N GLU A 394 -23.17 -28.12 12.95
CA GLU A 394 -23.39 -26.77 13.43
C GLU A 394 -24.47 -26.75 14.49
N PHE A 395 -24.21 -26.10 15.61
CA PHE A 395 -25.12 -26.11 16.76
C PHE A 395 -25.83 -24.76 16.90
N VAL A 396 -26.79 -24.68 17.82
CA VAL A 396 -27.53 -23.43 18.02
C VAL A 396 -26.68 -22.32 18.63
N ASP A 397 -26.13 -22.59 19.81
CA ASP A 397 -25.29 -21.64 20.54
C ASP A 397 -23.85 -21.99 20.26
N ASN A 398 -22.96 -21.03 20.38
CA ASN A 398 -21.55 -21.37 20.43
C ASN A 398 -21.23 -22.12 21.73
N GLU A 399 -22.02 -21.90 22.79
CA GLU A 399 -21.80 -22.64 24.05
C GLU A 399 -22.34 -24.06 23.95
N ILE A 400 -23.55 -24.24 23.45
CA ILE A 400 -24.12 -25.59 23.23
C ILE A 400 -23.07 -26.45 22.58
N GLY A 401 -22.42 -25.83 21.63
CA GLY A 401 -21.37 -26.51 20.97
C GLY A 401 -20.08 -26.82 21.72
N TYR A 402 -19.51 -25.83 22.42
CA TYR A 402 -18.44 -26.08 23.38
C TYR A 402 -18.83 -27.31 24.24
N ASN A 403 -20.07 -27.34 24.73
CA ASN A 403 -20.59 -28.50 25.48
C ASN A 403 -20.57 -29.82 24.71
N PHE A 404 -20.90 -29.81 23.42
CA PHE A 404 -20.81 -31.03 22.62
C PHE A 404 -19.38 -31.54 22.57
N ALA A 405 -18.45 -30.63 22.28
CA ALA A 405 -17.03 -30.99 22.23
C ALA A 405 -16.58 -31.54 23.58
N SER A 406 -16.94 -30.82 24.64
CA SER A 406 -16.59 -31.20 26.01
C SER A 406 -17.21 -32.55 26.42
N GLU A 407 -18.42 -32.81 25.95
CA GLU A 407 -19.10 -34.06 26.26
C GLU A 407 -18.51 -35.23 25.48
N MET A 408 -18.19 -35.00 24.22
CA MET A 408 -17.56 -36.04 23.42
C MET A 408 -16.19 -36.40 24.01
N PHE A 409 -15.53 -35.44 24.65
CA PHE A 409 -14.21 -35.67 25.20
C PHE A 409 -14.29 -36.59 26.41
N ARG A 410 -15.33 -36.41 27.21
CA ARG A 410 -15.60 -37.30 28.33
C ARG A 410 -15.79 -38.75 27.86
N GLN A 411 -16.32 -38.89 26.64
CA GLN A 411 -16.60 -40.19 26.06
C GLN A 411 -15.44 -40.74 25.28
N ARG A 412 -14.30 -40.09 25.43
CA ARG A 412 -13.08 -40.48 24.74
C ARG A 412 -13.27 -40.54 23.21
N VAL A 413 -14.11 -39.63 22.70
CA VAL A 413 -14.10 -39.28 21.27
C VAL A 413 -13.63 -37.83 21.10
N LEU A 414 -12.65 -37.65 20.23
CA LEU A 414 -11.97 -36.37 20.09
C LEU A 414 -12.52 -35.59 18.89
N VAL A 415 -13.04 -34.40 19.17
CA VAL A 415 -13.48 -33.48 18.14
C VAL A 415 -13.02 -32.07 18.51
N ALA A 416 -13.06 -31.15 17.55
CA ALA A 416 -12.75 -29.75 17.86
C ALA A 416 -13.36 -28.83 16.84
N GLY A 417 -13.33 -27.53 17.13
CA GLY A 417 -13.96 -26.52 16.30
C GLY A 417 -13.29 -26.18 14.98
N THR A 418 -13.75 -25.10 14.37
CA THR A 418 -13.21 -24.61 13.11
C THR A 418 -12.90 -23.11 13.26
N LEU A 419 -11.79 -22.68 12.65
CA LEU A 419 -11.18 -21.37 12.89
C LEU A 419 -12.07 -20.17 12.55
N ASN A 420 -12.70 -20.19 11.38
CA ASN A 420 -13.48 -19.04 10.90
C ASN A 420 -14.84 -18.85 11.58
N ASN A 421 -15.59 -19.94 11.64
CA ASN A 421 -16.94 -19.90 12.19
C ASN A 421 -16.98 -20.02 13.72
N ALA A 422 -18.07 -19.51 14.30
CA ALA A 422 -18.34 -19.73 15.71
C ALA A 422 -19.03 -21.08 15.84
N LYS A 423 -18.43 -21.92 16.67
CA LYS A 423 -18.91 -23.27 16.94
C LYS A 423 -19.69 -24.00 15.82
N THR A 424 -18.92 -24.58 14.92
CA THR A 424 -19.34 -25.68 14.10
C THR A 424 -18.29 -26.74 14.52
N ILE A 425 -18.67 -27.97 14.83
CA ILE A 425 -17.64 -28.99 14.98
C ILE A 425 -17.38 -29.73 13.74
N ARG A 426 -16.15 -29.63 13.28
CA ARG A 426 -15.67 -30.49 12.23
C ARG A 426 -15.59 -31.94 12.71
N ILE A 427 -15.91 -32.87 11.82
CA ILE A 427 -15.70 -34.27 12.08
C ILE A 427 -14.77 -34.68 10.96
N GLU A 428 -13.52 -34.94 11.30
CA GLU A 428 -12.50 -35.19 10.30
C GLU A 428 -11.64 -36.42 10.66
N PRO A 429 -12.29 -37.56 10.88
CA PRO A 429 -11.53 -38.73 11.36
C PRO A 429 -10.66 -39.28 10.26
N PRO A 430 -9.65 -40.10 10.63
CA PRO A 430 -8.87 -40.80 9.62
C PRO A 430 -9.76 -41.49 8.59
N LEU A 431 -9.36 -41.50 7.33
CA LEU A 431 -10.13 -42.24 6.33
C LEU A 431 -10.16 -43.74 6.65
N THR A 432 -9.38 -44.12 7.67
CA THR A 432 -9.21 -45.50 8.12
C THR A 432 -10.08 -45.84 9.34
N LEU A 433 -10.97 -44.93 9.73
CA LEU A 433 -11.92 -45.23 10.80
C LEU A 433 -12.64 -46.54 10.47
N THR A 434 -12.72 -47.47 11.42
CA THR A 434 -13.42 -48.72 11.11
C THR A 434 -14.91 -48.48 11.07
N ILE A 435 -15.62 -49.39 10.40
CA ILE A 435 -17.08 -49.33 10.37
C ILE A 435 -17.63 -49.35 11.80
N GLU A 436 -17.01 -50.15 12.66
CA GLU A 436 -17.47 -50.24 14.05
C GLU A 436 -17.22 -48.94 14.80
N GLN A 437 -16.06 -48.34 14.56
CA GLN A 437 -15.70 -47.07 15.20
C GLN A 437 -16.70 -45.98 14.79
N CYS A 438 -17.03 -45.95 13.50
CA CYS A 438 -18.10 -45.09 12.96
C CYS A 438 -19.38 -45.14 13.79
N GLU A 439 -19.82 -46.36 14.08
CA GLU A 439 -21.05 -46.53 14.83
C GLU A 439 -20.88 -46.04 16.27
N LEU A 440 -19.70 -46.25 16.86
CA LEU A 440 -19.43 -45.72 18.20
C LEU A 440 -19.44 -44.19 18.24
N VAL A 441 -18.88 -43.56 17.21
CA VAL A 441 -18.92 -42.11 17.09
C VAL A 441 -20.34 -41.56 17.04
N ILE A 442 -21.22 -42.25 16.32
CA ILE A 442 -22.63 -41.84 16.26
C ILE A 442 -23.32 -42.10 17.59
N LYS A 443 -23.04 -43.25 18.19
CA LYS A 443 -23.58 -43.54 19.52
C LYS A 443 -23.12 -42.49 20.56
N ALA A 444 -21.84 -42.11 20.52
CA ALA A 444 -21.31 -41.09 21.44
C ALA A 444 -21.96 -39.73 21.22
N ALA A 445 -22.08 -39.34 19.96
CA ALA A 445 -22.75 -38.10 19.60
C ALA A 445 -24.16 -38.07 20.16
N ARG A 446 -24.83 -39.23 20.10
CA ARG A 446 -26.18 -39.33 20.61
C ARG A 446 -26.19 -39.10 22.12
N LYS A 447 -25.37 -39.84 22.86
CA LYS A 447 -25.39 -39.71 24.32
C LYS A 447 -25.01 -38.28 24.74
N ALA A 448 -24.07 -37.68 24.00
CA ALA A 448 -23.67 -36.29 24.24
C ALA A 448 -24.86 -35.32 24.14
N LEU A 449 -25.60 -35.39 23.04
CA LEU A 449 -26.78 -34.56 22.82
C LEU A 449 -27.85 -34.82 23.88
N ALA A 450 -28.08 -36.10 24.16
CA ALA A 450 -28.96 -36.49 25.26
C ALA A 450 -28.56 -35.80 26.57
N ALA A 451 -27.29 -35.90 26.94
CA ALA A 451 -26.79 -35.27 28.16
C ALA A 451 -26.96 -33.75 28.11
N MET A 452 -26.79 -33.19 26.91
CA MET A 452 -26.87 -31.74 26.71
C MET A 452 -28.29 -31.23 26.84
N ARG A 453 -29.24 -32.00 26.34
CA ARG A 453 -30.65 -31.66 26.46
C ARG A 453 -31.10 -31.66 27.92
N VAL A 454 -30.77 -32.74 28.62
CA VAL A 454 -31.03 -32.87 30.04
C VAL A 454 -30.41 -31.69 30.78
N SER A 455 -29.17 -31.36 30.40
CA SER A 455 -28.46 -30.21 30.95
C SER A 455 -29.19 -28.87 30.73
N VAL A 456 -29.90 -28.75 29.60
CA VAL A 456 -30.61 -27.51 29.27
C VAL A 456 -31.85 -27.33 30.15
N GLU A 457 -32.64 -28.39 30.31
CA GLU A 457 -33.53 -28.46 31.48
C GLU A 457 -32.61 -28.64 32.68
N GLU A 458 -33.16 -28.92 33.86
CA GLU A 458 -32.34 -28.90 35.06
C GLU A 458 -31.74 -27.48 35.17
N ALA A 459 -32.48 -26.49 34.68
CA ALA A 459 -32.04 -25.10 34.63
C ALA A 459 -33.19 -24.19 34.21
N ALA B 8 3.57 -43.60 -16.74
CA ALA B 8 3.02 -44.58 -15.80
C ALA B 8 2.00 -43.97 -14.84
N SER B 9 1.21 -44.82 -14.20
CA SER B 9 0.21 -44.36 -13.24
C SER B 9 0.87 -43.90 -11.94
N ALA B 10 0.10 -43.28 -11.07
CA ALA B 10 0.65 -42.77 -9.83
C ALA B 10 0.96 -43.91 -8.87
N LEU B 11 0.15 -44.97 -8.89
CA LEU B 11 0.41 -46.13 -8.06
C LEU B 11 1.74 -46.76 -8.46
N ALA B 12 1.94 -46.87 -9.78
CA ALA B 12 3.16 -47.42 -10.33
C ALA B 12 4.38 -46.64 -9.87
N CYS B 13 4.33 -45.33 -10.05
CA CYS B 13 5.43 -44.46 -9.66
C CYS B 13 5.73 -44.61 -8.17
N SER B 14 4.69 -44.54 -7.35
CA SER B 14 4.90 -44.62 -5.91
C SER B 14 5.53 -45.96 -5.51
N ALA B 15 5.13 -47.02 -6.21
CA ALA B 15 5.68 -48.36 -5.98
C ALA B 15 7.18 -48.41 -6.32
N HIS B 16 7.54 -47.94 -7.51
CA HIS B 16 8.95 -47.81 -7.89
C HIS B 16 9.72 -47.03 -6.83
N ALA B 17 9.13 -45.94 -6.33
CA ALA B 17 9.81 -45.08 -5.36
C ALA B 17 9.94 -45.76 -3.99
N LEU B 18 8.94 -46.51 -3.58
CA LEU B 18 9.06 -47.22 -2.32
C LEU B 18 10.11 -48.35 -2.38
N ASN B 19 10.29 -48.94 -3.57
CA ASN B 19 11.35 -49.96 -3.76
C ASN B 19 12.71 -49.31 -3.67
N LEU B 20 12.81 -48.10 -4.20
CA LEU B 20 14.07 -47.38 -4.22
C LEU B 20 14.46 -46.96 -2.81
N ILE B 21 13.45 -46.58 -2.02
CA ILE B 21 13.68 -46.19 -0.64
C ILE B 21 14.17 -47.38 0.20
N GLU B 22 13.61 -48.56 -0.04
CA GLU B 22 14.03 -49.74 0.71
C GLU B 22 15.43 -50.24 0.31
N LYS B 23 15.88 -49.87 -0.89
CA LYS B 23 17.21 -50.26 -1.33
C LYS B 23 18.29 -49.51 -0.56
N ARG B 24 19.17 -50.26 0.09
CA ARG B 24 20.31 -49.69 0.79
C ARG B 24 21.47 -49.37 -0.18
N THR B 25 21.58 -50.15 -1.24
CA THR B 25 22.69 -50.01 -2.19
C THR B 25 22.26 -50.23 -3.65
N LEU B 26 23.08 -49.78 -4.58
CA LEU B 26 22.70 -49.86 -6.00
C LEU B 26 23.65 -50.66 -6.88
N ASP B 27 23.08 -51.68 -7.53
CA ASP B 27 23.68 -52.31 -8.71
C ASP B 27 24.19 -51.20 -9.63
N HIS B 28 25.26 -51.46 -10.36
CA HIS B 28 25.73 -50.46 -11.31
C HIS B 28 24.64 -50.06 -12.33
N GLU B 29 23.80 -51.01 -12.72
CA GLU B 29 22.76 -50.71 -13.69
C GLU B 29 21.62 -49.94 -13.04
N GLU B 30 21.22 -50.36 -11.83
CA GLU B 30 20.24 -49.61 -11.04
C GLU B 30 20.71 -48.17 -10.79
N MET B 31 22.01 -47.97 -10.64
CA MET B 31 22.57 -46.65 -10.43
C MET B 31 22.44 -45.80 -11.68
N LYS B 32 22.83 -46.37 -12.83
CA LYS B 32 22.68 -45.69 -14.11
C LYS B 32 21.23 -45.31 -14.38
N ALA B 33 20.32 -46.26 -14.12
CA ALA B 33 18.91 -46.04 -14.40
C ALA B 33 18.30 -45.02 -13.45
N LEU B 34 18.76 -45.05 -12.21
CA LEU B 34 18.27 -44.10 -11.21
C LEU B 34 18.74 -42.70 -11.57
N ASN B 35 20.03 -42.58 -11.89
CA ASN B 35 20.58 -41.31 -12.28
C ASN B 35 19.94 -40.77 -13.55
N ARG B 36 19.67 -41.63 -14.51
CA ARG B 36 19.07 -41.16 -15.77
C ARG B 36 17.69 -40.59 -15.44
N GLU B 37 16.94 -41.30 -14.62
CA GLU B 37 15.55 -40.95 -14.36
C GLU B 37 15.43 -39.75 -13.44
N VAL B 38 16.43 -39.54 -12.60
CA VAL B 38 16.41 -38.38 -11.71
C VAL B 38 16.61 -37.12 -12.52
N ILE B 39 17.60 -37.13 -13.42
CA ILE B 39 17.84 -35.96 -14.26
C ILE B 39 16.62 -35.65 -15.14
N GLU B 40 15.95 -36.70 -15.60
CA GLU B 40 14.77 -36.53 -16.44
C GLU B 40 13.62 -35.89 -15.68
N TYR B 41 13.34 -36.39 -14.49
CA TYR B 41 12.22 -35.86 -13.73
C TYR B 41 12.55 -34.48 -13.21
N PHE B 42 13.84 -34.21 -12.95
CA PHE B 42 14.21 -32.87 -12.55
C PHE B 42 13.87 -31.93 -13.68
N LYS B 43 14.19 -32.33 -14.90
CA LYS B 43 13.89 -31.52 -16.08
C LYS B 43 12.38 -31.35 -16.30
N GLU B 44 11.63 -32.43 -16.12
CA GLU B 44 10.24 -32.43 -16.54
C GLU B 44 9.22 -32.14 -15.43
N HIS B 45 9.66 -32.22 -14.18
CA HIS B 45 8.73 -32.10 -13.06
C HIS B 45 9.21 -31.26 -11.90
N VAL B 46 10.49 -30.91 -11.89
CA VAL B 46 10.98 -30.10 -10.78
C VAL B 46 11.39 -28.71 -11.22
N ASN B 47 12.44 -28.65 -12.04
CA ASN B 47 13.00 -27.42 -12.57
C ASN B 47 14.21 -27.68 -13.46
N PRO B 48 14.06 -27.52 -14.78
CA PRO B 48 15.20 -27.65 -15.69
C PRO B 48 16.33 -26.69 -15.34
N GLY B 49 16.00 -25.55 -14.74
CA GLY B 49 17.00 -24.55 -14.43
C GLY B 49 18.03 -24.99 -13.40
N PHE B 50 17.61 -25.84 -12.46
CA PHE B 50 18.52 -26.26 -11.41
C PHE B 50 19.59 -27.17 -11.99
N LEU B 51 19.25 -27.87 -13.06
CA LEU B 51 20.23 -28.68 -13.79
C LEU B 51 21.23 -27.79 -14.51
N GLU B 52 20.79 -26.67 -15.04
CA GLU B 52 21.69 -25.74 -15.71
C GLU B 52 22.59 -25.04 -14.70
N TYR B 53 22.04 -24.79 -13.51
CA TYR B 53 22.81 -24.16 -12.44
C TYR B 53 23.97 -25.04 -12.03
N ARG B 54 23.70 -26.32 -11.79
CA ARG B 54 24.72 -27.27 -11.37
C ARG B 54 25.86 -27.34 -12.38
N LYS B 55 25.51 -27.31 -13.67
CA LYS B 55 26.49 -27.28 -14.75
C LYS B 55 27.46 -26.11 -14.61
N SER B 56 26.94 -24.95 -14.23
CA SER B 56 27.74 -23.73 -14.17
C SER B 56 28.73 -23.77 -13.01
N VAL B 57 28.51 -24.70 -12.09
CA VAL B 57 29.40 -24.86 -10.95
C VAL B 57 30.03 -26.28 -10.87
N THR B 58 29.94 -27.06 -11.95
CA THR B 58 30.64 -28.34 -12.02
C THR B 58 31.44 -28.45 -13.31
N ALA B 59 32.23 -29.52 -13.41
CA ALA B 59 32.94 -29.80 -14.65
C ALA B 59 32.24 -30.95 -15.36
N GLY B 60 31.78 -30.68 -16.58
CA GLY B 60 30.98 -31.58 -17.41
C GLY B 60 30.74 -32.98 -16.93
N GLY B 61 29.59 -33.21 -16.30
CA GLY B 61 29.24 -34.56 -15.89
C GLY B 61 29.02 -34.65 -14.40
N ASP B 62 29.86 -33.93 -13.65
CA ASP B 62 29.71 -33.84 -12.20
C ASP B 62 28.35 -33.23 -11.83
N TYR B 63 27.83 -32.35 -12.69
CA TYR B 63 26.53 -31.70 -12.48
C TYR B 63 25.40 -32.71 -12.23
N GLY B 64 25.61 -33.96 -12.65
CA GLY B 64 24.58 -34.97 -12.60
C GLY B 64 24.48 -35.65 -11.26
N ALA B 65 25.46 -35.42 -10.39
CA ALA B 65 25.57 -36.20 -9.14
C ALA B 65 24.27 -36.23 -8.36
N VAL B 66 23.87 -37.43 -7.97
CA VAL B 66 22.62 -37.66 -7.28
C VAL B 66 22.93 -38.11 -5.85
N GLU B 67 22.52 -37.34 -4.84
CA GLU B 67 23.00 -37.71 -3.51
C GLU B 67 22.14 -38.82 -2.93
N TRP B 68 22.80 -39.73 -2.21
CA TRP B 68 22.21 -41.01 -1.87
C TRP B 68 22.15 -41.30 -0.36
N GLN B 69 23.23 -41.00 0.35
CA GLN B 69 23.23 -41.21 1.79
C GLN B 69 24.32 -40.44 2.51
N ALA B 70 24.13 -40.25 3.81
CA ALA B 70 25.22 -39.81 4.66
C ALA B 70 26.30 -40.86 4.60
N GLY B 71 27.56 -40.42 4.56
CA GLY B 71 28.67 -41.32 4.68
C GLY B 71 28.98 -41.43 6.16
N SER B 72 30.03 -40.75 6.57
CA SER B 72 30.28 -40.56 7.99
C SER B 72 29.52 -39.34 8.49
N LEU B 73 30.00 -38.78 9.59
CA LEU B 73 29.36 -37.66 10.25
C LEU B 73 29.51 -36.36 9.45
N ASN B 74 30.57 -36.27 8.67
CA ASN B 74 30.87 -35.05 7.96
C ASN B 74 30.95 -35.26 6.45
N THR B 75 30.52 -36.42 5.97
CA THR B 75 30.58 -36.70 4.55
C THR B 75 29.26 -37.22 3.97
N LEU B 76 29.08 -36.99 2.67
CA LEU B 76 27.94 -37.48 1.89
C LEU B 76 28.40 -38.37 0.75
N VAL B 77 27.54 -39.31 0.37
CA VAL B 77 27.84 -40.25 -0.71
C VAL B 77 26.78 -40.17 -1.83
N ASP B 78 27.24 -39.98 -3.07
CA ASP B 78 26.32 -39.97 -4.21
C ASP B 78 25.98 -41.40 -4.65
N THR B 79 25.30 -41.52 -5.79
CA THR B 79 24.81 -42.83 -6.23
C THR B 79 25.93 -43.71 -6.74
N GLN B 80 27.05 -43.08 -7.10
CA GLN B 80 28.19 -43.82 -7.59
C GLN B 80 29.19 -44.09 -6.48
N GLY B 81 28.72 -44.13 -5.24
CA GLY B 81 29.58 -44.39 -4.09
C GLY B 81 30.69 -43.38 -3.85
N GLN B 82 30.62 -42.25 -4.55
CA GLN B 82 31.63 -41.21 -4.43
C GLN B 82 31.40 -40.38 -3.15
N GLU B 83 32.44 -40.21 -2.33
CA GLU B 83 32.25 -39.59 -1.02
C GLU B 83 32.79 -38.17 -0.93
N PHE B 84 31.96 -37.28 -0.40
CA PHE B 84 32.27 -35.85 -0.30
C PHE B 84 32.36 -35.36 1.15
N ILE B 85 33.49 -34.74 1.50
CA ILE B 85 33.58 -33.93 2.71
C ILE B 85 32.60 -32.75 2.58
N ASP B 86 31.71 -32.58 3.54
CA ASP B 86 30.70 -31.55 3.45
C ASP B 86 31.10 -30.20 4.05
N CYS B 87 31.51 -29.26 3.19
CA CYS B 87 31.77 -27.88 3.61
C CYS B 87 30.66 -26.95 3.19
N LEU B 88 29.51 -27.52 2.85
CA LEU B 88 28.34 -26.73 2.51
C LEU B 88 27.43 -26.68 3.71
N GLY B 89 27.35 -27.82 4.40
CA GLY B 89 26.56 -27.93 5.62
C GLY B 89 25.07 -27.78 5.40
N GLY B 90 24.63 -28.01 4.18
CA GLY B 90 23.23 -27.83 3.86
C GLY B 90 22.85 -26.39 4.12
N PHE B 91 23.78 -25.50 3.80
CA PHE B 91 23.65 -24.07 3.97
C PHE B 91 23.40 -23.66 5.43
N GLY B 92 23.93 -24.44 6.37
CA GLY B 92 23.88 -24.09 7.78
C GLY B 92 22.94 -24.98 8.58
N ILE B 93 22.59 -26.13 8.00
CA ILE B 93 21.66 -27.07 8.61
C ILE B 93 22.37 -28.12 9.45
N PHE B 94 23.47 -28.65 8.93
CA PHE B 94 24.03 -29.88 9.50
C PHE B 94 25.09 -29.59 10.56
N ASN B 95 24.71 -28.85 11.59
CA ASN B 95 25.69 -28.37 12.55
C ASN B 95 26.24 -29.49 13.41
N VAL B 96 25.40 -30.47 13.75
CA VAL B 96 25.89 -31.59 14.52
C VAL B 96 26.13 -32.81 13.64
N GLY B 97 26.45 -32.56 12.37
CA GLY B 97 26.77 -33.64 11.43
C GLY B 97 25.60 -34.28 10.70
N HIS B 98 25.91 -35.18 9.77
CA HIS B 98 24.87 -35.97 9.11
C HIS B 98 24.54 -37.21 9.93
N ARG B 99 23.25 -37.44 10.13
CA ARG B 99 22.75 -38.56 10.92
C ARG B 99 23.42 -38.65 12.27
N ASN B 100 23.55 -37.51 12.95
CA ASN B 100 24.06 -37.51 14.29
C ASN B 100 23.28 -38.51 15.13
N PRO B 101 23.99 -39.50 15.69
CA PRO B 101 23.41 -40.68 16.37
C PRO B 101 22.48 -40.31 17.52
N VAL B 102 22.78 -39.25 18.25
CA VAL B 102 21.87 -38.87 19.33
C VAL B 102 20.58 -38.27 18.76
N VAL B 103 20.67 -37.56 17.63
CA VAL B 103 19.49 -36.90 17.06
C VAL B 103 18.63 -37.96 16.36
N VAL B 104 19.26 -38.85 15.59
CA VAL B 104 18.52 -39.94 14.95
C VAL B 104 17.81 -40.79 16.01
N SER B 105 18.52 -41.11 17.09
CA SER B 105 17.94 -41.92 18.15
C SER B 105 16.69 -41.26 18.71
N ALA B 106 16.79 -39.98 19.04
CA ALA B 106 15.64 -39.26 19.57
C ALA B 106 14.43 -39.33 18.63
N VAL B 107 14.66 -39.05 17.35
CA VAL B 107 13.59 -39.04 16.36
C VAL B 107 12.96 -40.42 16.19
N GLN B 108 13.79 -41.46 16.15
CA GLN B 108 13.30 -42.84 16.10
C GLN B 108 12.35 -43.12 17.26
N ASN B 109 12.85 -42.92 18.47
CA ASN B 109 12.09 -43.17 19.69
C ASN B 109 10.75 -42.42 19.73
N GLN B 110 10.73 -41.17 19.27
CA GLN B 110 9.48 -40.44 19.30
C GLN B 110 8.58 -40.94 18.17
N LEU B 111 9.18 -41.33 17.06
CA LEU B 111 8.43 -41.88 15.93
C LEU B 111 7.69 -43.16 16.35
N ALA B 112 8.30 -43.92 17.26
CA ALA B 112 7.67 -45.13 17.78
C ALA B 112 6.42 -44.78 18.58
N LYS B 113 6.37 -43.58 19.15
CA LYS B 113 5.23 -43.20 19.99
C LYS B 113 4.18 -42.40 19.24
N GLN B 114 4.58 -41.29 18.65
CA GLN B 114 3.68 -40.40 17.91
C GLN B 114 4.45 -39.32 17.19
N PRO B 115 4.53 -39.42 15.86
CA PRO B 115 5.33 -38.45 15.09
C PRO B 115 4.68 -37.04 15.01
N LEU B 116 3.36 -36.97 14.84
CA LEU B 116 2.63 -35.70 14.75
C LEU B 116 1.54 -35.60 15.83
N HIS B 117 1.31 -34.40 16.36
CA HIS B 117 0.31 -34.23 17.40
C HIS B 117 -1.08 -33.99 16.81
N SER B 118 -2.08 -34.04 17.68
CA SER B 118 -3.49 -33.83 17.33
C SER B 118 -3.82 -32.36 17.22
N GLN B 119 -2.97 -31.56 17.85
CA GLN B 119 -3.21 -30.12 18.01
C GLN B 119 -4.40 -29.82 18.91
N GLU B 120 -4.84 -30.80 19.71
CA GLU B 120 -5.88 -30.53 20.70
C GLU B 120 -5.42 -30.88 22.12
N LEU B 121 -4.90 -32.09 22.32
CA LEU B 121 -4.32 -32.42 23.62
C LEU B 121 -3.00 -31.67 23.78
N LEU B 122 -2.60 -31.40 25.02
CA LEU B 122 -1.33 -30.72 25.27
C LEU B 122 -0.23 -31.68 24.89
N ASP B 123 0.66 -31.27 23.98
CA ASP B 123 1.75 -32.15 23.53
C ASP B 123 3.04 -31.84 24.31
N PRO B 124 3.53 -32.83 25.05
CA PRO B 124 4.57 -32.63 26.07
C PRO B 124 5.93 -32.12 25.53
N LEU B 125 6.34 -32.53 24.32
CA LEU B 125 7.66 -32.12 23.86
C LEU B 125 7.66 -30.63 23.45
N ARG B 126 6.49 -30.09 23.09
CA ARG B 126 6.38 -28.66 22.83
C ARG B 126 6.73 -27.91 24.10
N ALA B 127 6.11 -28.36 25.20
CA ALA B 127 6.40 -27.82 26.52
C ALA B 127 7.89 -27.96 26.84
N MET B 128 8.46 -29.15 26.60
CA MET B 128 9.86 -29.37 26.98
C MET B 128 10.82 -28.50 26.17
N LEU B 129 10.61 -28.43 24.85
CA LEU B 129 11.46 -27.63 23.99
C LEU B 129 11.33 -26.13 24.33
N ALA B 130 10.13 -25.68 24.69
CA ALA B 130 9.98 -24.27 24.97
C ALA B 130 10.69 -23.91 26.28
N LYS B 131 10.61 -24.83 27.24
CA LYS B 131 11.40 -24.73 28.47
C LYS B 131 12.90 -24.66 28.15
N THR B 132 13.40 -25.63 27.39
CA THR B 132 14.81 -25.71 27.08
C THR B 132 15.30 -24.44 26.36
N LEU B 133 14.48 -23.94 25.44
CA LEU B 133 14.84 -22.76 24.67
C LEU B 133 14.88 -21.54 25.57
N ALA B 134 13.89 -21.43 26.44
CA ALA B 134 13.86 -20.36 27.43
C ALA B 134 15.13 -20.38 28.28
N ALA B 135 15.58 -21.57 28.68
CA ALA B 135 16.84 -21.69 29.40
C ALA B 135 18.04 -21.29 28.53
N LEU B 136 18.04 -21.72 27.27
CA LEU B 136 19.18 -21.51 26.37
C LEU B 136 19.32 -20.04 25.94
N THR B 137 18.22 -19.29 25.94
CA THR B 137 18.23 -17.95 25.37
C THR B 137 18.62 -16.86 26.38
N PRO B 138 19.21 -15.74 25.89
CA PRO B 138 19.60 -14.66 26.82
C PRO B 138 18.39 -14.02 27.50
N GLY B 139 18.60 -13.55 28.72
CA GLY B 139 17.70 -12.59 29.36
C GLY B 139 16.24 -12.95 29.37
N LYS B 140 15.41 -12.02 28.88
CA LYS B 140 13.97 -12.13 29.07
C LYS B 140 13.23 -12.93 27.99
N LEU B 141 13.96 -13.49 27.03
CA LEU B 141 13.37 -14.41 26.06
C LEU B 141 12.76 -15.60 26.79
N LYS B 142 11.46 -15.84 26.62
CA LYS B 142 10.72 -16.75 27.50
C LYS B 142 9.72 -17.69 26.80
N TYR B 143 9.06 -17.19 25.76
CA TYR B 143 8.02 -17.94 25.06
C TYR B 143 8.43 -18.30 23.64
N SER B 144 8.07 -19.51 23.21
CA SER B 144 8.37 -19.98 21.85
C SER B 144 7.15 -20.30 21.01
N PHE B 145 7.19 -19.89 19.75
CA PHE B 145 6.24 -20.37 18.77
C PHE B 145 6.98 -21.27 17.79
N PHE B 146 6.50 -22.51 17.61
CA PHE B 146 7.20 -23.44 16.74
C PHE B 146 6.59 -23.56 15.35
N CYS B 147 7.44 -23.56 14.35
CA CYS B 147 7.00 -23.64 12.98
C CYS B 147 7.95 -24.55 12.23
N ASN B 148 8.00 -24.42 10.91
CA ASN B 148 8.63 -25.44 10.09
C ASN B 148 9.85 -24.98 9.31
N SER B 149 10.19 -23.70 9.37
CA SER B 149 11.29 -23.18 8.58
C SER B 149 11.73 -21.81 9.01
N GLY B 150 12.84 -21.36 8.43
CA GLY B 150 13.34 -20.03 8.69
C GLY B 150 12.35 -18.96 8.31
N THR B 151 11.80 -19.06 7.10
CA THR B 151 10.88 -18.04 6.63
C THR B 151 9.58 -18.04 7.48
N GLU B 152 9.09 -19.20 7.90
CA GLU B 152 7.94 -19.21 8.82
C GLU B 152 8.30 -18.55 10.16
N SER B 153 9.53 -18.77 10.59
CA SER B 153 10.00 -18.17 11.81
C SER B 153 10.04 -16.63 11.74
N VAL B 154 10.50 -16.11 10.60
CA VAL B 154 10.48 -14.68 10.34
C VAL B 154 9.05 -14.13 10.25
N GLU B 155 8.16 -14.90 9.60
CA GLU B 155 6.75 -14.53 9.55
C GLU B 155 6.16 -14.35 10.96
N ALA B 156 6.40 -15.32 11.84
CA ALA B 156 5.90 -15.24 13.21
C ALA B 156 6.47 -13.99 13.90
N ALA B 157 7.72 -13.67 13.60
CA ALA B 157 8.39 -12.55 14.24
C ALA B 157 7.73 -11.24 13.82
N LEU B 158 7.50 -11.12 12.52
CA LEU B 158 6.85 -9.94 11.95
C LEU B 158 5.44 -9.76 12.51
N LYS B 159 4.69 -10.85 12.62
CA LYS B 159 3.34 -10.80 13.16
C LYS B 159 3.31 -10.44 14.65
N LEU B 160 4.23 -11.02 15.41
CA LEU B 160 4.40 -10.66 16.80
C LEU B 160 4.64 -9.17 16.92
N ALA B 161 5.57 -8.66 16.12
CA ALA B 161 5.86 -7.23 16.19
C ALA B 161 4.62 -6.45 15.77
N LYS B 162 3.93 -6.91 14.73
CA LYS B 162 2.73 -6.25 14.24
C LYS B 162 1.62 -6.22 15.30
N ALA B 163 1.34 -7.36 15.92
CA ALA B 163 0.26 -7.40 16.90
C ALA B 163 0.60 -6.55 18.12
N TYR B 164 1.89 -6.44 18.43
CA TYR B 164 2.33 -5.63 19.56
C TYR B 164 2.32 -4.16 19.24
N GLN B 165 2.72 -3.82 18.03
CA GLN B 165 3.06 -2.45 17.70
C GLN B 165 1.94 -1.68 17.01
N SER B 166 1.09 -2.42 16.29
CA SER B 166 -0.06 -1.79 15.62
C SER B 166 -1.00 -1.05 16.61
N PRO B 167 -1.30 -1.64 17.79
CA PRO B 167 -2.10 -0.86 18.74
C PRO B 167 -1.36 0.34 19.32
N ARG B 168 -0.05 0.44 19.10
CA ARG B 168 0.74 1.57 19.59
C ARG B 168 1.02 2.54 18.46
N GLY B 169 0.35 2.33 17.33
CA GLY B 169 0.45 3.24 16.21
C GLY B 169 1.67 3.10 15.34
N LYS B 170 2.39 1.97 15.43
CA LYS B 170 3.63 1.82 14.66
C LYS B 170 3.53 0.64 13.69
N PHE B 171 3.83 0.90 12.41
CA PHE B 171 3.61 -0.05 11.32
C PHE B 171 4.81 -0.31 10.41
N THR B 172 5.86 0.50 10.54
CA THR B 172 7.01 0.48 9.63
C THR B 172 8.10 -0.52 10.06
N PHE B 173 8.81 -1.10 9.10
CA PHE B 173 9.89 -2.02 9.42
C PHE B 173 11.21 -1.61 8.76
N ILE B 174 12.30 -1.72 9.52
CA ILE B 174 13.63 -1.42 9.01
C ILE B 174 14.41 -2.72 8.89
N ALA B 175 14.93 -2.99 7.70
CA ALA B 175 15.79 -4.14 7.48
C ALA B 175 17.08 -3.60 6.89
N THR B 176 18.00 -4.48 6.48
CA THR B 176 19.28 -4.03 5.93
C THR B 176 19.51 -4.51 4.51
N SER B 177 20.23 -3.73 3.71
CA SER B 177 20.59 -4.27 2.40
C SER B 177 21.52 -5.44 2.65
N GLY B 178 21.59 -6.34 1.67
CA GLY B 178 22.32 -7.58 1.82
C GLY B 178 21.55 -8.65 2.58
N ALA B 179 20.45 -8.27 3.24
CA ALA B 179 19.77 -9.19 4.15
C ALA B 179 19.02 -10.33 3.44
N PHE B 180 19.13 -11.54 3.99
CA PHE B 180 18.24 -12.62 3.61
C PHE B 180 17.43 -13.12 4.80
N HIS B 181 16.12 -12.99 4.69
CA HIS B 181 15.22 -13.31 5.78
C HIS B 181 14.17 -14.35 5.41
N GLY B 182 14.24 -14.87 4.18
CA GLY B 182 13.28 -15.88 3.74
C GLY B 182 12.50 -15.39 2.52
N LYS B 183 11.72 -16.28 1.90
CA LYS B 183 11.07 -15.96 0.62
C LYS B 183 9.54 -16.07 0.60
N SER B 184 8.91 -16.42 1.72
CA SER B 184 7.47 -16.22 1.82
C SER B 184 7.29 -14.69 1.80
N LEU B 185 6.11 -14.23 1.39
CA LEU B 185 5.96 -12.85 0.99
C LEU B 185 6.09 -11.86 2.14
N GLY B 186 5.80 -12.28 3.37
CA GLY B 186 6.05 -11.41 4.51
C GLY B 186 7.55 -11.27 4.73
N ALA B 187 8.25 -12.40 4.83
CA ALA B 187 9.67 -12.36 5.07
C ALA B 187 10.40 -11.71 3.90
N LEU B 188 9.93 -11.97 2.68
CA LEU B 188 10.58 -11.44 1.49
C LEU B 188 10.54 -9.92 1.51
N SER B 189 9.51 -9.35 2.12
CA SER B 189 9.38 -7.91 2.30
C SER B 189 10.58 -7.34 3.05
N ALA B 190 11.20 -8.18 3.87
CA ALA B 190 12.40 -7.80 4.61
C ALA B 190 13.67 -8.21 3.85
N THR B 191 13.69 -9.43 3.31
CA THR B 191 14.78 -9.85 2.45
C THR B 191 15.09 -8.76 1.42
N ALA B 192 16.37 -8.44 1.23
CA ALA B 192 16.77 -7.22 0.53
C ALA B 192 17.25 -7.37 -0.93
N LYS B 193 17.34 -8.59 -1.43
CA LYS B 193 17.91 -8.75 -2.76
C LYS B 193 16.91 -8.43 -3.86
N SER B 194 17.18 -7.37 -4.59
CA SER B 194 16.40 -6.94 -5.74
C SER B 194 15.80 -8.06 -6.59
N THR B 195 16.65 -9.00 -6.96
CA THR B 195 16.28 -10.01 -7.95
C THR B 195 15.23 -10.94 -7.38
N PHE B 196 15.29 -11.16 -6.07
CA PHE B 196 14.30 -11.99 -5.40
C PHE B 196 13.00 -11.22 -5.12
N ARG B 197 13.00 -9.90 -5.30
CA ARG B 197 11.85 -9.08 -4.86
C ARG B 197 10.97 -8.57 -5.99
N LYS B 198 11.58 -7.99 -7.03
CA LYS B 198 10.84 -7.30 -8.07
C LYS B 198 9.68 -8.09 -8.68
N PRO B 199 9.87 -9.38 -9.04
CA PRO B 199 8.78 -10.04 -9.76
C PRO B 199 7.51 -10.22 -8.91
N PHE B 200 7.63 -10.00 -7.60
CA PHE B 200 6.55 -10.30 -6.69
C PHE B 200 5.96 -9.04 -6.06
N MET B 201 6.45 -7.87 -6.46
CA MET B 201 5.94 -6.61 -5.96
C MET B 201 4.52 -6.35 -6.48
N PRO B 202 3.69 -5.68 -5.69
CA PRO B 202 3.95 -5.05 -4.39
C PRO B 202 4.04 -6.01 -3.18
N LEU B 203 5.05 -5.79 -2.34
CA LEU B 203 5.23 -6.56 -1.13
C LEU B 203 4.48 -5.85 -0.02
N LEU B 204 4.86 -6.13 1.22
CA LEU B 204 4.24 -5.44 2.35
C LEU B 204 4.63 -3.96 2.35
N PRO B 205 3.65 -3.08 2.42
CA PRO B 205 4.00 -1.65 2.52
C PRO B 205 4.77 -1.35 3.80
N GLY B 206 5.64 -0.33 3.78
CA GLY B 206 6.23 0.13 5.02
C GLY B 206 7.54 -0.52 5.41
N PHE B 207 8.15 -1.26 4.50
CA PHE B 207 9.48 -1.82 4.72
C PHE B 207 10.57 -0.97 4.07
N ARG B 208 11.58 -0.63 4.88
CA ARG B 208 12.67 0.21 4.40
C ARG B 208 14.01 -0.43 4.69
N HIS B 209 15.02 -0.06 3.93
CA HIS B 209 16.33 -0.66 4.09
C HIS B 209 17.43 0.38 4.28
N VAL B 210 18.25 0.15 5.30
CA VAL B 210 19.45 0.94 5.53
C VAL B 210 20.64 -0.01 5.39
N PRO B 211 21.86 0.52 5.13
CA PRO B 211 22.96 -0.44 4.93
C PRO B 211 23.41 -1.20 6.20
N PHE B 212 23.76 -2.48 6.04
CA PHE B 212 24.16 -3.32 7.17
C PHE B 212 25.44 -2.79 7.80
N GLY B 213 25.50 -2.83 9.12
CA GLY B 213 26.71 -2.41 9.82
C GLY B 213 26.91 -0.89 9.95
N ASN B 214 25.98 -0.11 9.40
CA ASN B 214 26.01 1.36 9.52
C ASN B 214 25.01 1.87 10.56
N ILE B 215 25.49 2.25 11.75
CA ILE B 215 24.56 2.60 12.82
C ILE B 215 23.93 3.99 12.62
N GLU B 216 24.66 4.94 12.03
CA GLU B 216 24.12 6.29 11.88
C GLU B 216 22.97 6.28 10.90
N ALA B 217 23.13 5.50 9.83
CA ALA B 217 22.08 5.37 8.83
C ALA B 217 20.83 4.77 9.47
N MET B 218 21.01 3.92 10.48
CA MET B 218 19.82 3.40 11.13
C MET B 218 19.20 4.41 12.09
N ARG B 219 20.03 5.21 12.76
CA ARG B 219 19.48 6.23 13.63
C ARG B 219 18.64 7.17 12.78
N THR B 220 19.20 7.58 11.64
CA THR B 220 18.54 8.45 10.68
C THR B 220 17.19 7.90 10.25
N ALA B 221 17.16 6.67 9.74
CA ALA B 221 15.90 6.07 9.29
C ALA B 221 14.89 6.02 10.43
N LEU B 222 15.33 5.69 11.63
CA LEU B 222 14.39 5.64 12.76
C LEU B 222 13.84 7.02 13.07
N ASN B 223 14.71 8.02 13.01
CA ASN B 223 14.33 9.38 13.37
C ASN B 223 13.48 10.07 12.30
N GLU B 224 13.84 9.89 11.02
CA GLU B 224 12.99 10.38 9.94
C GLU B 224 11.59 9.77 10.02
N CYS B 225 11.50 8.46 10.31
CA CYS B 225 10.19 7.81 10.42
C CYS B 225 9.37 8.41 11.57
N LYS B 226 10.02 8.63 12.72
CA LYS B 226 9.37 9.32 13.83
C LYS B 226 8.82 10.70 13.40
N LYS B 227 9.64 11.46 12.66
CA LYS B 227 9.26 12.81 12.22
C LYS B 227 8.03 12.83 11.34
N THR B 228 7.94 11.88 10.40
CA THR B 228 6.86 11.91 9.42
C THR B 228 5.62 11.17 9.91
N GLY B 229 5.68 10.64 11.12
CA GLY B 229 4.59 9.85 11.65
C GLY B 229 4.53 8.42 11.11
N ASP B 230 5.60 7.96 10.47
CA ASP B 230 5.67 6.57 10.03
C ASP B 230 6.54 5.76 10.97
N ASP B 231 6.24 5.90 12.26
CA ASP B 231 7.07 5.34 13.32
C ASP B 231 7.32 3.84 13.14
N VAL B 232 8.55 3.45 13.43
CA VAL B 232 9.06 2.10 13.14
C VAL B 232 8.62 1.10 14.19
N ALA B 233 7.91 0.07 13.78
CA ALA B 233 7.45 -0.95 14.71
C ALA B 233 8.57 -1.90 15.12
N ALA B 234 9.44 -2.27 14.17
CA ALA B 234 10.56 -3.15 14.48
C ALA B 234 11.74 -3.00 13.50
N VAL B 235 12.93 -3.32 14.01
CA VAL B 235 14.14 -3.45 13.20
C VAL B 235 14.47 -4.94 13.12
N ILE B 236 14.82 -5.45 11.95
CA ILE B 236 15.14 -6.88 11.81
C ILE B 236 16.47 -7.02 11.09
N LEU B 237 17.30 -7.93 11.58
CA LEU B 237 18.64 -8.10 11.04
C LEU B 237 19.24 -9.42 11.50
N GLU B 238 20.12 -9.97 10.65
CA GLU B 238 21.01 -11.06 11.04
C GLU B 238 22.16 -10.45 11.83
N PRO B 239 22.72 -11.17 12.81
CA PRO B 239 23.91 -10.61 13.49
C PRO B 239 25.09 -10.57 12.52
N ILE B 240 25.20 -11.58 11.65
CA ILE B 240 26.14 -11.59 10.56
C ILE B 240 25.39 -12.02 9.31
N GLN B 241 25.39 -11.20 8.28
CA GLN B 241 24.66 -11.55 7.07
C GLN B 241 25.25 -12.78 6.40
N GLY B 242 24.40 -13.80 6.20
CA GLY B 242 24.83 -15.07 5.67
C GLY B 242 24.83 -15.08 4.16
N GLU B 243 23.65 -14.99 3.56
CA GLU B 243 23.53 -15.06 2.11
C GLU B 243 24.16 -13.82 1.47
N GLY B 244 24.27 -12.75 2.26
CA GLY B 244 24.98 -11.56 1.83
C GLY B 244 26.48 -11.71 1.66
N GLY B 245 27.02 -12.89 1.95
CA GLY B 245 28.44 -13.14 1.73
C GLY B 245 29.31 -13.14 2.97
N VAL B 246 28.71 -13.44 4.11
CA VAL B 246 29.41 -13.50 5.40
C VAL B 246 29.94 -12.12 5.73
N ILE B 247 28.99 -11.24 6.02
CA ILE B 247 29.24 -9.84 6.26
C ILE B 247 29.22 -9.57 7.76
N LEU B 248 30.37 -9.21 8.32
CA LEU B 248 30.51 -9.01 9.75
C LEU B 248 30.35 -7.54 10.09
N PRO B 249 29.41 -7.23 10.98
CA PRO B 249 29.24 -5.85 11.47
C PRO B 249 30.46 -5.43 12.29
N PRO B 250 30.72 -4.12 12.37
CA PRO B 250 31.74 -3.61 13.30
C PRO B 250 31.39 -3.95 14.75
N PRO B 251 32.40 -4.18 15.60
CA PRO B 251 32.21 -4.40 17.04
C PRO B 251 31.37 -3.29 17.66
N GLY B 252 30.38 -3.64 18.50
CA GLY B 252 29.52 -2.62 19.09
C GLY B 252 28.29 -2.24 18.27
N TYR B 253 28.25 -2.63 17.00
CA TYR B 253 27.14 -2.24 16.13
C TYR B 253 25.82 -2.87 16.61
N LEU B 254 25.80 -4.19 16.73
CA LEU B 254 24.63 -4.91 17.20
C LEU B 254 24.13 -4.33 18.49
N THR B 255 25.04 -4.05 19.42
CA THR B 255 24.65 -3.52 20.72
C THR B 255 24.03 -2.12 20.56
N ALA B 256 24.58 -1.32 19.66
CA ALA B 256 24.05 0.02 19.44
C ALA B 256 22.67 -0.06 18.79
N VAL B 257 22.47 -1.04 17.90
CA VAL B 257 21.16 -1.27 17.32
C VAL B 257 20.15 -1.62 18.43
N ARG B 258 20.56 -2.46 19.36
CA ARG B 258 19.69 -2.76 20.52
C ARG B 258 19.32 -1.50 21.32
N LYS B 259 20.26 -0.57 21.45
CA LYS B 259 20.00 0.62 22.26
C LYS B 259 19.13 1.60 21.47
N LEU B 260 19.37 1.64 20.17
CA LEU B 260 18.59 2.45 19.26
C LEU B 260 17.12 2.04 19.30
N CYS B 261 16.87 0.74 19.34
CA CYS B 261 15.53 0.20 19.46
C CYS B 261 14.90 0.64 20.79
N ASP B 262 15.65 0.47 21.87
CA ASP B 262 15.24 1.01 23.19
C ASP B 262 14.87 2.49 23.12
N GLU B 263 15.73 3.28 22.50
CA GLU B 263 15.48 4.71 22.39
C GLU B 263 14.16 5.02 21.69
N PHE B 264 13.90 4.36 20.57
CA PHE B 264 12.76 4.75 19.73
C PHE B 264 11.51 3.93 20.00
N GLY B 265 11.62 2.96 20.91
CA GLY B 265 10.52 2.06 21.16
C GLY B 265 10.12 1.18 19.98
N ALA B 266 11.10 0.79 19.17
CA ALA B 266 10.93 -0.29 18.19
C ALA B 266 11.40 -1.63 18.78
N LEU B 267 10.72 -2.71 18.40
CA LEU B 267 11.13 -4.05 18.78
C LEU B 267 12.35 -4.44 17.95
N MET B 268 13.32 -5.12 18.55
CA MET B 268 14.45 -5.64 17.84
C MET B 268 14.22 -7.12 17.50
N ILE B 269 14.25 -7.45 16.21
CA ILE B 269 14.16 -8.84 15.75
C ILE B 269 15.51 -9.34 15.22
N LEU B 270 16.08 -10.32 15.90
CA LEU B 270 17.33 -10.89 15.43
C LEU B 270 17.07 -12.17 14.66
N ASP B 271 17.47 -12.21 13.39
CA ASP B 271 17.30 -13.41 12.56
C ASP B 271 18.56 -14.26 12.71
N GLU B 272 18.43 -15.37 13.44
CA GLU B 272 19.58 -16.23 13.67
C GLU B 272 19.30 -17.59 13.05
N VAL B 273 18.50 -17.59 11.99
CA VAL B 273 18.13 -18.81 11.28
C VAL B 273 19.40 -19.49 10.75
N GLN B 274 20.34 -18.70 10.26
CA GLN B 274 21.60 -19.27 9.82
C GLN B 274 22.73 -19.22 10.87
N THR B 275 22.83 -18.14 11.64
CA THR B 275 23.94 -17.99 12.57
C THR B 275 23.76 -18.81 13.84
N GLY B 276 22.51 -19.19 14.13
CA GLY B 276 22.17 -19.89 15.35
C GLY B 276 22.68 -21.32 15.52
N MET B 277 22.47 -21.85 16.72
CA MET B 277 22.83 -23.22 17.11
C MET B 277 24.33 -23.53 17.01
N GLY B 278 25.17 -22.56 17.37
CA GLY B 278 26.60 -22.83 17.51
C GLY B 278 27.48 -22.36 16.37
N ARG B 279 26.88 -21.99 15.24
CA ARG B 279 27.66 -21.79 14.03
C ARG B 279 28.76 -20.72 14.11
N THR B 280 28.54 -19.60 14.81
CA THR B 280 29.56 -18.57 14.77
C THR B 280 30.53 -18.67 15.96
N GLY B 281 30.44 -19.75 16.72
CA GLY B 281 31.36 -19.95 17.83
C GLY B 281 30.70 -19.78 19.18
N LYS B 282 29.46 -19.33 19.17
CA LYS B 282 28.65 -19.23 20.38
C LYS B 282 27.33 -19.87 20.04
N MET B 283 26.53 -20.26 21.02
CA MET B 283 25.27 -20.92 20.70
C MET B 283 24.39 -20.01 19.83
N PHE B 284 24.37 -18.71 20.18
CA PHE B 284 23.72 -17.68 19.36
C PHE B 284 24.71 -16.56 19.07
N ALA B 285 24.75 -16.06 17.84
CA ALA B 285 25.67 -15.00 17.49
C ALA B 285 25.46 -13.74 18.35
N CYS B 286 24.25 -13.51 18.84
CA CYS B 286 24.00 -12.36 19.69
C CYS B 286 24.79 -12.43 21.01
N GLU B 287 25.33 -13.61 21.33
CA GLU B 287 26.07 -13.82 22.57
C GLU B 287 27.50 -13.27 22.48
N HIS B 288 28.01 -13.04 21.28
CA HIS B 288 29.33 -12.44 21.14
C HIS B 288 29.37 -11.07 21.81
N GLU B 289 28.25 -10.34 21.83
CA GLU B 289 28.17 -9.03 22.46
C GLU B 289 27.14 -9.01 23.60
N ASN B 290 26.61 -10.18 23.95
CA ASN B 290 25.53 -10.30 24.95
C ASN B 290 24.35 -9.39 24.68
N VAL B 291 23.83 -9.46 23.46
CA VAL B 291 22.65 -8.70 23.09
C VAL B 291 21.40 -9.55 23.29
N GLN B 292 20.36 -8.99 23.90
CA GLN B 292 19.08 -9.66 23.90
C GLN B 292 18.07 -8.95 23.00
N PRO B 293 17.65 -9.64 21.94
CA PRO B 293 16.61 -9.08 21.09
C PRO B 293 15.27 -9.22 21.77
N ASP B 294 14.21 -8.69 21.18
CA ASP B 294 12.87 -8.88 21.72
C ASP B 294 12.31 -10.17 21.18
N ILE B 295 12.76 -10.49 19.96
CA ILE B 295 12.31 -11.64 19.23
C ILE B 295 13.52 -12.29 18.57
N LEU B 296 13.71 -13.57 18.85
CA LEU B 296 14.79 -14.33 18.24
C LEU B 296 14.20 -15.35 17.27
N CYS B 297 14.75 -15.42 16.06
CA CYS B 297 14.30 -16.39 15.06
C CYS B 297 15.33 -17.49 14.87
N LEU B 298 14.88 -18.73 14.92
CA LEU B 298 15.79 -19.86 14.75
C LEU B 298 15.18 -20.87 13.79
N ALA B 299 16.06 -21.63 13.16
CA ALA B 299 15.65 -22.70 12.25
C ALA B 299 16.89 -23.50 11.82
N LYS B 300 16.92 -23.90 10.55
CA LYS B 300 18.00 -24.72 9.99
C LYS B 300 18.54 -25.81 10.96
N ALA B 301 19.69 -25.53 11.56
CA ALA B 301 20.35 -26.48 12.45
C ALA B 301 19.57 -26.82 13.72
N LEU B 302 18.51 -26.08 14.02
CA LEU B 302 17.70 -26.36 15.22
C LEU B 302 17.09 -27.76 15.15
N GLY B 303 16.96 -28.32 13.94
CA GLY B 303 16.42 -29.66 13.73
C GLY B 303 17.49 -30.74 13.58
N GLY B 304 18.70 -30.43 14.00
CA GLY B 304 19.79 -31.39 14.10
C GLY B 304 20.24 -32.02 12.79
N GLY B 305 19.77 -31.50 11.67
CA GLY B 305 20.09 -32.06 10.37
C GLY B 305 19.19 -33.25 10.07
N VAL B 306 18.15 -33.40 10.89
CA VAL B 306 17.24 -34.52 10.76
C VAL B 306 15.79 -34.08 10.44
N MET B 307 15.29 -33.08 11.16
CA MET B 307 13.93 -32.56 10.99
C MET B 307 13.91 -31.10 10.51
N PRO B 308 12.86 -30.73 9.74
CA PRO B 308 12.58 -29.33 9.48
C PRO B 308 11.90 -28.72 10.71
N ILE B 309 12.38 -27.56 11.17
CA ILE B 309 11.78 -26.90 12.32
C ILE B 309 12.19 -25.44 12.35
N GLY B 310 11.31 -24.58 12.86
CA GLY B 310 11.65 -23.19 13.10
C GLY B 310 11.15 -22.79 14.47
N ALA B 311 11.69 -21.73 15.03
CA ALA B 311 11.19 -21.27 16.32
C ALA B 311 11.34 -19.76 16.42
N THR B 312 10.30 -19.13 16.94
CA THR B 312 10.33 -17.72 17.20
C THR B 312 10.19 -17.51 18.71
N ILE B 313 11.22 -16.96 19.33
CA ILE B 313 11.21 -16.81 20.79
C ILE B 313 11.08 -15.34 21.12
N ALA B 314 10.21 -14.99 22.06
CA ALA B 314 10.03 -13.60 22.40
C ALA B 314 9.96 -13.38 23.90
N THR B 315 10.20 -12.14 24.31
CA THR B 315 9.92 -11.71 25.66
C THR B 315 8.45 -11.91 25.99
N GLU B 316 8.14 -12.08 27.27
CA GLU B 316 6.75 -12.21 27.66
C GLU B 316 5.98 -10.93 27.30
N GLU B 317 6.64 -9.79 27.37
CA GLU B 317 5.99 -8.54 27.03
C GLU B 317 5.46 -8.59 25.58
N VAL B 318 6.27 -9.13 24.66
CA VAL B 318 5.85 -9.22 23.27
C VAL B 318 4.93 -10.40 23.00
N PHE B 319 5.29 -11.57 23.51
CA PHE B 319 4.55 -12.76 23.16
C PHE B 319 3.12 -12.73 23.68
N SER B 320 2.88 -11.97 24.75
CA SER B 320 1.57 -11.95 25.40
C SER B 320 0.44 -11.52 24.47
N VAL B 321 0.78 -10.91 23.33
CA VAL B 321 -0.21 -10.53 22.33
C VAL B 321 -0.95 -11.74 21.77
N LEU B 322 -0.47 -12.95 22.05
CA LEU B 322 -1.12 -14.16 21.60
C LEU B 322 -1.83 -14.90 22.74
N PHE B 323 -1.89 -14.29 23.92
CA PHE B 323 -2.38 -15.06 25.06
C PHE B 323 -3.91 -15.11 25.10
N ASP B 324 -4.58 -13.99 24.81
CA ASP B 324 -6.05 -13.95 24.83
C ASP B 324 -6.68 -14.78 23.71
N ASN B 325 -6.02 -14.79 22.57
CA ASN B 325 -6.51 -15.58 21.46
C ASN B 325 -5.34 -16.38 20.94
N PRO B 326 -5.11 -17.56 21.55
CA PRO B 326 -3.99 -18.42 21.21
C PRO B 326 -4.09 -18.99 19.80
N PHE B 327 -5.15 -18.65 19.07
CA PHE B 327 -5.34 -19.14 17.71
C PHE B 327 -5.06 -18.07 16.67
N LEU B 328 -4.72 -16.88 17.14
CA LEU B 328 -4.40 -15.77 16.28
C LEU B 328 -3.30 -16.14 15.28
N HIS B 329 -2.30 -16.88 15.73
CA HIS B 329 -1.26 -17.34 14.82
C HIS B 329 -0.90 -18.78 15.13
N THR B 330 -1.03 -19.64 14.12
CA THR B 330 -0.70 -21.04 14.22
C THR B 330 -0.10 -21.53 12.92
N THR B 331 0.41 -22.74 12.93
CA THR B 331 0.72 -23.45 11.70
C THR B 331 0.37 -24.90 12.06
N THR B 332 0.13 -25.73 11.06
CA THR B 332 -0.47 -27.03 11.30
C THR B 332 0.50 -28.06 11.92
N PHE B 333 1.71 -28.10 11.39
CA PHE B 333 2.71 -29.06 11.81
C PHE B 333 3.67 -28.50 12.88
N GLY B 334 3.58 -27.20 13.14
CA GLY B 334 4.56 -26.56 13.99
C GLY B 334 4.66 -27.17 15.37
N GLY B 335 5.86 -27.56 15.75
CA GLY B 335 6.09 -28.09 17.09
C GLY B 335 5.68 -29.53 17.27
N ASN B 336 5.54 -30.26 16.18
CA ASN B 336 5.20 -31.68 16.25
C ASN B 336 6.29 -32.45 17.00
N PRO B 337 5.90 -33.53 17.69
CA PRO B 337 6.81 -34.31 18.53
C PRO B 337 8.14 -34.66 17.87
N LEU B 338 8.13 -35.08 16.60
CA LEU B 338 9.37 -35.42 15.92
C LEU B 338 10.32 -34.25 15.87
N ALA B 339 9.83 -33.09 15.41
CA ALA B 339 10.70 -31.94 15.23
C ALA B 339 11.29 -31.51 16.56
N CYS B 340 10.45 -31.51 17.59
CA CYS B 340 10.89 -31.19 18.93
C CYS B 340 11.98 -32.15 19.41
N ALA B 341 11.75 -33.45 19.21
CA ALA B 341 12.70 -34.46 19.64
C ALA B 341 14.05 -34.21 19.00
N ALA B 342 14.04 -33.92 17.71
CA ALA B 342 15.26 -33.59 17.00
C ALA B 342 15.91 -32.34 17.60
N ALA B 343 15.10 -31.33 17.88
CA ALA B 343 15.62 -30.05 18.37
C ALA B 343 16.23 -30.22 19.75
N LEU B 344 15.56 -31.01 20.58
CA LEU B 344 16.00 -31.25 21.94
C LEU B 344 17.30 -32.06 21.97
N ALA B 345 17.41 -33.04 21.07
CA ALA B 345 18.64 -33.84 20.96
C ALA B 345 19.80 -32.96 20.53
N THR B 346 19.53 -32.08 19.57
CA THR B 346 20.55 -31.20 19.03
C THR B 346 21.08 -30.24 20.11
N ILE B 347 20.16 -29.66 20.88
CA ILE B 347 20.58 -28.80 21.96
C ILE B 347 21.47 -29.60 22.92
N ASN B 348 21.11 -30.86 23.17
CA ASN B 348 21.89 -31.73 24.06
C ASN B 348 23.28 -32.03 23.51
N VAL B 349 23.35 -32.41 22.24
CA VAL B 349 24.64 -32.66 21.62
C VAL B 349 25.55 -31.42 21.68
N LEU B 350 25.05 -30.28 21.24
CA LEU B 350 25.84 -29.06 21.18
C LEU B 350 26.38 -28.68 22.56
N LEU B 351 25.58 -28.86 23.58
CA LEU B 351 26.02 -28.48 24.92
C LEU B 351 26.96 -29.54 25.49
N GLU B 352 26.59 -30.82 25.39
CA GLU B 352 27.44 -31.91 25.87
C GLU B 352 28.84 -31.86 25.31
N GLN B 353 28.93 -31.61 24.01
CA GLN B 353 30.18 -31.81 23.31
C GLN B 353 30.92 -30.50 23.10
N ASN B 354 30.38 -29.43 23.68
CA ASN B 354 31.04 -28.13 23.64
C ASN B 354 31.25 -27.64 22.19
N LEU B 355 30.28 -27.94 21.33
CA LEU B 355 30.40 -27.70 19.88
C LEU B 355 30.46 -26.22 19.45
N PRO B 356 29.66 -25.33 20.07
CA PRO B 356 29.85 -23.92 19.71
C PRO B 356 31.31 -23.46 19.86
N ALA B 357 31.92 -23.79 21.01
CA ALA B 357 33.34 -23.54 21.25
C ALA B 357 34.26 -24.21 20.24
N GLN B 358 33.98 -25.47 19.90
CA GLN B 358 34.70 -26.14 18.81
C GLN B 358 34.66 -25.32 17.54
N ALA B 359 33.50 -24.72 17.25
CA ALA B 359 33.34 -23.91 16.05
C ALA B 359 34.26 -22.69 16.09
N GLU B 360 34.48 -22.13 17.28
CA GLU B 360 35.41 -21.01 17.44
C GLU B 360 36.82 -21.44 17.03
N GLN B 361 37.28 -22.57 17.56
CA GLN B 361 38.63 -23.05 17.30
C GLN B 361 38.82 -23.49 15.86
N LYS B 362 37.92 -24.35 15.39
CA LYS B 362 38.03 -24.90 14.04
C LYS B 362 37.87 -23.80 12.98
N GLY B 363 37.00 -22.84 13.24
CA GLY B 363 36.81 -21.74 12.31
C GLY B 363 38.07 -20.90 12.16
N ASP B 364 38.66 -20.52 13.30
CA ASP B 364 39.90 -19.76 13.30
C ASP B 364 40.97 -20.54 12.53
N MET B 365 41.00 -21.85 12.77
CA MET B 365 42.03 -22.67 12.16
C MET B 365 41.81 -22.75 10.66
N LEU B 366 40.55 -22.94 10.24
CA LEU B 366 40.23 -23.03 8.82
C LEU B 366 40.42 -21.67 8.13
N LEU B 367 40.07 -20.59 8.83
CA LEU B 367 40.24 -19.25 8.27
C LEU B 367 41.75 -18.92 8.15
N ASP B 368 42.58 -19.55 8.97
CA ASP B 368 44.03 -19.35 8.87
C ASP B 368 44.57 -19.95 7.56
N GLY B 369 44.11 -21.15 7.23
CA GLY B 369 44.41 -21.75 5.93
C GLY B 369 43.92 -20.90 4.75
N PHE B 370 42.66 -20.49 4.78
CA PHE B 370 42.12 -19.71 3.68
C PHE B 370 42.78 -18.34 3.58
N ARG B 371 43.01 -17.68 4.71
CA ARG B 371 43.72 -16.40 4.68
C ARG B 371 45.12 -16.58 4.08
N GLN B 372 45.79 -17.67 4.49
CA GLN B 372 47.09 -18.03 3.92
C GLN B 372 47.00 -18.22 2.40
N LEU B 373 45.92 -18.85 1.93
CA LEU B 373 45.75 -19.08 0.49
C LEU B 373 45.45 -17.80 -0.26
N ALA B 374 44.74 -16.88 0.38
CA ALA B 374 44.43 -15.58 -0.22
C ALA B 374 45.70 -14.78 -0.42
N ARG B 375 46.66 -14.97 0.47
CA ARG B 375 47.95 -14.31 0.36
C ARG B 375 48.65 -14.81 -0.90
N GLU B 376 48.65 -16.12 -1.07
CA GLU B 376 49.35 -16.79 -2.16
C GLU B 376 48.67 -16.61 -3.52
N TYR B 377 47.36 -16.43 -3.55
CA TYR B 377 46.65 -16.32 -4.83
C TYR B 377 45.84 -15.04 -5.03
N PRO B 378 46.50 -13.86 -4.92
CA PRO B 378 45.77 -12.60 -5.09
C PRO B 378 45.22 -12.42 -6.50
N ASP B 379 45.67 -13.28 -7.41
CA ASP B 379 45.13 -13.29 -8.76
C ASP B 379 43.74 -13.89 -8.77
N LEU B 380 43.45 -14.72 -7.78
CA LEU B 380 42.17 -15.44 -7.72
C LEU B 380 41.27 -14.95 -6.59
N VAL B 381 41.87 -14.72 -5.42
CA VAL B 381 41.12 -14.48 -4.19
C VAL B 381 41.24 -13.05 -3.71
N GLN B 382 40.09 -12.41 -3.52
CA GLN B 382 40.03 -11.07 -2.95
C GLN B 382 40.35 -11.07 -1.45
N GLU B 383 39.70 -11.96 -0.72
CA GLU B 383 39.90 -12.11 0.72
C GLU B 383 39.12 -13.28 1.27
N ALA B 384 39.54 -13.74 2.44
CA ALA B 384 38.82 -14.79 3.13
C ALA B 384 38.37 -14.21 4.46
N ARG B 385 37.16 -14.55 4.87
CA ARG B 385 36.64 -14.04 6.14
C ARG B 385 35.72 -15.04 6.79
N GLY B 386 35.42 -14.79 8.06
CA GLY B 386 34.55 -15.66 8.81
C GLY B 386 34.41 -15.33 10.28
N LYS B 387 33.39 -15.94 10.87
CA LYS B 387 33.14 -15.93 12.30
C LYS B 387 32.76 -17.37 12.68
N GLY B 388 33.57 -18.02 13.52
CA GLY B 388 33.37 -19.42 13.81
C GLY B 388 33.38 -20.22 12.52
N MET B 389 32.48 -21.20 12.41
CA MET B 389 32.37 -22.02 11.21
C MET B 389 31.46 -21.42 10.13
N LEU B 390 31.28 -20.10 10.15
CA LEU B 390 30.60 -19.42 9.06
C LEU B 390 31.63 -18.63 8.26
N MET B 391 32.13 -19.22 7.19
CA MET B 391 33.20 -18.59 6.45
C MET B 391 32.86 -18.33 4.99
N ALA B 392 33.65 -17.50 4.36
CA ALA B 392 33.48 -17.22 2.95
C ALA B 392 34.81 -16.89 2.33
N ILE B 393 34.96 -17.26 1.07
CA ILE B 393 36.10 -16.85 0.27
C ILE B 393 35.54 -16.00 -0.84
N GLU B 394 35.98 -14.76 -0.90
CA GLU B 394 35.56 -13.85 -1.94
C GLU B 394 36.60 -13.89 -3.05
N PHE B 395 36.15 -14.11 -4.27
CA PHE B 395 37.05 -14.12 -5.42
C PHE B 395 36.95 -12.82 -6.18
N VAL B 396 37.84 -12.64 -7.14
CA VAL B 396 37.83 -11.47 -8.01
C VAL B 396 36.59 -11.40 -8.91
N ASP B 397 36.26 -12.53 -9.55
CA ASP B 397 35.10 -12.62 -10.44
C ASP B 397 34.02 -13.57 -9.93
N ASN B 398 32.85 -13.49 -10.55
CA ASN B 398 31.86 -14.54 -10.39
C ASN B 398 32.40 -15.80 -11.04
N GLU B 399 33.11 -15.58 -12.14
CA GLU B 399 33.67 -16.67 -12.93
C GLU B 399 34.58 -17.51 -12.06
N ILE B 400 35.63 -16.86 -11.52
CA ILE B 400 36.61 -17.56 -10.72
C ILE B 400 35.95 -18.37 -9.60
N GLY B 401 34.97 -17.77 -8.96
CA GLY B 401 34.20 -18.44 -7.91
C GLY B 401 33.54 -19.73 -8.38
N TYR B 402 32.94 -19.69 -9.56
CA TYR B 402 32.29 -20.85 -10.17
C TYR B 402 33.32 -21.93 -10.41
N ASN B 403 34.48 -21.51 -10.90
CA ASN B 403 35.58 -22.42 -11.16
C ASN B 403 36.06 -23.09 -9.89
N PHE B 404 36.07 -22.34 -8.78
CA PHE B 404 36.52 -22.87 -7.50
C PHE B 404 35.56 -23.92 -7.00
N ALA B 405 34.28 -23.61 -7.11
CA ALA B 405 33.23 -24.55 -6.68
C ALA B 405 33.30 -25.84 -7.46
N SER B 406 33.68 -25.71 -8.73
CA SER B 406 33.78 -26.86 -9.62
C SER B 406 35.01 -27.71 -9.30
N GLU B 407 36.16 -27.05 -9.19
CA GLU B 407 37.41 -27.69 -8.77
C GLU B 407 37.29 -28.37 -7.40
N MET B 408 36.65 -27.69 -6.45
CA MET B 408 36.39 -28.28 -5.15
C MET B 408 35.52 -29.51 -5.30
N PHE B 409 34.62 -29.51 -6.29
CA PHE B 409 33.69 -30.61 -6.44
C PHE B 409 34.40 -31.84 -6.99
N ARG B 410 35.34 -31.63 -7.93
CA ARG B 410 36.16 -32.74 -8.45
C ARG B 410 36.92 -33.40 -7.32
N GLN B 411 37.39 -32.59 -6.39
CA GLN B 411 38.17 -33.08 -5.28
C GLN B 411 37.33 -33.69 -4.19
N ARG B 412 36.04 -33.83 -4.46
CA ARG B 412 35.08 -34.39 -3.52
C ARG B 412 35.03 -33.59 -2.20
N VAL B 413 35.14 -32.27 -2.33
CA VAL B 413 34.79 -31.36 -1.22
C VAL B 413 33.63 -30.46 -1.66
N LEU B 414 32.48 -30.63 -1.04
CA LEU B 414 31.26 -29.93 -1.44
C LEU B 414 31.16 -28.49 -0.88
N VAL B 415 31.16 -27.50 -1.77
CA VAL B 415 30.90 -26.12 -1.38
C VAL B 415 29.84 -25.51 -2.29
N ALA B 416 29.40 -24.29 -1.98
CA ALA B 416 28.39 -23.61 -2.80
C ALA B 416 28.40 -22.11 -2.56
N GLY B 417 27.85 -21.37 -3.53
CA GLY B 417 27.84 -19.92 -3.49
C GLY B 417 26.84 -19.34 -2.50
N THR B 418 26.75 -18.01 -2.47
CA THR B 418 25.81 -17.34 -1.58
C THR B 418 24.76 -16.57 -2.38
N LEU B 419 23.51 -16.61 -1.89
CA LEU B 419 22.37 -16.09 -2.63
C LEU B 419 22.43 -14.59 -2.94
N ASN B 420 22.97 -13.81 -2.01
CA ASN B 420 23.01 -12.37 -2.20
C ASN B 420 24.41 -11.84 -2.50
N ASN B 421 25.25 -12.70 -3.10
CA ASN B 421 26.63 -12.33 -3.40
C ASN B 421 27.21 -13.30 -4.44
N ALA B 422 27.73 -12.77 -5.55
CA ALA B 422 28.11 -13.61 -6.69
C ALA B 422 29.58 -13.99 -6.70
N LYS B 423 30.41 -13.19 -6.03
CA LYS B 423 31.85 -13.45 -6.00
C LYS B 423 32.24 -14.38 -4.85
N THR B 424 31.25 -14.79 -4.06
CA THR B 424 31.53 -15.43 -2.79
C THR B 424 31.19 -16.92 -2.74
N ILE B 425 32.12 -17.74 -2.25
CA ILE B 425 31.83 -19.14 -1.94
C ILE B 425 31.78 -19.39 -0.43
N ARG B 426 30.67 -19.90 0.07
CA ARG B 426 30.56 -20.13 1.49
C ARG B 426 31.36 -21.39 1.87
N ILE B 427 32.00 -21.34 3.04
CA ILE B 427 32.55 -22.54 3.65
C ILE B 427 31.86 -22.68 5.00
N GLU B 428 31.03 -23.71 5.14
CA GLU B 428 30.07 -23.77 6.24
C GLU B 428 29.87 -25.22 6.67
N PRO B 429 30.91 -25.84 7.22
CA PRO B 429 30.94 -27.29 7.51
C PRO B 429 30.23 -27.65 8.80
N PRO B 430 29.89 -28.93 8.99
CA PRO B 430 29.41 -29.30 10.33
C PRO B 430 30.40 -28.85 11.40
N LEU B 431 29.92 -28.55 12.61
CA LEU B 431 30.83 -28.14 13.68
C LEU B 431 31.65 -29.36 14.12
N THR B 432 31.18 -30.54 13.72
CA THR B 432 31.78 -31.79 14.10
C THR B 432 32.90 -32.19 13.13
N LEU B 433 33.22 -31.32 12.18
CA LEU B 433 34.32 -31.58 11.24
C LEU B 433 35.61 -31.86 12.03
N THR B 434 36.30 -32.96 11.70
CA THR B 434 37.52 -33.36 12.42
C THR B 434 38.66 -32.47 12.02
N ILE B 435 39.72 -32.43 12.83
CA ILE B 435 40.90 -31.62 12.50
C ILE B 435 41.52 -32.14 11.23
N GLU B 436 41.61 -33.46 11.12
CA GLU B 436 42.18 -34.11 9.93
C GLU B 436 41.45 -33.70 8.65
N GLN B 437 40.12 -33.74 8.70
CA GLN B 437 39.29 -33.24 7.62
C GLN B 437 39.47 -31.75 7.37
N CYS B 438 39.71 -30.97 8.43
CA CYS B 438 40.02 -29.55 8.23
C CYS B 438 41.26 -29.42 7.36
N GLU B 439 42.28 -30.22 7.65
CA GLU B 439 43.49 -30.14 6.84
C GLU B 439 43.26 -30.61 5.38
N LEU B 440 42.38 -31.59 5.20
CA LEU B 440 42.00 -32.08 3.87
C LEU B 440 41.30 -30.98 3.07
N VAL B 441 40.36 -30.31 3.73
CA VAL B 441 39.65 -29.20 3.10
C VAL B 441 40.64 -28.11 2.69
N ILE B 442 41.61 -27.79 3.55
CA ILE B 442 42.58 -26.78 3.15
C ILE B 442 43.46 -27.29 2.00
N LYS B 443 43.87 -28.55 2.02
CA LYS B 443 44.67 -29.08 0.91
C LYS B 443 43.92 -28.98 -0.43
N ALA B 444 42.66 -29.41 -0.44
CA ALA B 444 41.81 -29.33 -1.63
C ALA B 444 41.61 -27.90 -2.13
N ALA B 445 41.38 -26.96 -1.23
CA ALA B 445 41.25 -25.57 -1.62
C ALA B 445 42.53 -25.10 -2.30
N ARG B 446 43.68 -25.52 -1.77
CA ARG B 446 44.98 -25.16 -2.35
C ARG B 446 45.14 -25.76 -3.75
N LYS B 447 44.83 -27.04 -3.88
CA LYS B 447 44.88 -27.73 -5.17
C LYS B 447 43.98 -27.02 -6.17
N ALA B 448 42.73 -26.82 -5.77
CA ALA B 448 41.72 -26.13 -6.60
C ALA B 448 42.27 -24.82 -7.18
N LEU B 449 42.81 -23.99 -6.30
CA LEU B 449 43.39 -22.70 -6.69
C LEU B 449 44.55 -22.84 -7.66
N ALA B 450 45.34 -23.91 -7.51
CA ALA B 450 46.48 -24.15 -8.40
C ALA B 450 45.97 -24.44 -9.81
N ALA B 451 45.09 -25.42 -9.92
CA ALA B 451 44.43 -25.77 -11.18
C ALA B 451 43.76 -24.56 -11.81
N MET B 452 43.04 -23.82 -10.98
CA MET B 452 42.38 -22.59 -11.36
C MET B 452 43.36 -21.60 -11.99
N ARG B 453 44.55 -21.54 -11.42
CA ARG B 453 45.58 -20.59 -11.82
C ARG B 453 46.17 -20.97 -13.17
N VAL B 454 46.71 -22.18 -13.25
CA VAL B 454 47.32 -22.68 -14.47
C VAL B 454 46.30 -22.71 -15.61
N SER B 455 45.00 -22.78 -15.27
CA SER B 455 43.99 -22.81 -16.31
C SER B 455 43.44 -21.42 -16.67
N VAL B 456 43.74 -20.41 -15.86
CA VAL B 456 43.42 -19.04 -16.25
C VAL B 456 44.55 -18.53 -17.14
N GLU B 457 45.69 -19.24 -17.08
CA GLU B 457 46.88 -18.88 -17.86
C GLU B 457 46.95 -19.55 -19.25
N GLU B 458 46.18 -20.61 -19.46
CA GLU B 458 46.12 -21.21 -20.79
C GLU B 458 45.10 -20.47 -21.64
N ALA B 459 44.28 -19.65 -20.98
CA ALA B 459 43.31 -18.80 -21.67
C ALA B 459 44.01 -17.84 -22.63
N ARG C 3 -27.81 38.84 13.71
CA ARG C 3 -28.82 39.79 13.25
C ARG C 3 -29.60 39.21 12.06
N LEU C 4 -28.90 38.92 10.96
CA LEU C 4 -29.51 38.10 9.91
C LEU C 4 -29.89 36.73 10.50
N PRO C 5 -31.21 36.44 10.54
CA PRO C 5 -31.82 35.32 11.28
C PRO C 5 -31.11 33.96 11.13
N SER C 6 -31.20 33.14 12.18
CA SER C 6 -30.72 31.76 12.12
C SER C 6 -31.54 31.02 11.06
N SER C 7 -32.86 31.24 11.10
CA SER C 7 -33.76 30.69 10.10
C SER C 7 -33.86 31.65 8.90
N ALA C 8 -32.74 31.85 8.21
CA ALA C 8 -32.71 32.76 7.06
C ALA C 8 -32.55 31.99 5.76
N SER C 9 -33.42 32.29 4.80
CA SER C 9 -33.39 31.64 3.50
C SER C 9 -32.04 31.89 2.82
N ALA C 10 -31.69 31.02 1.90
CA ALA C 10 -30.43 31.16 1.19
C ALA C 10 -30.41 32.48 0.46
N LEU C 11 -31.51 32.79 -0.21
CA LEU C 11 -31.64 34.05 -0.96
C LEU C 11 -31.35 35.25 -0.06
N ALA C 12 -32.00 35.28 1.10
CA ALA C 12 -31.78 36.37 2.07
C ALA C 12 -30.30 36.49 2.42
N CYS C 13 -29.66 35.36 2.74
CA CYS C 13 -28.24 35.38 3.08
C CYS C 13 -27.43 35.98 1.94
N SER C 14 -27.65 35.48 0.72
CA SER C 14 -26.91 36.00 -0.44
C SER C 14 -27.18 37.48 -0.68
N ALA C 15 -28.43 37.93 -0.50
CA ALA C 15 -28.78 39.36 -0.62
C ALA C 15 -27.99 40.18 0.37
N HIS C 16 -28.10 39.82 1.65
CA HIS C 16 -27.35 40.43 2.73
C HIS C 16 -25.86 40.54 2.37
N ALA C 17 -25.28 39.43 1.90
CA ALA C 17 -23.85 39.39 1.54
C ALA C 17 -23.52 40.30 0.37
N LEU C 18 -24.33 40.23 -0.69
CA LEU C 18 -24.16 41.12 -1.84
C LEU C 18 -24.27 42.59 -1.44
N ASN C 19 -25.13 42.89 -0.48
CA ASN C 19 -25.22 44.24 0.06
C ASN C 19 -23.90 44.69 0.70
N LEU C 20 -23.34 43.81 1.54
CA LEU C 20 -22.08 44.08 2.21
C LEU C 20 -20.92 44.25 1.21
N ILE C 21 -20.95 43.49 0.11
CA ILE C 21 -19.89 43.57 -0.88
C ILE C 21 -19.90 44.96 -1.52
N GLU C 22 -21.09 45.54 -1.66
CA GLU C 22 -21.22 46.84 -2.30
C GLU C 22 -20.75 48.01 -1.41
N LYS C 23 -20.77 47.83 -0.09
CA LYS C 23 -20.29 48.85 0.85
C LYS C 23 -18.77 49.08 0.75
N ARG C 24 -18.38 50.31 0.43
CA ARG C 24 -16.97 50.67 0.35
C ARG C 24 -16.41 50.92 1.74
N THR C 25 -17.24 51.53 2.60
CA THR C 25 -16.81 51.91 3.95
C THR C 25 -17.86 51.49 4.97
N LEU C 26 -17.39 51.12 6.17
CA LEU C 26 -18.28 50.67 7.23
C LEU C 26 -18.44 51.71 8.31
N ASP C 27 -19.70 51.90 8.71
CA ASP C 27 -20.09 52.63 9.89
C ASP C 27 -19.49 51.97 11.13
N HIS C 28 -19.50 52.69 12.26
CA HIS C 28 -19.11 52.04 13.51
C HIS C 28 -20.12 50.96 13.91
N GLU C 29 -21.40 51.28 13.82
CA GLU C 29 -22.40 50.33 14.23
C GLU C 29 -22.55 49.24 13.16
N GLU C 30 -22.19 49.57 11.92
CA GLU C 30 -22.15 48.56 10.88
C GLU C 30 -21.03 47.55 11.19
N MET C 31 -19.86 48.08 11.53
CA MET C 31 -18.71 47.27 11.88
C MET C 31 -18.99 46.36 13.10
N LYS C 32 -19.64 46.91 14.12
CA LYS C 32 -19.98 46.16 15.32
C LYS C 32 -20.91 44.98 14.98
N ALA C 33 -21.81 45.19 14.03
CA ALA C 33 -22.74 44.16 13.61
C ALA C 33 -22.06 43.11 12.73
N LEU C 34 -21.21 43.57 11.80
CA LEU C 34 -20.50 42.67 10.89
C LEU C 34 -19.52 41.77 11.63
N ASN C 35 -18.72 42.34 12.52
CA ASN C 35 -17.80 41.55 13.31
C ASN C 35 -18.52 40.46 14.12
N ARG C 36 -19.65 40.82 14.72
CA ARG C 36 -20.48 39.86 15.44
C ARG C 36 -20.94 38.71 14.54
N GLU C 37 -21.43 39.03 13.34
CA GLU C 37 -21.84 37.98 12.39
C GLU C 37 -20.69 37.05 12.03
N VAL C 38 -19.53 37.65 11.73
CA VAL C 38 -18.40 36.89 11.19
C VAL C 38 -17.88 35.88 12.21
N ILE C 39 -17.74 36.33 13.45
CA ILE C 39 -17.33 35.47 14.54
C ILE C 39 -18.35 34.33 14.68
N GLU C 40 -19.62 34.70 14.79
CA GLU C 40 -20.71 33.75 14.93
C GLU C 40 -20.73 32.70 13.81
N TYR C 41 -20.60 33.18 12.58
CA TYR C 41 -20.64 32.27 11.45
C TYR C 41 -19.35 31.43 11.39
N PHE C 42 -18.26 31.94 11.94
CA PHE C 42 -17.04 31.12 11.99
C PHE C 42 -17.21 29.97 12.96
N LYS C 43 -17.72 30.28 14.15
CA LYS C 43 -18.08 29.27 15.12
C LYS C 43 -19.07 28.26 14.52
N GLU C 44 -20.07 28.74 13.81
CA GLU C 44 -21.17 27.87 13.41
C GLU C 44 -21.05 27.24 12.01
N HIS C 45 -20.21 27.80 11.13
CA HIS C 45 -20.20 27.32 9.74
C HIS C 45 -18.84 27.17 9.09
N VAL C 46 -17.80 27.71 9.71
CA VAL C 46 -16.47 27.60 9.14
C VAL C 46 -15.58 26.69 9.96
N ASN C 47 -15.25 27.12 11.17
CA ASN C 47 -14.41 26.38 12.11
C ASN C 47 -14.19 27.13 13.43
N PRO C 48 -14.81 26.65 14.51
CA PRO C 48 -14.67 27.26 15.83
C PRO C 48 -13.21 27.27 16.29
N GLY C 49 -12.45 26.29 15.83
CA GLY C 49 -11.06 26.15 16.20
C GLY C 49 -10.20 27.32 15.74
N PHE C 50 -10.52 27.89 14.58
CA PHE C 50 -9.69 28.96 14.06
C PHE C 50 -9.86 30.24 14.90
N LEU C 51 -10.99 30.37 15.60
CA LEU C 51 -11.20 31.46 16.54
C LEU C 51 -10.31 31.24 17.77
N GLU C 52 -10.19 29.98 18.16
CA GLU C 52 -9.37 29.60 19.30
C GLU C 52 -7.90 29.87 19.01
N TYR C 53 -7.49 29.58 17.78
CA TYR C 53 -6.13 29.84 17.35
C TYR C 53 -5.81 31.31 17.43
N ARG C 54 -6.71 32.13 16.92
CA ARG C 54 -6.49 33.58 16.86
C ARG C 54 -6.34 34.15 18.27
N LYS C 55 -7.06 33.57 19.22
CA LYS C 55 -6.93 33.95 20.62
C LYS C 55 -5.54 33.67 21.20
N SER C 56 -4.77 32.80 20.54
CA SER C 56 -3.51 32.31 21.09
C SER C 56 -2.31 33.07 20.52
N VAL C 57 -2.60 34.00 19.62
CA VAL C 57 -1.57 34.78 18.96
C VAL C 57 -1.96 36.25 19.02
N THR C 58 -3.00 36.54 19.79
CA THR C 58 -3.43 37.91 20.04
C THR C 58 -3.70 38.12 21.52
N ALA C 59 -3.88 39.39 21.90
CA ALA C 59 -4.27 39.75 23.26
C ALA C 59 -5.64 40.43 23.25
N GLY C 60 -6.47 40.09 24.22
CA GLY C 60 -7.79 40.67 24.32
C GLY C 60 -8.63 40.47 23.07
N GLY C 61 -9.27 41.54 22.63
CA GLY C 61 -10.23 41.46 21.54
C GLY C 61 -9.62 41.37 20.15
N ASP C 62 -8.30 41.47 20.06
CA ASP C 62 -7.61 41.43 18.78
C ASP C 62 -7.88 40.14 17.99
N TYR C 63 -8.27 39.06 18.68
CA TYR C 63 -8.53 37.80 18.00
C TYR C 63 -9.64 37.97 16.96
N GLY C 64 -10.61 38.83 17.26
CA GLY C 64 -11.74 39.06 16.38
C GLY C 64 -11.51 40.04 15.25
N ALA C 65 -10.24 40.36 14.98
CA ALA C 65 -9.90 41.26 13.88
C ALA C 65 -10.44 40.72 12.56
N VAL C 66 -11.32 41.50 11.92
CA VAL C 66 -11.90 41.10 10.64
C VAL C 66 -11.24 41.89 9.52
N GLU C 67 -10.61 41.18 8.59
CA GLU C 67 -9.87 41.81 7.50
C GLU C 67 -10.85 42.43 6.50
N TRP C 68 -10.60 43.67 6.05
CA TRP C 68 -11.63 44.34 5.26
C TRP C 68 -11.19 44.87 3.90
N GLN C 69 -9.96 45.37 3.78
CA GLN C 69 -9.47 45.89 2.51
C GLN C 69 -7.98 46.20 2.53
N ALA C 70 -7.41 46.30 1.34
CA ALA C 70 -6.06 46.82 1.18
C ALA C 70 -6.02 48.29 1.60
N GLY C 71 -4.97 48.69 2.31
CA GLY C 71 -4.71 50.09 2.59
C GLY C 71 -3.87 50.69 1.48
N SER C 72 -2.56 50.54 1.61
CA SER C 72 -1.65 50.89 0.53
C SER C 72 -1.08 49.62 -0.09
N LEU C 73 0.07 49.71 -0.75
CA LEU C 73 0.68 48.54 -1.37
C LEU C 73 1.01 47.49 -0.33
N ASN C 74 1.54 47.92 0.81
CA ASN C 74 2.08 46.98 1.78
C ASN C 74 1.30 46.94 3.09
N THR C 75 0.07 47.45 3.06
CA THR C 75 -0.77 47.43 4.27
C THR C 75 -2.22 46.93 4.07
N LEU C 76 -2.79 46.44 5.16
CA LEU C 76 -4.16 45.90 5.21
C LEU C 76 -4.97 46.63 6.27
N VAL C 77 -6.27 46.77 6.02
CA VAL C 77 -7.14 47.51 6.93
C VAL C 77 -8.29 46.65 7.42
N ASP C 78 -8.54 46.64 8.73
CA ASP C 78 -9.60 45.80 9.28
C ASP C 78 -10.93 46.55 9.29
N THR C 79 -12.01 45.91 9.76
CA THR C 79 -13.33 46.54 9.73
C THR C 79 -13.41 47.81 10.56
N GLN C 80 -12.47 47.96 11.48
CA GLN C 80 -12.44 49.11 12.39
C GLN C 80 -11.73 50.30 11.78
N GLY C 81 -11.02 50.05 10.67
CA GLY C 81 -10.21 51.08 10.04
C GLY C 81 -8.77 51.03 10.50
N GLN C 82 -8.44 50.04 11.33
CA GLN C 82 -7.07 49.91 11.80
C GLN C 82 -6.20 49.37 10.68
N GLU C 83 -5.06 50.01 10.46
CA GLU C 83 -4.21 49.67 9.34
C GLU C 83 -2.94 48.97 9.79
N PHE C 84 -2.60 47.87 9.11
CA PHE C 84 -1.50 46.98 9.52
C PHE C 84 -0.39 46.97 8.48
N ILE C 85 0.87 47.06 8.90
CA ILE C 85 1.94 46.76 7.97
C ILE C 85 2.06 45.23 7.82
N ASP C 86 2.18 44.77 6.59
CA ASP C 86 2.08 43.34 6.33
C ASP C 86 3.46 42.68 6.24
N CYS C 87 3.84 41.96 7.28
CA CYS C 87 5.06 41.16 7.25
C CYS C 87 4.72 39.69 7.12
N LEU C 88 3.45 39.40 6.81
CA LEU C 88 3.00 38.03 6.58
C LEU C 88 2.91 37.73 5.11
N GLY C 89 2.31 38.65 4.36
CA GLY C 89 2.31 38.57 2.91
C GLY C 89 1.50 37.41 2.38
N GLY C 90 0.39 37.13 3.04
CA GLY C 90 -0.45 35.98 2.67
C GLY C 90 0.35 34.69 2.65
N PHE C 91 1.43 34.66 3.42
CA PHE C 91 2.35 33.53 3.51
C PHE C 91 3.09 33.28 2.21
N GLY C 92 3.59 34.34 1.58
CA GLY C 92 4.35 34.19 0.35
C GLY C 92 3.56 34.55 -0.90
N ILE C 93 2.35 35.10 -0.70
CA ILE C 93 1.46 35.45 -1.79
C ILE C 93 1.68 36.87 -2.35
N PHE C 94 1.79 37.84 -1.46
CA PHE C 94 1.71 39.24 -1.87
C PHE C 94 3.08 39.83 -2.21
N ASN C 95 3.76 39.21 -3.17
CA ASN C 95 5.11 39.63 -3.52
C ASN C 95 5.19 41.04 -4.11
N VAL C 96 4.14 41.46 -4.81
CA VAL C 96 4.14 42.78 -5.47
C VAL C 96 3.11 43.70 -4.80
N GLY C 97 2.84 43.44 -3.53
CA GLY C 97 1.94 44.28 -2.77
C GLY C 97 0.46 43.96 -2.96
N HIS C 98 -0.36 44.71 -2.25
CA HIS C 98 -1.79 44.50 -2.26
C HIS C 98 -2.45 45.38 -3.30
N ARG C 99 -3.29 44.77 -4.12
CA ARG C 99 -3.91 45.48 -5.22
C ARG C 99 -2.85 46.25 -5.97
N ASN C 100 -1.84 45.53 -6.45
CA ASN C 100 -0.84 46.16 -7.29
C ASN C 100 -1.54 46.69 -8.53
N PRO C 101 -1.36 47.99 -8.82
CA PRO C 101 -2.05 48.65 -9.93
C PRO C 101 -1.91 47.91 -11.27
N VAL C 102 -0.71 47.53 -11.66
CA VAL C 102 -0.53 46.86 -12.94
C VAL C 102 -1.30 45.53 -12.99
N VAL C 103 -1.33 44.84 -11.85
CA VAL C 103 -1.96 43.52 -11.74
C VAL C 103 -3.49 43.63 -11.79
N VAL C 104 -4.03 44.44 -10.90
CA VAL C 104 -5.46 44.74 -10.87
C VAL C 104 -5.95 45.17 -12.25
N SER C 105 -5.14 45.99 -12.91
CA SER C 105 -5.45 46.48 -14.25
C SER C 105 -5.64 45.33 -15.24
N ALA C 106 -4.65 44.43 -15.31
CA ALA C 106 -4.71 43.31 -16.24
C ALA C 106 -5.95 42.43 -16.02
N VAL C 107 -6.20 42.11 -14.76
CA VAL C 107 -7.34 41.30 -14.37
C VAL C 107 -8.63 41.99 -14.79
N GLN C 108 -8.73 43.27 -14.49
CA GLN C 108 -9.91 44.07 -14.83
C GLN C 108 -10.10 44.03 -16.34
N ASN C 109 -9.02 44.27 -17.06
CA ASN C 109 -9.08 44.27 -18.51
C ASN C 109 -9.52 42.92 -19.06
N GLN C 110 -9.04 41.83 -18.45
CA GLN C 110 -9.41 40.53 -18.95
C GLN C 110 -10.84 40.20 -18.57
N LEU C 111 -11.27 40.71 -17.42
CA LEU C 111 -12.62 40.47 -16.93
C LEU C 111 -13.65 41.10 -17.88
N ALA C 112 -13.22 42.12 -18.61
CA ALA C 112 -14.11 42.79 -19.56
C ALA C 112 -14.32 41.97 -20.83
N LYS C 113 -13.40 41.05 -21.09
CA LYS C 113 -13.50 40.21 -22.29
C LYS C 113 -14.12 38.86 -21.94
N GLN C 114 -13.48 38.16 -21.02
CA GLN C 114 -13.82 36.78 -20.70
C GLN C 114 -12.93 36.30 -19.57
N PRO C 115 -13.50 36.13 -18.37
CA PRO C 115 -12.75 35.71 -17.18
C PRO C 115 -12.44 34.21 -17.15
N LEU C 116 -13.42 33.38 -17.45
CA LEU C 116 -13.21 31.93 -17.55
C LEU C 116 -13.40 31.51 -18.99
N HIS C 117 -12.63 30.52 -19.41
CA HIS C 117 -12.63 30.01 -20.79
C HIS C 117 -13.49 28.72 -20.92
N SER C 118 -13.78 28.31 -22.15
CA SER C 118 -14.60 27.14 -22.39
C SER C 118 -13.87 25.82 -22.13
N GLN C 119 -12.54 25.84 -22.33
CA GLN C 119 -11.62 24.69 -22.28
C GLN C 119 -11.62 23.89 -23.59
N GLU C 120 -12.24 24.45 -24.62
CA GLU C 120 -12.29 23.76 -25.89
C GLU C 120 -11.47 24.52 -26.93
N LEU C 121 -11.83 25.77 -27.20
CA LEU C 121 -11.04 26.57 -28.13
C LEU C 121 -9.66 26.84 -27.53
N LEU C 122 -8.70 27.11 -28.40
CA LEU C 122 -7.38 27.56 -27.95
C LEU C 122 -7.51 28.88 -27.25
N ASP C 123 -6.97 28.98 -26.05
CA ASP C 123 -7.15 30.19 -25.26
C ASP C 123 -5.82 30.91 -25.12
N PRO C 124 -5.76 32.16 -25.58
CA PRO C 124 -4.51 32.89 -25.84
C PRO C 124 -3.66 33.20 -24.62
N LEU C 125 -4.25 33.49 -23.48
CA LEU C 125 -3.43 33.89 -22.34
C LEU C 125 -2.66 32.69 -21.76
N ARG C 126 -3.25 31.50 -21.87
CA ARG C 126 -2.52 30.26 -21.55
C ARG C 126 -1.27 30.17 -22.40
N ALA C 127 -1.45 30.29 -23.72
CA ALA C 127 -0.34 30.24 -24.66
C ALA C 127 0.75 31.24 -24.29
N MET C 128 0.34 32.44 -23.91
CA MET C 128 1.26 33.53 -23.64
C MET C 128 2.00 33.41 -22.33
N LEU C 129 1.28 32.97 -21.29
CA LEU C 129 1.94 32.77 -19.99
C LEU C 129 2.90 31.58 -20.08
N ALA C 130 2.57 30.59 -20.91
CA ALA C 130 3.50 29.48 -21.13
C ALA C 130 4.75 29.94 -21.87
N LYS C 131 4.60 30.81 -22.88
CA LYS C 131 5.76 31.37 -23.59
C LYS C 131 6.63 32.12 -22.60
N THR C 132 5.99 33.03 -21.88
CA THR C 132 6.64 33.88 -20.90
C THR C 132 7.40 33.07 -19.86
N LEU C 133 6.76 32.02 -19.34
CA LEU C 133 7.40 31.21 -18.30
C LEU C 133 8.57 30.42 -18.84
N ALA C 134 8.41 29.87 -20.04
CA ALA C 134 9.47 29.13 -20.71
C ALA C 134 10.72 30.01 -20.82
N ALA C 135 10.48 31.31 -21.04
CA ALA C 135 11.55 32.29 -21.24
C ALA C 135 12.12 32.78 -19.92
N LEU C 136 11.29 32.73 -18.88
CA LEU C 136 11.68 33.16 -17.54
C LEU C 136 12.41 32.06 -16.77
N THR C 137 12.35 30.82 -17.26
CA THR C 137 12.87 29.69 -16.50
C THR C 137 14.16 29.13 -17.08
N PRO C 138 15.10 28.75 -16.20
CA PRO C 138 16.39 28.13 -16.54
C PRO C 138 16.33 27.03 -17.59
N GLY C 139 17.36 27.01 -18.44
CA GLY C 139 17.63 25.95 -19.37
C GLY C 139 16.48 25.28 -20.09
N LYS C 140 16.35 23.97 -19.87
CA LYS C 140 15.45 23.15 -20.68
C LYS C 140 13.99 23.15 -20.20
N LEU C 141 13.67 23.97 -19.20
CA LEU C 141 12.30 24.10 -18.74
C LEU C 141 11.48 24.81 -19.82
N LYS C 142 10.53 24.10 -20.42
CA LYS C 142 9.90 24.54 -21.67
C LYS C 142 8.37 24.51 -21.67
N TYR C 143 7.79 23.53 -20.96
CA TYR C 143 6.34 23.29 -21.00
C TYR C 143 5.69 23.55 -19.64
N SER C 144 4.49 24.11 -19.67
CA SER C 144 3.80 24.48 -18.43
C SER C 144 2.42 23.86 -18.34
N PHE C 145 2.07 23.37 -17.17
CA PHE C 145 0.70 22.96 -16.89
C PHE C 145 0.17 23.92 -15.84
N PHE C 146 -1.04 24.44 -16.02
CA PHE C 146 -1.56 25.45 -15.11
C PHE C 146 -2.70 24.92 -14.24
N CYS C 147 -2.71 25.34 -12.98
CA CYS C 147 -3.71 24.89 -12.03
C CYS C 147 -4.06 26.00 -11.04
N ASN C 148 -4.65 25.64 -9.91
CA ASN C 148 -5.26 26.66 -9.10
C ASN C 148 -4.62 26.88 -7.76
N SER C 149 -3.60 26.10 -7.45
CA SER C 149 -2.93 26.19 -6.16
C SER C 149 -1.58 25.50 -6.17
N GLY C 150 -0.84 25.68 -5.07
CA GLY C 150 0.44 25.05 -4.89
C GLY C 150 0.35 23.55 -4.76
N THR C 151 -0.64 23.06 -4.01
CA THR C 151 -0.80 21.62 -3.89
C THR C 151 -1.14 21.01 -5.27
N GLU C 152 -1.90 21.73 -6.10
CA GLU C 152 -2.20 21.19 -7.43
C GLU C 152 -0.93 21.16 -8.30
N SER C 153 -0.11 22.20 -8.14
CA SER C 153 1.17 22.29 -8.80
C SER C 153 2.03 21.07 -8.48
N VAL C 154 2.05 20.72 -7.20
CA VAL C 154 2.81 19.57 -6.76
C VAL C 154 2.14 18.27 -7.20
N GLU C 155 0.80 18.18 -7.16
CA GLU C 155 0.14 16.97 -7.67
C GLU C 155 0.53 16.70 -9.14
N ALA C 156 0.56 17.77 -9.93
CA ALA C 156 0.90 17.66 -11.35
C ALA C 156 2.35 17.21 -11.49
N ALA C 157 3.21 17.71 -10.59
CA ALA C 157 4.62 17.39 -10.62
C ALA C 157 4.85 15.90 -10.37
N LEU C 158 4.22 15.38 -9.31
CA LEU C 158 4.29 13.96 -8.96
C LEU C 158 3.70 13.09 -10.06
N LYS C 159 2.62 13.55 -10.70
CA LYS C 159 2.04 12.78 -11.79
C LYS C 159 2.96 12.77 -13.02
N LEU C 160 3.55 13.92 -13.35
CA LEU C 160 4.49 13.97 -14.47
C LEU C 160 5.63 12.99 -14.25
N ALA C 161 6.21 13.02 -13.04
CA ALA C 161 7.29 12.12 -12.67
C ALA C 161 6.84 10.67 -12.79
N LYS C 162 5.71 10.34 -12.17
CA LYS C 162 5.09 9.01 -12.23
C LYS C 162 4.86 8.53 -13.65
N ALA C 163 4.26 9.35 -14.52
CA ALA C 163 4.00 8.92 -15.89
C ALA C 163 5.31 8.69 -16.65
N TYR C 164 6.34 9.45 -16.29
CA TYR C 164 7.60 9.35 -16.99
C TYR C 164 8.41 8.14 -16.51
N GLN C 165 8.33 7.87 -15.20
CA GLN C 165 9.19 6.90 -14.55
C GLN C 165 8.56 5.50 -14.45
N SER C 166 7.23 5.46 -14.40
CA SER C 166 6.49 4.19 -14.33
C SER C 166 6.91 3.20 -15.42
N PRO C 167 6.96 3.64 -16.70
CA PRO C 167 7.39 2.67 -17.72
C PRO C 167 8.84 2.28 -17.56
N ARG C 168 9.61 3.04 -16.80
CA ARG C 168 11.04 2.77 -16.63
C ARG C 168 11.26 1.96 -15.36
N GLY C 169 10.15 1.61 -14.70
CA GLY C 169 10.17 0.73 -13.54
C GLY C 169 10.48 1.40 -12.21
N LYS C 170 10.26 2.71 -12.11
CA LYS C 170 10.59 3.41 -10.88
C LYS C 170 9.34 4.06 -10.26
N PHE C 171 9.15 3.84 -8.97
CA PHE C 171 7.91 4.20 -8.30
C PHE C 171 8.12 4.93 -6.99
N THR C 172 9.33 4.84 -6.44
CA THR C 172 9.62 5.44 -5.15
C THR C 172 9.85 6.95 -5.26
N PHE C 173 9.35 7.69 -4.28
CA PHE C 173 9.63 9.12 -4.15
C PHE C 173 10.36 9.47 -2.85
N ILE C 174 11.36 10.35 -2.96
CA ILE C 174 12.13 10.81 -1.82
C ILE C 174 11.82 12.27 -1.56
N ALA C 175 11.42 12.57 -0.35
CA ALA C 175 11.25 13.95 0.07
C ALA C 175 12.05 14.11 1.36
N THR C 176 11.96 15.29 1.96
CA THR C 176 12.79 15.56 3.11
C THR C 176 11.93 15.86 4.32
N SER C 177 12.41 15.52 5.51
CA SER C 177 11.67 15.89 6.72
C SER C 177 11.67 17.39 6.85
N GLY C 178 10.67 17.93 7.53
CA GLY C 178 10.48 19.37 7.60
C GLY C 178 9.76 19.98 6.40
N ALA C 179 9.68 19.24 5.30
CA ALA C 179 9.18 19.78 4.03
C ALA C 179 7.68 19.99 4.02
N PHE C 180 7.26 21.03 3.31
CA PHE C 180 5.84 21.21 3.05
C PHE C 180 5.57 21.32 1.56
N HIS C 181 4.72 20.43 1.04
CA HIS C 181 4.39 20.45 -0.39
C HIS C 181 2.89 20.48 -0.71
N GLY C 182 2.04 20.62 0.29
CA GLY C 182 0.61 20.67 0.05
C GLY C 182 -0.16 19.73 0.94
N LYS C 183 -1.49 19.81 0.89
CA LYS C 183 -2.31 19.00 1.78
C LYS C 183 -3.33 18.15 1.04
N SER C 184 -3.36 18.23 -0.29
CA SER C 184 -4.08 17.24 -1.08
C SER C 184 -3.31 15.90 -0.93
N LEU C 185 -4.02 14.78 -1.01
CA LEU C 185 -3.50 13.49 -0.56
C LEU C 185 -2.24 13.00 -1.29
N GLY C 186 -2.06 13.42 -2.53
CA GLY C 186 -0.82 13.10 -3.23
C GLY C 186 0.33 13.94 -2.70
N ALA C 187 0.17 15.27 -2.70
CA ALA C 187 1.19 16.16 -2.19
C ALA C 187 1.46 15.84 -0.73
N LEU C 188 0.41 15.44 -0.01
CA LEU C 188 0.52 15.18 1.42
C LEU C 188 1.43 13.99 1.69
N SER C 189 1.58 13.12 0.70
CA SER C 189 2.46 11.98 0.83
C SER C 189 3.91 12.44 0.91
N ALA C 190 4.20 13.58 0.28
CA ALA C 190 5.57 14.11 0.23
C ALA C 190 5.82 15.04 1.41
N THR C 191 4.81 15.85 1.71
CA THR C 191 4.77 16.68 2.91
C THR C 191 5.19 15.84 4.13
N ALA C 192 5.82 16.46 5.13
CA ALA C 192 6.53 15.66 6.15
C ALA C 192 6.04 15.80 7.59
N LYS C 193 5.16 16.74 7.89
CA LYS C 193 4.80 16.93 9.28
C LYS C 193 3.90 15.80 9.76
N SER C 194 4.29 15.15 10.84
CA SER C 194 3.54 14.02 11.37
C SER C 194 2.06 14.31 11.62
N THR C 195 1.76 15.47 12.20
CA THR C 195 0.38 15.79 12.59
C THR C 195 -0.53 16.08 11.40
N PHE C 196 0.05 16.45 10.26
CA PHE C 196 -0.77 16.70 9.06
C PHE C 196 -0.99 15.40 8.28
N ARG C 197 -0.17 14.38 8.57
CA ARG C 197 -0.20 13.15 7.79
C ARG C 197 -0.96 11.99 8.43
N LYS C 198 -0.66 11.69 9.70
CA LYS C 198 -1.15 10.48 10.33
C LYS C 198 -2.66 10.22 10.21
N PRO C 199 -3.51 11.23 10.54
CA PRO C 199 -4.94 10.93 10.53
C PRO C 199 -5.46 10.46 9.17
N PHE C 200 -4.68 10.69 8.11
CA PHE C 200 -5.12 10.45 6.74
C PHE C 200 -4.39 9.27 6.09
N MET C 201 -3.55 8.58 6.85
CA MET C 201 -2.91 7.36 6.36
C MET C 201 -3.94 6.23 6.22
N PRO C 202 -3.73 5.32 5.27
CA PRO C 202 -2.55 5.22 4.39
C PRO C 202 -2.50 6.24 3.25
N LEU C 203 -1.31 6.79 3.04
CA LEU C 203 -1.08 7.72 1.94
C LEU C 203 -0.55 6.96 0.73
N LEU C 204 0.11 7.66 -0.19
CA LEU C 204 0.65 6.98 -1.34
C LEU C 204 1.73 6.02 -0.88
N PRO C 205 1.76 4.81 -1.44
CA PRO C 205 2.87 3.96 -1.01
C PRO C 205 4.20 4.43 -1.59
N GLY C 206 5.30 4.05 -0.97
CA GLY C 206 6.61 4.31 -1.55
C GLY C 206 7.10 5.74 -1.42
N PHE C 207 6.61 6.49 -0.44
CA PHE C 207 7.20 7.79 -0.17
C PHE C 207 8.08 7.73 1.08
N ARG C 208 9.32 8.19 0.92
CA ARG C 208 10.32 8.13 1.98
C ARG C 208 10.95 9.50 2.22
N HIS C 209 11.52 9.67 3.41
CA HIS C 209 12.08 10.96 3.82
C HIS C 209 13.49 10.86 4.38
N VAL C 210 14.30 11.86 4.04
CA VAL C 210 15.66 11.98 4.54
C VAL C 210 15.84 13.39 5.14
N PRO C 211 16.88 13.59 5.96
CA PRO C 211 17.05 14.94 6.51
C PRO C 211 17.31 15.96 5.39
N PHE C 212 16.72 17.15 5.51
CA PHE C 212 16.99 18.23 4.57
C PHE C 212 18.43 18.70 4.72
N GLY C 213 19.11 18.97 3.61
CA GLY C 213 20.47 19.50 3.63
C GLY C 213 21.56 18.45 3.65
N ASN C 214 21.16 17.18 3.73
CA ASN C 214 22.10 16.09 4.01
C ASN C 214 22.29 15.24 2.77
N ILE C 215 23.29 15.57 1.96
CA ILE C 215 23.45 14.91 0.66
C ILE C 215 23.77 13.41 0.83
N GLU C 216 24.50 13.09 1.89
CA GLU C 216 24.89 11.71 2.17
C GLU C 216 23.68 10.85 2.53
N ALA C 217 22.76 11.45 3.28
CA ALA C 217 21.54 10.76 3.64
C ALA C 217 20.72 10.44 2.40
N MET C 218 20.65 11.41 1.50
CA MET C 218 19.87 11.22 0.29
C MET C 218 20.48 10.12 -0.55
N ARG C 219 21.79 10.18 -0.70
CA ARG C 219 22.50 9.21 -1.51
C ARG C 219 22.23 7.81 -1.00
N THR C 220 22.26 7.67 0.33
CA THR C 220 22.03 6.40 0.98
C THR C 220 20.61 5.90 0.66
N ALA C 221 19.65 6.82 0.62
CA ALA C 221 18.26 6.46 0.34
C ALA C 221 18.11 5.89 -1.05
N LEU C 222 18.70 6.58 -2.03
CA LEU C 222 18.63 6.21 -3.42
C LEU C 222 19.37 4.91 -3.71
N ASN C 223 20.57 4.79 -3.10
CA ASN C 223 21.37 3.61 -3.28
C ASN C 223 20.69 2.38 -2.68
N GLU C 224 20.19 2.49 -1.46
CA GLU C 224 19.47 1.36 -0.84
C GLU C 224 18.23 0.99 -1.66
N CYS C 225 17.45 1.98 -2.10
CA CYS C 225 16.31 1.70 -2.99
C CYS C 225 16.75 1.00 -4.28
N LYS C 226 17.91 1.37 -4.80
CA LYS C 226 18.43 0.72 -6.00
C LYS C 226 18.66 -0.76 -5.68
N LYS C 227 19.29 -1.02 -4.55
CA LYS C 227 19.66 -2.40 -4.16
C LYS C 227 18.47 -3.33 -4.01
N THR C 228 17.39 -2.83 -3.41
CA THR C 228 16.22 -3.65 -3.07
C THR C 228 15.22 -3.69 -4.22
N GLY C 229 15.55 -3.04 -5.32
CA GLY C 229 14.68 -3.02 -6.50
C GLY C 229 13.49 -2.11 -6.30
N ASP C 230 13.64 -1.15 -5.40
CA ASP C 230 12.61 -0.16 -5.11
C ASP C 230 13.07 1.19 -5.65
N ASP C 231 13.65 1.18 -6.85
CA ASP C 231 14.31 2.37 -7.39
C ASP C 231 13.49 3.65 -7.31
N VAL C 232 14.19 4.75 -7.05
CA VAL C 232 13.59 6.07 -6.86
C VAL C 232 13.17 6.74 -8.18
N ALA C 233 11.92 7.18 -8.24
CA ALA C 233 11.39 7.86 -9.41
C ALA C 233 11.83 9.34 -9.42
N ALA C 234 11.68 9.99 -8.28
CA ALA C 234 12.02 11.40 -8.19
C ALA C 234 12.38 11.80 -6.76
N VAL C 235 13.06 12.93 -6.65
CA VAL C 235 13.35 13.59 -5.37
C VAL C 235 12.59 14.93 -5.41
N ILE C 236 11.88 15.26 -4.35
CA ILE C 236 11.13 16.50 -4.34
C ILE C 236 11.63 17.28 -3.15
N LEU C 237 12.00 18.54 -3.38
CA LEU C 237 12.36 19.39 -2.26
C LEU C 237 12.15 20.85 -2.59
N GLU C 238 11.95 21.63 -1.53
CA GLU C 238 12.03 23.09 -1.57
C GLU C 238 13.49 23.52 -1.60
N PRO C 239 13.81 24.60 -2.33
CA PRO C 239 15.18 25.12 -2.23
C PRO C 239 15.47 25.66 -0.82
N ILE C 240 14.43 26.17 -0.17
CA ILE C 240 14.53 26.63 1.21
C ILE C 240 13.23 26.25 1.92
N GLN C 241 13.32 25.51 3.01
CA GLN C 241 12.12 25.04 3.67
C GLN C 241 11.38 26.23 4.30
N GLY C 242 10.17 26.51 3.80
CA GLY C 242 9.38 27.61 4.28
C GLY C 242 8.64 27.28 5.57
N GLU C 243 7.63 26.42 5.45
CA GLU C 243 6.83 26.06 6.60
C GLU C 243 7.63 25.33 7.66
N GLY C 244 8.80 24.82 7.27
CA GLY C 244 9.71 24.21 8.22
C GLY C 244 10.37 25.22 9.14
N GLY C 245 10.29 26.50 8.77
CA GLY C 245 10.84 27.58 9.56
C GLY C 245 12.02 28.31 8.93
N VAL C 246 11.98 28.48 7.61
CA VAL C 246 13.06 29.12 6.86
C VAL C 246 14.37 28.39 7.14
N ILE C 247 14.50 27.18 6.60
CA ILE C 247 15.74 26.43 6.75
C ILE C 247 16.52 26.48 5.46
N LEU C 248 17.67 27.13 5.52
CA LEU C 248 18.55 27.20 4.38
C LEU C 248 19.46 25.98 4.44
N PRO C 249 19.66 25.32 3.30
CA PRO C 249 20.57 24.19 3.21
C PRO C 249 22.01 24.67 3.10
N PRO C 250 23.00 23.77 3.25
CA PRO C 250 24.40 24.14 3.03
C PRO C 250 24.68 24.51 1.59
N PRO C 251 25.71 25.33 1.36
CA PRO C 251 26.17 25.72 0.02
C PRO C 251 26.41 24.53 -0.89
N GLY C 252 25.84 24.55 -2.09
CA GLY C 252 26.09 23.50 -3.06
C GLY C 252 25.14 22.31 -2.97
N TYR C 253 24.28 22.30 -1.95
CA TYR C 253 23.35 21.19 -1.73
C TYR C 253 22.44 20.97 -2.93
N LEU C 254 21.79 22.03 -3.42
CA LEU C 254 20.91 21.91 -4.57
C LEU C 254 21.69 21.39 -5.77
N THR C 255 22.90 21.91 -5.94
CA THR C 255 23.76 21.45 -7.02
C THR C 255 24.07 19.96 -6.83
N ALA C 256 24.38 19.60 -5.60
CA ALA C 256 24.63 18.22 -5.24
C ALA C 256 23.39 17.32 -5.46
N VAL C 257 22.21 17.80 -5.07
CA VAL C 257 21.00 16.99 -5.28
C VAL C 257 20.77 16.73 -6.77
N ARG C 258 20.94 17.78 -7.57
CA ARG C 258 20.90 17.67 -9.03
C ARG C 258 21.87 16.61 -9.56
N LYS C 259 23.11 16.62 -9.09
CA LYS C 259 24.11 15.65 -9.56
C LYS C 259 23.75 14.23 -9.09
N LEU C 260 23.24 14.14 -7.86
CA LEU C 260 22.77 12.87 -7.32
C LEU C 260 21.59 12.31 -8.14
N CYS C 261 20.61 13.16 -8.46
CA CYS C 261 19.50 12.73 -9.31
C CYS C 261 19.98 12.27 -10.70
N ASP C 262 20.89 13.03 -11.31
CA ASP C 262 21.44 12.64 -12.62
C ASP C 262 22.12 11.28 -12.56
N GLU C 263 22.85 11.03 -11.47
CA GLU C 263 23.60 9.79 -11.28
C GLU C 263 22.69 8.60 -11.18
N PHE C 264 21.53 8.79 -10.54
CA PHE C 264 20.65 7.65 -10.30
C PHE C 264 19.54 7.51 -11.35
N GLY C 265 19.36 8.51 -12.20
CA GLY C 265 18.27 8.49 -13.16
C GLY C 265 16.95 8.77 -12.46
N ALA C 266 16.99 9.67 -11.48
CA ALA C 266 15.79 10.15 -10.82
C ALA C 266 15.46 11.52 -11.35
N LEU C 267 14.18 11.89 -11.33
CA LEU C 267 13.79 13.26 -11.68
C LEU C 267 13.95 14.16 -10.45
N MET C 268 14.36 15.41 -10.68
CA MET C 268 14.48 16.39 -9.63
C MET C 268 13.31 17.36 -9.70
N ILE C 269 12.48 17.37 -8.65
CA ILE C 269 11.38 18.32 -8.58
C ILE C 269 11.72 19.41 -7.58
N LEU C 270 11.58 20.67 -8.00
CA LEU C 270 11.77 21.79 -7.10
C LEU C 270 10.45 22.49 -6.79
N ASP C 271 10.10 22.49 -5.51
CA ASP C 271 8.92 23.16 -5.01
C ASP C 271 9.27 24.62 -4.71
N GLU C 272 8.93 25.52 -5.62
CA GLU C 272 9.20 26.95 -5.41
C GLU C 272 7.91 27.74 -5.25
N VAL C 273 6.86 27.03 -4.82
CA VAL C 273 5.59 27.63 -4.48
C VAL C 273 5.75 28.80 -3.50
N GLN C 274 6.62 28.67 -2.50
CA GLN C 274 6.86 29.76 -1.56
C GLN C 274 8.11 30.59 -1.88
N THR C 275 9.15 29.95 -2.40
CA THR C 275 10.41 30.66 -2.63
C THR C 275 10.43 31.41 -3.96
N GLY C 276 9.48 31.10 -4.83
CA GLY C 276 9.51 31.63 -6.18
C GLY C 276 9.01 33.07 -6.32
N MET C 277 8.96 33.52 -7.57
CA MET C 277 8.48 34.87 -7.90
C MET C 277 9.24 35.95 -7.15
N GLY C 278 10.54 35.79 -7.08
CA GLY C 278 11.42 36.85 -6.61
C GLY C 278 11.73 36.92 -5.14
N ARG C 279 11.00 36.17 -4.31
CA ARG C 279 11.03 36.39 -2.86
C ARG C 279 12.44 36.31 -2.24
N THR C 280 13.28 35.38 -2.68
CA THR C 280 14.57 35.17 -2.04
C THR C 280 15.73 35.93 -2.69
N GLY C 281 15.40 36.91 -3.53
CA GLY C 281 16.43 37.75 -4.12
C GLY C 281 16.69 37.48 -5.61
N LYS C 282 16.28 36.31 -6.08
CA LYS C 282 16.26 36.05 -7.52
C LYS C 282 14.83 35.68 -7.88
N MET C 283 14.50 35.66 -9.18
CA MET C 283 13.18 35.23 -9.62
C MET C 283 12.86 33.85 -9.03
N PHE C 284 13.76 32.89 -9.21
CA PHE C 284 13.65 31.55 -8.64
C PHE C 284 14.85 31.23 -7.76
N ALA C 285 14.62 30.63 -6.60
CA ALA C 285 15.71 30.36 -5.66
C ALA C 285 16.74 29.42 -6.25
N CYS C 286 16.34 28.63 -7.24
CA CYS C 286 17.27 27.72 -7.88
C CYS C 286 18.28 28.45 -8.76
N GLU C 287 18.18 29.78 -8.81
CA GLU C 287 19.09 30.55 -9.63
C GLU C 287 20.26 31.06 -8.82
N HIS C 288 20.21 30.80 -7.51
CA HIS C 288 21.32 31.10 -6.61
C HIS C 288 22.47 30.12 -6.79
N GLU C 289 22.18 28.89 -7.19
CA GLU C 289 23.21 27.89 -7.45
C GLU C 289 23.23 27.58 -8.93
N ASN C 290 22.35 28.29 -9.64
CA ASN C 290 22.00 28.00 -11.02
C ASN C 290 21.71 26.51 -11.28
N VAL C 291 20.71 25.98 -10.59
CA VAL C 291 20.26 24.61 -10.77
C VAL C 291 19.02 24.55 -11.66
N GLN C 292 18.98 23.60 -12.58
CA GLN C 292 17.80 23.36 -13.37
C GLN C 292 17.14 22.04 -12.95
N PRO C 293 16.02 22.12 -12.26
CA PRO C 293 15.25 20.92 -11.93
C PRO C 293 14.63 20.30 -13.18
N ASP C 294 14.13 19.08 -13.09
CA ASP C 294 13.40 18.52 -14.23
C ASP C 294 11.98 19.08 -14.21
N ILE C 295 11.49 19.34 -13.01
CA ILE C 295 10.16 19.89 -12.83
C ILE C 295 10.21 20.95 -11.74
N LEU C 296 9.49 22.05 -11.96
CA LEU C 296 9.52 23.18 -11.06
C LEU C 296 8.11 23.56 -10.72
N CYS C 297 7.82 23.72 -9.45
CA CYS C 297 6.46 24.02 -9.03
C CYS C 297 6.33 25.47 -8.62
N LEU C 298 5.33 26.14 -9.18
CA LEU C 298 5.07 27.53 -8.86
C LEU C 298 3.62 27.74 -8.42
N ALA C 299 3.41 28.73 -7.55
CA ALA C 299 2.08 29.14 -7.14
C ALA C 299 2.19 30.40 -6.28
N LYS C 300 1.26 30.55 -5.35
CA LYS C 300 1.22 31.68 -4.42
C LYS C 300 1.42 33.00 -5.16
N ALA C 301 2.62 33.56 -5.07
CA ALA C 301 2.92 34.87 -5.63
C ALA C 301 2.77 34.96 -7.15
N LEU C 302 2.67 33.82 -7.83
CA LEU C 302 2.47 33.84 -9.28
C LEU C 302 1.15 34.54 -9.68
N GLY C 303 0.18 34.56 -8.77
CA GLY C 303 -1.11 35.17 -9.09
C GLY C 303 -1.17 36.64 -8.72
N GLY C 304 0.01 37.20 -8.43
CA GLY C 304 0.16 38.60 -8.10
C GLY C 304 -0.63 39.09 -6.91
N GLY C 305 -1.11 38.16 -6.08
CA GLY C 305 -1.89 38.52 -4.93
C GLY C 305 -3.27 38.99 -5.36
N VAL C 306 -3.63 38.72 -6.60
CA VAL C 306 -4.98 39.00 -7.04
C VAL C 306 -5.73 37.71 -7.36
N MET C 307 -5.08 36.81 -8.11
CA MET C 307 -5.69 35.54 -8.49
C MET C 307 -5.03 34.30 -7.85
N PRO C 308 -5.83 33.25 -7.61
CA PRO C 308 -5.26 31.94 -7.29
C PRO C 308 -4.71 31.32 -8.56
N ILE C 309 -3.51 30.75 -8.50
CA ILE C 309 -2.91 30.07 -9.63
C ILE C 309 -1.77 29.18 -9.17
N GLY C 310 -1.55 28.09 -9.89
CA GLY C 310 -0.35 27.28 -9.74
C GLY C 310 0.18 26.93 -11.13
N ALA C 311 1.49 26.81 -11.27
CA ALA C 311 2.07 26.37 -12.52
C ALA C 311 3.11 25.28 -12.28
N THR C 312 3.08 24.25 -13.13
CA THR C 312 4.05 23.17 -13.08
C THR C 312 4.78 23.13 -14.41
N ILE C 313 6.09 23.32 -14.35
CA ILE C 313 6.89 23.54 -15.54
C ILE C 313 7.93 22.45 -15.64
N ALA C 314 8.12 21.89 -16.85
CA ALA C 314 9.05 20.78 -16.99
C ALA C 314 9.77 20.79 -18.33
N THR C 315 10.85 20.01 -18.41
CA THR C 315 11.55 19.82 -19.67
C THR C 315 10.59 19.19 -20.65
N GLU C 316 10.82 19.40 -21.95
CA GLU C 316 10.07 18.69 -22.97
C GLU C 316 10.19 17.19 -22.78
N GLU C 317 11.39 16.74 -22.40
CA GLU C 317 11.66 15.32 -22.23
C GLU C 317 10.65 14.71 -21.26
N VAL C 318 10.42 15.37 -20.14
CA VAL C 318 9.48 14.91 -19.11
C VAL C 318 8.03 15.21 -19.45
N PHE C 319 7.77 16.45 -19.87
CA PHE C 319 6.40 16.88 -20.13
C PHE C 319 5.80 16.15 -21.31
N SER C 320 6.65 15.53 -22.13
CA SER C 320 6.15 14.85 -23.31
C SER C 320 5.28 13.64 -22.98
N VAL C 321 5.25 13.23 -21.71
CA VAL C 321 4.39 12.12 -21.33
C VAL C 321 2.90 12.51 -21.47
N LEU C 322 2.64 13.81 -21.62
CA LEU C 322 1.27 14.32 -21.75
C LEU C 322 0.84 14.61 -23.21
N PHE C 323 1.69 14.27 -24.19
CA PHE C 323 1.41 14.66 -25.58
C PHE C 323 0.47 13.73 -26.33
N ASP C 324 0.71 12.43 -26.25
CA ASP C 324 -0.14 11.45 -26.93
C ASP C 324 -1.58 11.54 -26.47
N ASN C 325 -1.74 11.89 -25.21
CA ASN C 325 -3.07 12.01 -24.66
C ASN C 325 -3.16 13.24 -23.78
N PRO C 326 -3.55 14.38 -24.36
CA PRO C 326 -3.53 15.64 -23.60
C PRO C 326 -4.62 15.73 -22.54
N PHE C 327 -5.42 14.68 -22.39
CA PHE C 327 -6.45 14.66 -21.35
C PHE C 327 -6.02 13.78 -20.20
N LEU C 328 -4.79 13.28 -20.29
CA LEU C 328 -4.26 12.41 -19.25
C LEU C 328 -4.18 13.14 -17.92
N HIS C 329 -3.83 14.42 -17.98
CA HIS C 329 -3.94 15.26 -16.80
C HIS C 329 -4.57 16.61 -17.14
N THR C 330 -5.65 16.92 -16.44
CA THR C 330 -6.37 18.17 -16.66
C THR C 330 -6.89 18.75 -15.35
N THR C 331 -7.44 19.95 -15.46
CA THR C 331 -8.09 20.64 -14.35
C THR C 331 -9.07 21.66 -14.92
N THR C 332 -10.27 21.70 -14.38
CA THR C 332 -11.36 22.51 -14.95
C THR C 332 -11.02 24.00 -15.19
N PHE C 333 -10.57 24.66 -14.13
CA PHE C 333 -10.31 26.10 -14.14
C PHE C 333 -8.87 26.46 -14.55
N GLY C 334 -8.00 25.46 -14.71
CA GLY C 334 -6.57 25.74 -14.82
C GLY C 334 -6.15 26.59 -16.00
N GLY C 335 -5.45 27.69 -15.72
CA GLY C 335 -4.94 28.56 -16.76
C GLY C 335 -6.04 29.38 -17.39
N ASN C 336 -7.12 29.61 -16.66
CA ASN C 336 -8.20 30.46 -17.10
C ASN C 336 -7.67 31.89 -17.34
N PRO C 337 -8.35 32.66 -18.20
CA PRO C 337 -7.82 33.99 -18.60
C PRO C 337 -7.51 34.94 -17.45
N LEU C 338 -8.36 35.00 -16.42
CA LEU C 338 -8.06 35.90 -15.29
C LEU C 338 -6.73 35.56 -14.61
N ALA C 339 -6.54 34.28 -14.31
CA ALA C 339 -5.36 33.84 -13.59
C ALA C 339 -4.11 34.08 -14.44
N CYS C 340 -4.24 33.89 -15.74
CA CYS C 340 -3.14 34.15 -16.66
C CYS C 340 -2.77 35.64 -16.69
N ALA C 341 -3.77 36.49 -16.88
CA ALA C 341 -3.55 37.93 -16.92
C ALA C 341 -2.85 38.35 -15.63
N ALA C 342 -3.33 37.84 -14.51
CA ALA C 342 -2.74 38.17 -13.23
C ALA C 342 -1.27 37.76 -13.22
N ALA C 343 -0.98 36.54 -13.65
CA ALA C 343 0.40 36.06 -13.63
C ALA C 343 1.30 36.86 -14.58
N LEU C 344 0.81 37.11 -15.80
CA LEU C 344 1.56 37.91 -16.78
C LEU C 344 1.90 39.29 -16.24
N ALA C 345 0.92 39.95 -15.63
CA ALA C 345 1.14 41.25 -15.01
C ALA C 345 2.21 41.17 -13.92
N THR C 346 2.10 40.14 -13.09
CA THR C 346 3.05 39.95 -12.00
C THR C 346 4.44 39.75 -12.53
N ILE C 347 4.55 38.97 -13.61
CA ILE C 347 5.86 38.72 -14.19
C ILE C 347 6.45 40.04 -14.71
N ASN C 348 5.58 40.90 -15.23
CA ASN C 348 6.02 42.15 -15.80
C ASN C 348 6.46 43.11 -14.69
N VAL C 349 5.60 43.31 -13.70
CA VAL C 349 5.96 44.08 -12.53
C VAL C 349 7.31 43.69 -11.92
N LEU C 350 7.51 42.38 -11.66
CA LEU C 350 8.74 41.89 -11.03
C LEU C 350 9.99 42.29 -11.79
N LEU C 351 9.95 42.11 -13.10
CA LEU C 351 11.12 42.38 -13.93
C LEU C 351 11.34 43.88 -14.03
N GLU C 352 10.27 44.61 -14.36
CA GLU C 352 10.31 46.05 -14.54
C GLU C 352 10.95 46.79 -13.37
N GLN C 353 10.42 46.55 -12.18
CA GLN C 353 10.85 47.29 -11.00
C GLN C 353 12.01 46.58 -10.30
N ASN C 354 12.58 45.61 -11.01
CA ASN C 354 13.66 44.76 -10.49
C ASN C 354 13.43 44.33 -9.04
N LEU C 355 12.23 43.85 -8.75
CA LEU C 355 11.86 43.50 -7.39
C LEU C 355 12.66 42.32 -6.79
N PRO C 356 13.18 41.40 -7.64
CA PRO C 356 14.07 40.42 -6.99
C PRO C 356 15.32 41.06 -6.37
N ALA C 357 15.87 42.09 -6.99
CA ALA C 357 17.03 42.77 -6.43
C ALA C 357 16.63 43.56 -5.19
N GLN C 358 15.41 44.06 -5.17
CA GLN C 358 14.91 44.76 -4.01
C GLN C 358 14.76 43.82 -2.82
N ALA C 359 14.37 42.58 -3.09
CA ALA C 359 14.18 41.60 -2.02
C ALA C 359 15.51 41.29 -1.37
N GLU C 360 16.54 41.20 -2.19
CA GLU C 360 17.90 40.98 -1.71
C GLU C 360 18.28 42.09 -0.74
N GLN C 361 18.13 43.33 -1.18
CA GLN C 361 18.56 44.46 -0.38
C GLN C 361 17.70 44.69 0.84
N LYS C 362 16.39 44.62 0.67
CA LYS C 362 15.49 44.90 1.80
C LYS C 362 15.53 43.75 2.78
N GLY C 363 15.77 42.55 2.26
CA GLY C 363 15.93 41.37 3.10
C GLY C 363 17.24 41.40 3.87
N ASP C 364 18.32 41.75 3.18
CA ASP C 364 19.60 41.97 3.85
C ASP C 364 19.45 42.99 4.97
N MET C 365 18.80 44.12 4.68
CA MET C 365 18.58 45.13 5.71
C MET C 365 17.79 44.59 6.89
N LEU C 366 16.62 44.01 6.61
CA LEU C 366 15.75 43.53 7.67
C LEU C 366 16.38 42.43 8.51
N LEU C 367 16.96 41.42 7.86
CA LEU C 367 17.58 40.31 8.59
C LEU C 367 18.68 40.82 9.50
N ASP C 368 19.48 41.73 8.96
CA ASP C 368 20.59 42.33 9.70
C ASP C 368 20.10 43.01 10.99
N GLY C 369 19.02 43.77 10.88
CA GLY C 369 18.40 44.35 12.05
C GLY C 369 17.80 43.33 12.99
N PHE C 370 17.24 42.27 12.43
CA PHE C 370 16.68 41.19 13.24
C PHE C 370 17.78 40.45 13.98
N ARG C 371 18.86 40.15 13.27
CA ARG C 371 20.00 39.49 13.87
C ARG C 371 20.56 40.35 14.99
N GLN C 372 20.56 41.66 14.78
CA GLN C 372 20.98 42.60 15.82
C GLN C 372 20.09 42.52 17.05
N LEU C 373 18.78 42.46 16.83
CA LEU C 373 17.83 42.30 17.93
C LEU C 373 18.03 40.96 18.60
N ALA C 374 18.43 39.96 17.83
CA ALA C 374 18.69 38.64 18.35
C ALA C 374 19.84 38.73 19.37
N ARG C 375 20.87 39.49 19.01
CA ARG C 375 22.02 39.68 19.89
C ARG C 375 21.64 40.40 21.19
N GLU C 376 20.81 41.43 21.07
CA GLU C 376 20.39 42.23 22.22
C GLU C 376 19.39 41.50 23.10
N TYR C 377 18.61 40.60 22.50
CA TYR C 377 17.60 39.87 23.28
C TYR C 377 17.75 38.35 23.24
N PRO C 378 18.92 37.82 23.66
CA PRO C 378 19.10 36.36 23.68
C PRO C 378 18.27 35.76 24.80
N ASP C 379 17.91 36.67 25.70
CA ASP C 379 16.82 36.55 26.65
C ASP C 379 15.56 35.84 26.10
N LEU C 380 15.20 36.15 24.86
CA LEU C 380 13.95 35.65 24.28
C LEU C 380 14.17 34.96 22.93
N VAL C 381 15.15 35.45 22.18
CA VAL C 381 15.38 35.06 20.80
C VAL C 381 16.53 34.04 20.61
N GLN C 382 16.23 32.89 20.00
CA GLN C 382 17.27 31.93 19.64
C GLN C 382 18.17 32.45 18.52
N GLU C 383 17.56 32.80 17.38
CA GLU C 383 18.28 33.40 16.25
C GLU C 383 17.36 33.89 15.13
N ALA C 384 17.97 34.53 14.14
CA ALA C 384 17.24 35.06 13.00
C ALA C 384 17.90 34.60 11.71
N ARG C 385 17.13 34.02 10.80
CA ARG C 385 17.71 33.57 9.55
C ARG C 385 16.85 34.01 8.37
N GLY C 386 17.39 33.87 7.17
CA GLY C 386 16.67 34.27 5.98
C GLY C 386 17.49 34.36 4.71
N LYS C 387 16.78 34.59 3.61
CA LYS C 387 17.38 34.83 2.32
C LYS C 387 16.39 35.70 1.55
N GLY C 388 16.85 36.86 1.08
CA GLY C 388 15.97 37.85 0.50
C GLY C 388 14.87 38.17 1.49
N MET C 389 13.64 38.31 1.01
CA MET C 389 12.52 38.67 1.88
C MET C 389 11.81 37.47 2.54
N LEU C 390 12.42 36.29 2.48
CA LEU C 390 11.97 35.13 3.25
C LEU C 390 12.83 34.97 4.51
N MET C 391 12.22 35.22 5.67
CA MET C 391 12.96 35.34 6.92
C MET C 391 12.21 34.76 8.09
N ALA C 392 12.96 34.44 9.15
CA ALA C 392 12.37 33.91 10.37
C ALA C 392 13.08 34.42 11.60
N ILE C 393 12.32 34.64 12.66
CA ILE C 393 12.93 34.78 13.97
C ILE C 393 12.55 33.54 14.78
N GLU C 394 13.56 32.80 15.25
CA GLU C 394 13.30 31.65 16.12
C GLU C 394 13.46 32.06 17.58
N PHE C 395 12.42 31.82 18.37
CA PHE C 395 12.47 32.17 19.78
C PHE C 395 12.83 30.95 20.61
N VAL C 396 13.14 31.19 21.87
CA VAL C 396 13.62 30.13 22.74
C VAL C 396 12.47 29.25 23.21
N ASP C 397 11.26 29.79 23.19
CA ASP C 397 10.08 29.05 23.64
C ASP C 397 9.09 28.78 22.51
N ASN C 398 7.92 28.30 22.88
CA ASN C 398 6.77 28.33 21.98
C ASN C 398 5.94 29.55 22.31
N GLU C 399 5.77 29.80 23.61
CA GLU C 399 5.00 30.92 24.12
C GLU C 399 5.56 32.27 23.66
N ILE C 400 6.86 32.47 23.86
CA ILE C 400 7.54 33.70 23.46
C ILE C 400 7.23 34.08 22.00
N GLY C 401 7.21 33.08 21.13
CA GLY C 401 6.86 33.29 19.75
C GLY C 401 5.44 33.78 19.59
N TYR C 402 4.53 33.25 20.40
CA TYR C 402 3.15 33.70 20.40
C TYR C 402 3.02 35.08 21.07
N ASN C 403 3.81 35.30 22.12
CA ASN C 403 3.95 36.61 22.72
C ASN C 403 4.34 37.66 21.69
N PHE C 404 5.41 37.36 20.96
CA PHE C 404 5.91 38.22 19.89
C PHE C 404 4.86 38.51 18.82
N ALA C 405 4.17 37.47 18.38
CA ALA C 405 3.08 37.65 17.43
C ALA C 405 2.02 38.59 18.01
N SER C 406 1.60 38.30 19.24
CA SER C 406 0.59 39.10 19.91
C SER C 406 1.01 40.55 20.08
N GLU C 407 2.25 40.76 20.50
CA GLU C 407 2.80 42.10 20.67
C GLU C 407 2.87 42.86 19.35
N MET C 408 3.38 42.23 18.30
CA MET C 408 3.52 42.87 17.01
C MET C 408 2.14 43.28 16.46
N PHE C 409 1.13 42.44 16.72
CA PHE C 409 -0.22 42.71 16.26
C PHE C 409 -0.72 43.95 16.98
N ARG C 410 -0.47 44.01 18.27
CA ARG C 410 -0.78 45.19 19.07
C ARG C 410 -0.15 46.45 18.45
N GLN C 411 1.05 46.33 17.88
CA GLN C 411 1.67 47.48 17.22
C GLN C 411 1.37 47.52 15.73
N ARG C 412 0.25 46.93 15.34
CA ARG C 412 -0.27 47.00 13.99
C ARG C 412 0.76 46.57 12.95
N VAL C 413 1.47 45.48 13.25
CA VAL C 413 2.35 44.81 12.27
C VAL C 413 1.97 43.33 12.16
N LEU C 414 1.68 42.88 10.96
CA LEU C 414 1.16 41.53 10.76
C LEU C 414 2.29 40.51 10.61
N VAL C 415 2.35 39.57 11.55
CA VAL C 415 3.23 38.42 11.46
C VAL C 415 2.46 37.16 11.85
N ALA C 416 2.95 35.99 11.44
CA ALA C 416 2.32 34.74 11.88
C ALA C 416 3.40 33.67 12.01
N GLY C 417 3.02 32.49 12.49
CA GLY C 417 3.97 31.38 12.66
C GLY C 417 4.10 30.47 11.45
N THR C 418 4.92 29.42 11.58
CA THR C 418 5.15 28.46 10.50
C THR C 418 4.56 27.08 10.83
N LEU C 419 4.03 26.42 9.81
CA LEU C 419 3.25 25.18 9.98
C LEU C 419 4.06 24.04 10.60
N ASN C 420 5.37 24.00 10.34
CA ASN C 420 6.18 22.86 10.77
C ASN C 420 7.16 23.18 11.89
N ASN C 421 7.16 24.43 12.36
CA ASN C 421 8.01 24.85 13.48
C ASN C 421 7.25 25.74 14.46
N ALA C 422 7.07 25.30 15.70
CA ALA C 422 6.26 26.05 16.66
C ALA C 422 7.04 27.12 17.41
N LYS C 423 8.34 27.19 17.14
CA LYS C 423 9.17 28.19 17.80
C LYS C 423 9.47 29.39 16.89
N THR C 424 9.08 29.28 15.63
CA THR C 424 9.48 30.26 14.64
C THR C 424 8.33 31.20 14.20
N ILE C 425 8.63 32.50 14.16
CA ILE C 425 7.75 33.51 13.57
C ILE C 425 8.36 33.94 12.24
N ARG C 426 7.58 33.91 11.19
CA ARG C 426 8.11 34.26 9.87
C ARG C 426 8.02 35.75 9.65
N ILE C 427 8.90 36.26 8.79
CA ILE C 427 8.80 37.65 8.36
C ILE C 427 8.83 37.66 6.85
N GLU C 428 7.66 37.84 6.25
CA GLU C 428 7.50 37.58 4.82
C GLU C 428 6.74 38.70 4.12
N PRO C 429 7.30 39.92 4.12
CA PRO C 429 6.57 41.09 3.68
C PRO C 429 6.50 41.17 2.16
N PRO C 430 5.62 42.02 1.61
CA PRO C 430 5.67 42.32 0.19
C PRO C 430 7.07 42.78 -0.25
N LEU C 431 7.52 42.38 -1.43
CA LEU C 431 8.84 42.83 -1.91
C LEU C 431 8.81 44.34 -2.19
N THR C 432 7.61 44.90 -2.10
CA THR C 432 7.39 46.31 -2.34
C THR C 432 7.41 47.11 -1.06
N LEU C 433 7.74 46.44 0.06
CA LEU C 433 7.82 47.12 1.34
C LEU C 433 8.77 48.32 1.22
N THR C 434 8.30 49.51 1.55
CA THR C 434 9.14 50.70 1.44
C THR C 434 10.21 50.70 2.52
N ILE C 435 11.35 51.34 2.23
CA ILE C 435 12.47 51.40 3.16
C ILE C 435 12.04 51.92 4.53
N GLU C 436 11.23 52.98 4.51
CA GLU C 436 10.66 53.51 5.74
C GLU C 436 9.95 52.40 6.52
N GLN C 437 9.11 51.63 5.83
CA GLN C 437 8.31 50.58 6.45
C GLN C 437 9.18 49.50 7.10
N CYS C 438 10.34 49.23 6.51
CA CYS C 438 11.34 48.34 7.11
C CYS C 438 11.81 48.82 8.49
N GLU C 439 12.22 50.09 8.55
CA GLU C 439 12.66 50.68 9.82
C GLU C 439 11.56 50.61 10.88
N LEU C 440 10.33 50.86 10.46
CA LEU C 440 9.20 50.74 11.37
C LEU C 440 9.08 49.28 11.87
N VAL C 441 9.30 48.32 10.97
CA VAL C 441 9.17 46.91 11.33
C VAL C 441 10.18 46.53 12.40
N ILE C 442 11.43 46.93 12.21
CA ILE C 442 12.49 46.69 13.18
C ILE C 442 12.19 47.42 14.48
N LYS C 443 11.73 48.67 14.33
CA LYS C 443 11.30 49.50 15.44
C LYS C 443 10.25 48.77 16.29
N ALA C 444 9.23 48.23 15.62
CA ALA C 444 8.16 47.48 16.26
C ALA C 444 8.67 46.16 16.86
N ALA C 445 9.56 45.51 16.12
CA ALA C 445 10.19 44.29 16.59
C ALA C 445 10.92 44.57 17.90
N ARG C 446 11.72 45.65 17.94
CA ARG C 446 12.41 46.08 19.16
C ARG C 446 11.43 46.38 20.29
N LYS C 447 10.44 47.22 20.01
CA LYS C 447 9.41 47.56 20.99
C LYS C 447 8.77 46.32 21.62
N ALA C 448 8.40 45.35 20.78
CA ALA C 448 7.78 44.10 21.25
C ALA C 448 8.72 43.27 22.13
N LEU C 449 9.95 43.10 21.67
CA LEU C 449 10.93 42.34 22.43
C LEU C 449 11.14 42.99 23.80
N ALA C 450 11.09 44.32 23.83
CA ALA C 450 11.20 45.06 25.08
C ALA C 450 10.02 44.74 26.02
N ALA C 451 8.81 44.86 25.48
CA ALA C 451 7.58 44.58 26.23
C ALA C 451 7.57 43.17 26.78
N MET C 452 8.02 42.23 25.95
CA MET C 452 8.09 40.83 26.32
C MET C 452 9.10 40.58 27.44
N ARG C 453 10.18 41.36 27.44
CA ARG C 453 11.21 41.24 28.47
C ARG C 453 10.66 41.63 29.83
N VAL C 454 9.93 42.75 29.88
CA VAL C 454 9.40 43.25 31.13
C VAL C 454 8.20 42.42 31.57
N SER C 455 7.57 41.72 30.63
CA SER C 455 6.44 40.85 30.99
C SER C 455 6.92 39.73 31.89
N VAL C 456 8.08 39.18 31.57
CA VAL C 456 8.68 38.11 32.36
C VAL C 456 9.09 38.63 33.74
N GLU C 457 9.66 39.84 33.75
CA GLU C 457 10.22 40.41 34.97
C GLU C 457 9.14 40.93 35.91
N GLU C 458 6.77 39.17 35.75
CA GLU C 458 5.90 40.11 36.44
C GLU C 458 5.22 39.40 37.60
N ALA D 8 13.57 35.95 -27.45
CA ALA D 8 12.57 36.83 -26.88
C ALA D 8 12.50 36.68 -25.35
N SER D 9 12.91 37.73 -24.62
CA SER D 9 13.06 37.66 -23.17
C SER D 9 11.72 37.71 -22.45
N ALA D 10 11.70 37.34 -21.17
CA ALA D 10 10.44 37.22 -20.44
C ALA D 10 9.72 38.56 -20.42
N LEU D 11 10.50 39.62 -20.22
CA LEU D 11 9.98 40.98 -20.10
C LEU D 11 9.23 41.40 -21.35
N ALA D 12 9.84 41.16 -22.51
CA ALA D 12 9.19 41.44 -23.78
C ALA D 12 7.87 40.66 -23.90
N CYS D 13 7.87 39.39 -23.49
CA CYS D 13 6.69 38.54 -23.62
C CYS D 13 5.54 39.02 -22.73
N SER D 14 5.83 39.28 -21.47
CA SER D 14 4.81 39.82 -20.59
C SER D 14 4.29 41.15 -21.14
N ALA D 15 5.19 41.97 -21.67
CA ALA D 15 4.81 43.26 -22.26
C ALA D 15 3.91 43.06 -23.46
N HIS D 16 4.31 42.18 -24.36
CA HIS D 16 3.47 41.82 -25.49
C HIS D 16 2.14 41.27 -24.99
N ALA D 17 2.17 40.54 -23.87
CA ALA D 17 0.98 39.87 -23.37
C ALA D 17 0.01 40.87 -22.75
N LEU D 18 0.54 41.82 -21.99
CA LEU D 18 -0.31 42.82 -21.34
C LEU D 18 -1.03 43.72 -22.36
N ASN D 19 -0.36 44.04 -23.46
CA ASN D 19 -0.99 44.89 -24.48
C ASN D 19 -2.15 44.17 -25.13
N LEU D 20 -1.94 42.88 -25.41
CA LEU D 20 -3.00 42.05 -25.93
C LEU D 20 -4.19 42.08 -24.98
N ILE D 21 -3.91 41.95 -23.69
CA ILE D 21 -4.95 41.92 -22.67
C ILE D 21 -5.75 43.23 -22.66
N GLU D 22 -5.09 44.34 -22.98
CA GLU D 22 -5.75 45.66 -22.94
C GLU D 22 -6.49 46.01 -24.22
N LYS D 23 -6.12 45.40 -25.34
CA LYS D 23 -6.95 45.46 -26.55
C LYS D 23 -8.34 44.89 -26.30
N ARG D 24 -9.30 45.25 -27.14
CA ARG D 24 -10.63 44.68 -27.04
C ARG D 24 -11.11 44.22 -28.41
N THR D 25 -10.49 44.75 -29.44
CA THR D 25 -10.72 44.26 -30.80
C THR D 25 -9.40 44.11 -31.53
N LEU D 26 -9.42 43.36 -32.62
CA LEU D 26 -8.21 43.07 -33.37
C LEU D 26 -8.42 43.38 -34.84
N ASP D 27 -7.49 44.10 -35.46
CA ASP D 27 -7.57 44.28 -36.90
C ASP D 27 -7.07 42.99 -37.52
N HIS D 28 -7.24 42.84 -38.83
CA HIS D 28 -7.02 41.55 -39.48
C HIS D 28 -5.61 41.02 -39.27
N GLU D 29 -4.60 41.87 -39.42
CA GLU D 29 -3.23 41.39 -39.30
C GLU D 29 -2.86 41.10 -37.85
N GLU D 30 -3.32 41.93 -36.93
CA GLU D 30 -3.20 41.62 -35.49
C GLU D 30 -3.83 40.26 -35.17
N MET D 31 -4.94 39.97 -35.82
CA MET D 31 -5.66 38.73 -35.59
C MET D 31 -4.93 37.57 -36.23
N LYS D 32 -4.47 37.74 -37.47
CA LYS D 32 -3.75 36.66 -38.15
C LYS D 32 -2.46 36.35 -37.40
N ALA D 33 -1.85 37.39 -36.84
CA ALA D 33 -0.60 37.23 -36.10
C ALA D 33 -0.84 36.57 -34.76
N LEU D 34 -1.87 37.01 -34.04
CA LEU D 34 -2.20 36.39 -32.76
C LEU D 34 -2.48 34.89 -32.91
N ASN D 35 -3.20 34.51 -33.97
CA ASN D 35 -3.56 33.12 -34.16
C ASN D 35 -2.34 32.23 -34.31
N ARG D 36 -1.41 32.59 -35.19
CA ARG D 36 -0.24 31.75 -35.40
C ARG D 36 0.62 31.68 -34.14
N GLU D 37 0.65 32.76 -33.35
CA GLU D 37 1.35 32.77 -32.06
C GLU D 37 0.80 31.72 -31.11
N VAL D 38 -0.53 31.72 -31.02
CA VAL D 38 -1.24 30.86 -30.07
C VAL D 38 -1.05 29.40 -30.45
N ILE D 39 -1.12 29.11 -31.73
CA ILE D 39 -0.91 27.76 -32.20
C ILE D 39 0.53 27.33 -31.94
N GLU D 40 1.48 28.15 -32.37
CA GLU D 40 2.90 27.91 -32.17
C GLU D 40 3.23 27.69 -30.70
N TYR D 41 2.77 28.60 -29.85
CA TYR D 41 3.06 28.50 -28.43
C TYR D 41 2.32 27.29 -27.81
N PHE D 42 1.16 26.91 -28.35
CA PHE D 42 0.52 25.69 -27.87
C PHE D 42 1.41 24.49 -28.22
N LYS D 43 1.97 24.51 -29.42
CA LYS D 43 2.85 23.43 -29.86
C LYS D 43 4.13 23.36 -29.03
N GLU D 44 4.70 24.52 -28.73
CA GLU D 44 6.03 24.55 -28.13
C GLU D 44 6.03 24.65 -26.61
N HIS D 45 4.95 25.13 -26.02
CA HIS D 45 4.95 25.36 -24.57
C HIS D 45 3.69 24.93 -23.80
N VAL D 46 2.64 24.47 -24.48
CA VAL D 46 1.47 24.01 -23.74
C VAL D 46 1.32 22.50 -23.90
N ASN D 47 0.90 22.08 -25.09
CA ASN D 47 0.72 20.68 -25.42
C ASN D 47 0.33 20.55 -26.88
N PRO D 48 1.27 20.09 -27.72
CA PRO D 48 1.02 19.86 -29.15
C PRO D 48 -0.14 18.87 -29.38
N GLY D 49 -0.34 17.96 -28.43
CA GLY D 49 -1.43 17.00 -28.51
C GLY D 49 -2.83 17.60 -28.43
N PHE D 50 -2.94 18.78 -27.81
CA PHE D 50 -4.24 19.45 -27.81
C PHE D 50 -4.59 19.94 -29.20
N LEU D 51 -3.59 20.38 -29.95
CA LEU D 51 -3.81 20.82 -31.32
C LEU D 51 -4.34 19.66 -32.15
N GLU D 52 -3.76 18.47 -31.93
CA GLU D 52 -4.20 17.27 -32.63
C GLU D 52 -5.63 16.85 -32.27
N TYR D 53 -5.96 16.86 -30.98
CA TYR D 53 -7.34 16.56 -30.56
C TYR D 53 -8.35 17.52 -31.16
N ARG D 54 -8.03 18.81 -31.11
CA ARG D 54 -8.88 19.85 -31.68
C ARG D 54 -9.12 19.57 -33.16
N LYS D 55 -8.11 19.04 -33.85
CA LYS D 55 -8.21 18.71 -35.27
C LYS D 55 -9.20 17.58 -35.54
N SER D 56 -9.19 16.53 -34.71
CA SER D 56 -10.03 15.36 -34.92
C SER D 56 -11.51 15.64 -34.65
N VAL D 57 -11.81 16.79 -34.07
CA VAL D 57 -13.18 17.15 -33.76
C VAL D 57 -13.64 18.41 -34.50
N THR D 58 -12.83 18.86 -35.46
CA THR D 58 -13.17 20.00 -36.29
C THR D 58 -12.95 19.71 -37.77
N ALA D 59 -13.22 20.71 -38.61
CA ALA D 59 -12.98 20.62 -40.05
C ALA D 59 -12.15 21.83 -40.49
N GLY D 60 -11.09 21.57 -41.24
CA GLY D 60 -10.23 22.65 -41.73
C GLY D 60 -9.51 23.37 -40.61
N GLY D 61 -9.27 24.67 -40.80
CA GLY D 61 -8.56 25.48 -39.82
C GLY D 61 -9.42 25.88 -38.63
N ASP D 62 -10.60 25.27 -38.53
CA ASP D 62 -11.48 25.45 -37.37
C ASP D 62 -10.83 24.95 -36.08
N TYR D 63 -9.97 23.95 -36.17
CA TYR D 63 -9.31 23.39 -34.99
C TYR D 63 -8.61 24.50 -34.21
N GLY D 64 -8.01 25.43 -34.94
CA GLY D 64 -7.27 26.53 -34.36
C GLY D 64 -8.08 27.79 -34.08
N ALA D 65 -9.41 27.66 -33.95
CA ALA D 65 -10.24 28.75 -33.46
C ALA D 65 -9.70 29.21 -32.12
N VAL D 66 -9.38 30.50 -32.02
CA VAL D 66 -8.82 31.07 -30.80
C VAL D 66 -9.87 31.91 -30.11
N GLU D 67 -10.22 31.60 -28.87
CA GLU D 67 -11.32 32.36 -28.26
C GLU D 67 -10.84 33.67 -27.64
N TRP D 68 -11.68 34.69 -27.76
CA TRP D 68 -11.28 36.06 -27.50
C TRP D 68 -12.14 36.71 -26.41
N GLN D 69 -13.46 36.58 -26.52
CA GLN D 69 -14.33 37.19 -25.50
C GLN D 69 -15.72 36.55 -25.44
N ALA D 70 -16.46 36.83 -24.38
CA ALA D 70 -17.88 36.49 -24.34
C ALA D 70 -18.65 37.47 -25.23
N GLY D 71 -19.60 36.96 -26.00
CA GLY D 71 -20.40 37.80 -26.87
C GLY D 71 -21.66 38.26 -26.15
N SER D 72 -22.28 37.32 -25.47
CA SER D 72 -23.51 37.55 -24.70
C SER D 72 -23.49 36.51 -23.59
N LEU D 73 -24.51 36.50 -22.74
CA LEU D 73 -24.63 35.47 -21.70
C LEU D 73 -24.36 34.05 -22.17
N ASN D 74 -24.80 33.74 -23.39
CA ASN D 74 -24.81 32.38 -23.88
C ASN D 74 -23.93 32.15 -25.10
N THR D 75 -23.16 33.15 -25.51
CA THR D 75 -22.32 32.98 -26.68
C THR D 75 -20.87 33.39 -26.47
N LEU D 76 -20.01 32.84 -27.33
CA LEU D 76 -18.57 33.07 -27.29
C LEU D 76 -18.10 33.55 -28.66
N VAL D 77 -17.12 34.46 -28.67
CA VAL D 77 -16.61 35.02 -29.91
C VAL D 77 -15.12 34.70 -30.04
N ASP D 78 -14.70 34.16 -31.19
CA ASP D 78 -13.29 33.85 -31.38
C ASP D 78 -12.56 35.09 -31.90
N THR D 79 -11.28 34.98 -32.19
CA THR D 79 -10.50 36.16 -32.60
C THR D 79 -10.94 36.70 -33.97
N GLN D 80 -11.73 35.93 -34.70
CA GLN D 80 -12.17 36.35 -36.03
C GLN D 80 -13.54 37.02 -35.99
N GLY D 81 -14.06 37.26 -34.80
CA GLY D 81 -15.37 37.86 -34.63
C GLY D 81 -16.53 36.90 -34.81
N GLN D 82 -16.24 35.61 -34.90
CA GLN D 82 -17.31 34.64 -35.12
C GLN D 82 -17.93 34.17 -33.80
N GLU D 83 -19.26 34.20 -33.77
CA GLU D 83 -20.00 34.02 -32.53
C GLU D 83 -20.59 32.61 -32.43
N PHE D 84 -20.32 31.92 -31.32
CA PHE D 84 -20.80 30.56 -31.11
C PHE D 84 -21.84 30.54 -30.02
N ILE D 85 -22.95 29.83 -30.26
CA ILE D 85 -23.86 29.48 -29.18
C ILE D 85 -23.14 28.44 -28.31
N ASP D 86 -23.13 28.66 -27.00
CA ASP D 86 -22.35 27.78 -26.13
C ASP D 86 -23.18 26.63 -25.59
N CYS D 87 -23.03 25.44 -26.17
CA CYS D 87 -23.70 24.25 -25.64
C CYS D 87 -22.75 23.34 -24.86
N LEU D 88 -21.55 23.85 -24.61
CA LEU D 88 -20.56 23.11 -23.84
C LEU D 88 -20.61 23.57 -22.39
N GLY D 89 -20.88 24.86 -22.20
CA GLY D 89 -21.02 25.45 -20.89
C GLY D 89 -19.77 25.33 -20.05
N GLY D 90 -18.63 25.17 -20.72
CA GLY D 90 -17.37 24.95 -20.02
C GLY D 90 -17.44 23.70 -19.17
N PHE D 91 -18.18 22.70 -19.65
CA PHE D 91 -18.32 21.40 -18.96
C PHE D 91 -19.02 21.54 -17.61
N GLY D 92 -19.95 22.49 -17.49
CA GLY D 92 -20.72 22.65 -16.27
C GLY D 92 -20.36 23.88 -15.43
N ILE D 93 -19.60 24.80 -16.00
CA ILE D 93 -19.19 26.01 -15.29
C ILE D 93 -20.16 27.20 -15.44
N PHE D 94 -20.65 27.40 -16.66
CA PHE D 94 -21.30 28.67 -16.99
C PHE D 94 -22.81 28.65 -16.80
N ASN D 95 -23.26 28.05 -15.72
CA ASN D 95 -24.67 27.92 -15.42
C ASN D 95 -25.46 29.23 -15.47
N VAL D 96 -24.82 30.33 -15.07
CA VAL D 96 -25.54 31.60 -15.02
C VAL D 96 -25.07 32.50 -16.14
N GLY D 97 -24.50 31.88 -17.18
CA GLY D 97 -24.08 32.58 -18.38
C GLY D 97 -22.64 33.07 -18.36
N HIS D 98 -22.17 33.54 -19.51
CA HIS D 98 -20.86 34.16 -19.55
C HIS D 98 -20.96 35.62 -19.08
N ARG D 99 -20.06 35.98 -18.17
CA ARG D 99 -19.96 37.33 -17.65
C ARG D 99 -21.30 37.86 -17.14
N ASN D 100 -22.03 37.02 -16.39
CA ASN D 100 -23.29 37.46 -15.80
C ASN D 100 -23.09 38.77 -15.02
N PRO D 101 -23.88 39.80 -15.38
CA PRO D 101 -23.70 41.15 -14.84
C PRO D 101 -23.61 41.18 -13.30
N VAL D 102 -24.49 40.45 -12.63
CA VAL D 102 -24.55 40.42 -11.17
C VAL D 102 -23.28 39.81 -10.55
N VAL D 103 -22.77 38.76 -11.18
CA VAL D 103 -21.55 38.12 -10.68
C VAL D 103 -20.33 38.97 -10.96
N VAL D 104 -20.25 39.53 -12.16
CA VAL D 104 -19.15 40.41 -12.51
C VAL D 104 -19.08 41.60 -11.56
N SER D 105 -20.24 42.21 -11.31
CA SER D 105 -20.32 43.36 -10.42
C SER D 105 -19.79 43.03 -9.02
N ALA D 106 -20.26 41.91 -8.49
CA ALA D 106 -19.81 41.42 -7.19
C ALA D 106 -18.29 41.25 -7.15
N VAL D 107 -17.73 40.61 -8.18
CA VAL D 107 -16.28 40.43 -8.24
C VAL D 107 -15.57 41.78 -8.40
N GLN D 108 -16.18 42.67 -9.19
CA GLN D 108 -15.65 44.00 -9.46
C GLN D 108 -15.54 44.81 -8.19
N ASN D 109 -16.65 44.83 -7.46
CA ASN D 109 -16.69 45.53 -6.17
C ASN D 109 -15.69 44.99 -5.18
N GLN D 110 -15.58 43.67 -5.09
CA GLN D 110 -14.70 43.11 -4.07
C GLN D 110 -13.23 43.34 -4.44
N LEU D 111 -12.93 43.33 -5.73
CA LEU D 111 -11.57 43.59 -6.22
C LEU D 111 -11.12 45.01 -5.83
N ALA D 112 -12.07 45.94 -5.75
CA ALA D 112 -11.75 47.31 -5.37
C ALA D 112 -11.37 47.38 -3.89
N LYS D 113 -11.80 46.39 -3.11
CA LYS D 113 -11.40 46.31 -1.71
C LYS D 113 -10.22 45.35 -1.55
N GLN D 114 -10.47 44.06 -1.71
CA GLN D 114 -9.45 43.06 -1.46
C GLN D 114 -9.77 41.77 -2.22
N PRO D 115 -8.93 41.42 -3.20
CA PRO D 115 -9.15 40.18 -3.97
C PRO D 115 -8.78 38.92 -3.19
N LEU D 116 -7.54 38.88 -2.66
CA LEU D 116 -7.05 37.76 -1.86
C LEU D 116 -6.82 38.21 -0.43
N HIS D 117 -7.07 37.33 0.53
CA HIS D 117 -6.93 37.65 1.94
C HIS D 117 -5.57 37.22 2.49
N SER D 118 -5.28 37.63 3.73
CA SER D 118 -4.01 37.30 4.37
C SER D 118 -4.00 35.87 4.93
N GLN D 119 -5.19 35.26 4.98
CA GLN D 119 -5.43 33.98 5.64
C GLN D 119 -5.08 33.98 7.13
N GLU D 120 -4.68 35.13 7.67
CA GLU D 120 -4.45 35.21 9.11
C GLU D 120 -5.68 35.75 9.83
N LEU D 121 -6.17 36.91 9.41
CA LEU D 121 -7.37 37.51 9.99
C LEU D 121 -8.67 36.79 9.60
N LEU D 122 -9.72 36.96 10.38
CA LEU D 122 -11.04 36.47 10.00
C LEU D 122 -11.51 37.21 8.75
N ASP D 123 -11.79 36.49 7.67
CA ASP D 123 -12.27 37.14 6.45
C ASP D 123 -13.81 37.04 6.36
N PRO D 124 -14.45 38.18 6.09
CA PRO D 124 -15.91 38.30 6.22
C PRO D 124 -16.70 37.48 5.20
N LEU D 125 -16.26 37.39 3.95
CA LEU D 125 -17.07 36.74 2.93
C LEU D 125 -17.07 35.21 3.06
N ARG D 126 -15.95 34.64 3.46
CA ARG D 126 -15.89 33.22 3.82
C ARG D 126 -17.02 32.91 4.79
N ALA D 127 -17.09 33.70 5.86
CA ALA D 127 -18.18 33.54 6.84
C ALA D 127 -19.55 33.59 6.17
N MET D 128 -19.74 34.61 5.32
CA MET D 128 -21.02 34.83 4.65
C MET D 128 -21.37 33.72 3.66
N LEU D 129 -20.38 33.19 2.94
CA LEU D 129 -20.63 32.11 1.98
C LEU D 129 -20.91 30.79 2.70
N ALA D 130 -20.34 30.66 3.90
CA ALA D 130 -20.50 29.45 4.69
C ALA D 130 -21.91 29.45 5.26
N LYS D 131 -22.33 30.60 5.80
CA LYS D 131 -23.68 30.78 6.30
C LYS D 131 -24.66 30.49 5.16
N THR D 132 -24.40 31.05 3.99
CA THR D 132 -25.30 30.97 2.86
C THR D 132 -25.43 29.54 2.33
N LEU D 133 -24.31 28.82 2.31
CA LEU D 133 -24.31 27.45 1.83
C LEU D 133 -24.99 26.54 2.85
N ALA D 134 -24.77 26.84 4.14
CA ALA D 134 -25.50 26.17 5.21
C ALA D 134 -26.99 26.28 4.93
N ALA D 135 -27.46 27.51 4.70
CA ALA D 135 -28.86 27.75 4.39
C ALA D 135 -29.30 27.03 3.09
N LEU D 136 -28.45 27.04 2.07
CA LEU D 136 -28.83 26.49 0.77
C LEU D 136 -28.95 24.97 0.77
N THR D 137 -28.14 24.31 1.59
CA THR D 137 -27.99 22.86 1.51
C THR D 137 -28.95 22.06 2.39
N PRO D 138 -29.31 20.84 1.92
CA PRO D 138 -30.22 19.94 2.64
C PRO D 138 -29.78 19.60 4.06
N GLY D 139 -30.73 19.59 4.98
CA GLY D 139 -30.58 18.94 6.26
C GLY D 139 -29.46 19.40 7.18
N LYS D 140 -28.64 18.43 7.62
CA LYS D 140 -27.60 18.67 8.62
C LYS D 140 -26.25 19.11 8.05
N LEU D 141 -26.18 19.41 6.76
CA LEU D 141 -24.95 19.95 6.19
C LEU D 141 -24.79 21.39 6.69
N LYS D 142 -23.74 21.63 7.47
CA LYS D 142 -23.61 22.85 8.27
C LYS D 142 -22.30 23.63 8.07
N TYR D 143 -21.24 22.90 7.74
CA TYR D 143 -19.89 23.49 7.68
C TYR D 143 -19.24 23.38 6.32
N SER D 144 -18.59 24.45 5.90
CA SER D 144 -18.00 24.51 4.57
C SER D 144 -16.48 24.69 4.60
N PHE D 145 -15.77 23.85 3.87
CA PHE D 145 -14.36 24.12 3.60
C PHE D 145 -14.25 24.66 2.19
N PHE D 146 -13.52 25.76 2.01
CA PHE D 146 -13.40 26.34 0.69
C PHE D 146 -12.05 26.02 0.06
N CYS D 147 -12.09 25.70 -1.22
CA CYS D 147 -10.89 25.41 -1.99
C CYS D 147 -11.03 26.00 -3.39
N ASN D 148 -10.18 25.55 -4.32
CA ASN D 148 -10.13 26.19 -5.63
C ASN D 148 -10.61 25.38 -6.82
N SER D 149 -11.05 24.15 -6.59
CA SER D 149 -11.38 23.28 -7.72
C SER D 149 -12.19 22.08 -7.32
N GLY D 150 -12.75 21.41 -8.32
CA GLY D 150 -13.45 20.15 -8.14
C GLY D 150 -12.61 19.06 -7.50
N THR D 151 -11.36 18.93 -7.94
CA THR D 151 -10.54 17.84 -7.44
C THR D 151 -10.12 18.16 -5.99
N GLU D 152 -9.83 19.42 -5.68
CA GLU D 152 -9.53 19.82 -4.30
C GLU D 152 -10.71 19.59 -3.37
N SER D 153 -11.90 19.91 -3.87
CA SER D 153 -13.15 19.66 -3.17
C SER D 153 -13.30 18.20 -2.74
N VAL D 154 -12.95 17.29 -3.65
CA VAL D 154 -13.03 15.86 -3.39
C VAL D 154 -11.90 15.42 -2.47
N GLU D 155 -10.72 15.99 -2.65
CA GLU D 155 -9.61 15.74 -1.71
C GLU D 155 -10.05 16.04 -0.29
N ALA D 156 -10.77 17.15 -0.13
CA ALA D 156 -11.21 17.59 1.18
C ALA D 156 -12.21 16.57 1.73
N ALA D 157 -13.12 16.10 0.88
CA ALA D 157 -14.13 15.14 1.31
C ALA D 157 -13.45 13.87 1.76
N LEU D 158 -12.45 13.43 1.03
CA LEU D 158 -11.81 12.16 1.34
C LEU D 158 -11.09 12.26 2.68
N LYS D 159 -10.53 13.44 2.95
CA LYS D 159 -9.73 13.68 4.14
C LYS D 159 -10.62 13.79 5.39
N LEU D 160 -11.76 14.47 5.24
CA LEU D 160 -12.79 14.45 6.28
C LEU D 160 -13.22 13.01 6.58
N ALA D 161 -13.60 12.25 5.55
CA ALA D 161 -13.99 10.87 5.77
C ALA D 161 -12.88 10.08 6.50
N LYS D 162 -11.63 10.20 6.04
CA LYS D 162 -10.47 9.52 6.65
C LYS D 162 -10.28 9.89 8.12
N ALA D 163 -10.28 11.18 8.40
CA ALA D 163 -10.04 11.68 9.75
C ALA D 163 -11.14 11.25 10.71
N TYR D 164 -12.36 11.14 10.19
CA TYR D 164 -13.49 10.72 11.01
C TYR D 164 -13.48 9.21 11.16
N GLN D 165 -13.09 8.50 10.12
CA GLN D 165 -13.29 7.05 10.09
C GLN D 165 -12.11 6.23 10.57
N SER D 166 -10.88 6.72 10.35
CA SER D 166 -9.72 5.91 10.73
C SER D 166 -9.63 5.65 12.26
N PRO D 167 -10.01 6.63 13.11
CA PRO D 167 -10.05 6.23 14.53
C PRO D 167 -11.17 5.22 14.83
N ARG D 168 -12.05 4.98 13.86
CA ARG D 168 -13.13 4.00 14.02
C ARG D 168 -12.78 2.69 13.30
N GLY D 169 -11.54 2.63 12.82
CA GLY D 169 -11.01 1.44 12.19
C GLY D 169 -11.51 1.15 10.80
N LYS D 170 -12.07 2.15 10.11
CA LYS D 170 -12.50 1.97 8.71
C LYS D 170 -11.64 2.80 7.74
N PHE D 171 -11.11 2.14 6.71
CA PHE D 171 -10.14 2.74 5.79
C PHE D 171 -10.51 2.55 4.33
N THR D 172 -11.41 1.62 4.04
CA THR D 172 -11.81 1.37 2.67
C THR D 172 -12.79 2.41 2.10
N PHE D 173 -12.50 2.89 0.89
CA PHE D 173 -13.39 3.76 0.13
C PHE D 173 -13.98 3.03 -1.08
N ILE D 174 -15.30 3.12 -1.27
CA ILE D 174 -15.94 2.51 -2.44
C ILE D 174 -16.43 3.60 -3.41
N ALA D 175 -16.06 3.48 -4.66
CA ALA D 175 -16.58 4.36 -5.71
C ALA D 175 -17.21 3.48 -6.78
N THR D 176 -17.59 4.06 -7.91
CA THR D 176 -18.23 3.30 -8.97
C THR D 176 -17.46 3.38 -10.28
N SER D 177 -17.54 2.38 -11.13
CA SER D 177 -16.88 2.47 -12.42
C SER D 177 -17.61 3.53 -13.23
N GLY D 178 -16.93 4.14 -14.19
CA GLY D 178 -17.57 5.23 -14.90
C GLY D 178 -17.40 6.57 -14.17
N ALA D 179 -16.98 6.53 -12.90
CA ALA D 179 -16.92 7.72 -12.06
C ALA D 179 -15.77 8.65 -12.41
N PHE D 180 -16.04 9.94 -12.43
CA PHE D 180 -14.98 10.93 -12.50
C PHE D 180 -15.06 11.83 -11.29
N HIS D 181 -13.97 11.92 -10.54
CA HIS D 181 -13.97 12.62 -9.27
C HIS D 181 -12.79 13.60 -9.11
N GLY D 182 -11.99 13.77 -10.15
CA GLY D 182 -10.85 14.66 -10.10
C GLY D 182 -9.59 13.94 -10.49
N LYS D 183 -8.51 14.70 -10.74
CA LYS D 183 -7.30 14.10 -11.29
C LYS D 183 -6.07 14.23 -10.39
N SER D 184 -6.22 14.91 -9.26
CA SER D 184 -5.14 14.87 -8.29
C SER D 184 -5.18 13.46 -7.70
N LEU D 185 -4.06 13.01 -7.13
CA LEU D 185 -3.85 11.59 -6.83
C LEU D 185 -4.85 11.00 -5.82
N GLY D 186 -5.28 11.82 -4.85
CA GLY D 186 -6.31 11.37 -3.92
C GLY D 186 -7.61 11.15 -4.67
N ALA D 187 -8.08 12.18 -5.38
CA ALA D 187 -9.31 12.06 -6.12
C ALA D 187 -9.20 10.98 -7.22
N LEU D 188 -8.06 10.93 -7.89
CA LEU D 188 -7.82 9.95 -8.95
C LEU D 188 -8.03 8.52 -8.43
N SER D 189 -7.80 8.32 -7.13
CA SER D 189 -8.00 7.00 -6.55
C SER D 189 -9.47 6.56 -6.63
N ALA D 190 -10.40 7.51 -6.51
CA ALA D 190 -11.82 7.22 -6.69
C ALA D 190 -12.22 7.25 -8.17
N THR D 191 -11.70 8.23 -8.90
CA THR D 191 -11.93 8.33 -10.34
C THR D 191 -11.70 6.96 -10.97
N ALA D 192 -12.58 6.52 -11.87
CA ALA D 192 -12.59 5.11 -12.24
C ALA D 192 -12.00 4.73 -13.62
N LYS D 193 -11.74 5.69 -14.49
CA LYS D 193 -11.29 5.36 -15.84
C LYS D 193 -9.84 4.80 -15.89
N SER D 194 -9.71 3.60 -16.43
CA SER D 194 -8.41 2.91 -16.53
C SER D 194 -7.25 3.80 -17.04
N THR D 195 -7.45 4.34 -18.24
CA THR D 195 -6.54 5.25 -18.90
C THR D 195 -5.99 6.36 -18.01
N PHE D 196 -6.89 6.98 -17.25
CA PHE D 196 -6.54 8.09 -16.37
C PHE D 196 -5.77 7.64 -15.12
N ARG D 197 -5.74 6.34 -14.86
CA ARG D 197 -5.23 5.84 -13.59
C ARG D 197 -3.90 5.13 -13.70
N LYS D 198 -3.81 4.16 -14.62
CA LYS D 198 -2.68 3.26 -14.68
C LYS D 198 -1.29 3.90 -14.69
N PRO D 199 -1.04 4.94 -15.51
CA PRO D 199 0.33 5.45 -15.49
C PRO D 199 0.77 6.03 -14.14
N PHE D 200 -0.17 6.23 -13.22
CA PHE D 200 0.14 6.86 -11.96
C PHE D 200 0.05 5.91 -10.77
N MET D 201 -0.26 4.65 -11.06
CA MET D 201 -0.22 3.63 -10.01
C MET D 201 1.20 3.43 -9.47
N PRO D 202 1.32 3.14 -8.17
CA PRO D 202 0.21 2.89 -7.23
C PRO D 202 -0.52 4.14 -6.74
N LEU D 203 -1.84 4.06 -6.66
CA LEU D 203 -2.65 5.14 -6.10
C LEU D 203 -2.86 4.89 -4.60
N LEU D 204 -3.80 5.59 -3.98
CA LEU D 204 -4.12 5.30 -2.59
C LEU D 204 -4.59 3.87 -2.45
N PRO D 205 -4.08 3.15 -1.46
CA PRO D 205 -4.62 1.81 -1.22
C PRO D 205 -6.03 1.85 -0.66
N GLY D 206 -6.75 0.74 -0.76
CA GLY D 206 -8.04 0.63 -0.09
C GLY D 206 -9.21 1.31 -0.77
N PHE D 207 -9.03 1.64 -2.05
CA PHE D 207 -10.11 2.11 -2.91
C PHE D 207 -10.59 0.98 -3.81
N ARG D 208 -11.92 0.80 -3.90
CA ARG D 208 -12.53 -0.27 -4.69
C ARG D 208 -13.74 0.25 -5.45
N HIS D 209 -14.12 -0.43 -6.51
CA HIS D 209 -15.20 0.08 -7.36
C HIS D 209 -16.29 -0.96 -7.63
N VAL D 210 -17.54 -0.53 -7.55
CA VAL D 210 -18.71 -1.34 -7.89
C VAL D 210 -19.42 -0.69 -9.08
N PRO D 211 -20.32 -1.42 -9.78
CA PRO D 211 -20.98 -0.75 -10.89
C PRO D 211 -21.88 0.41 -10.41
N PHE D 212 -21.88 1.49 -11.17
CA PHE D 212 -22.73 2.63 -10.85
C PHE D 212 -24.22 2.25 -10.95
N GLY D 213 -25.04 2.79 -10.06
CA GLY D 213 -26.48 2.60 -10.15
C GLY D 213 -26.95 1.22 -9.73
N ASN D 214 -26.08 0.44 -9.08
CA ASN D 214 -26.39 -0.96 -8.73
C ASN D 214 -26.26 -1.21 -7.25
N ILE D 215 -27.34 -1.07 -6.48
CA ILE D 215 -27.25 -1.24 -5.02
C ILE D 215 -26.94 -2.69 -4.62
N GLU D 216 -27.35 -3.65 -5.44
CA GLU D 216 -27.04 -5.05 -5.17
C GLU D 216 -25.50 -5.25 -5.06
N ALA D 217 -24.79 -4.81 -6.09
CA ALA D 217 -23.32 -4.90 -6.11
C ALA D 217 -22.68 -4.11 -4.97
N MET D 218 -23.18 -2.91 -4.69
CA MET D 218 -22.61 -2.11 -3.62
C MET D 218 -22.83 -2.80 -2.28
N ARG D 219 -24.01 -3.37 -2.07
CA ARG D 219 -24.29 -3.98 -0.78
C ARG D 219 -23.31 -5.13 -0.50
N THR D 220 -23.06 -5.92 -1.53
CA THR D 220 -22.10 -7.01 -1.45
C THR D 220 -20.70 -6.50 -1.15
N ALA D 221 -20.32 -5.40 -1.80
CA ALA D 221 -19.03 -4.80 -1.53
C ALA D 221 -18.87 -4.51 -0.05
N LEU D 222 -19.85 -3.85 0.55
CA LEU D 222 -19.70 -3.45 1.95
C LEU D 222 -19.71 -4.68 2.85
N ASN D 223 -20.57 -5.64 2.53
CA ASN D 223 -20.69 -6.85 3.32
C ASN D 223 -19.38 -7.62 3.40
N GLU D 224 -18.73 -7.76 2.25
CA GLU D 224 -17.50 -8.50 2.15
C GLU D 224 -16.37 -7.77 2.87
N CYS D 225 -16.32 -6.44 2.70
CA CYS D 225 -15.35 -5.62 3.39
C CYS D 225 -15.49 -5.77 4.91
N LYS D 226 -16.73 -5.84 5.38
CA LYS D 226 -16.96 -6.09 6.81
C LYS D 226 -16.47 -7.47 7.24
N LYS D 227 -16.77 -8.50 6.47
CA LYS D 227 -16.42 -9.85 6.90
C LYS D 227 -14.90 -9.98 7.08
N THR D 228 -14.14 -9.33 6.22
CA THR D 228 -12.70 -9.50 6.22
C THR D 228 -11.98 -8.43 7.03
N GLY D 229 -12.72 -7.52 7.69
CA GLY D 229 -12.09 -6.50 8.52
C GLY D 229 -11.50 -5.36 7.69
N ASP D 230 -11.99 -5.20 6.47
CA ASP D 230 -11.58 -4.08 5.63
C ASP D 230 -12.76 -3.13 5.48
N ASP D 231 -13.38 -2.85 6.62
CA ASP D 231 -14.63 -2.08 6.70
C ASP D 231 -14.59 -0.79 5.93
N VAL D 232 -15.72 -0.48 5.30
CA VAL D 232 -15.85 0.67 4.40
C VAL D 232 -16.00 2.00 5.16
N ALA D 233 -15.15 2.96 4.82
CA ALA D 233 -15.17 4.26 5.50
C ALA D 233 -16.21 5.17 4.86
N ALA D 234 -16.29 5.13 3.54
CA ALA D 234 -17.22 5.99 2.83
C ALA D 234 -17.54 5.44 1.44
N VAL D 235 -18.70 5.82 0.93
CA VAL D 235 -19.05 5.60 -0.45
C VAL D 235 -19.04 6.98 -1.09
N ILE D 236 -18.45 7.08 -2.29
CA ILE D 236 -18.44 8.36 -3.02
C ILE D 236 -19.05 8.18 -4.41
N LEU D 237 -20.04 8.99 -4.74
CA LEU D 237 -20.58 8.92 -6.07
C LEU D 237 -21.07 10.26 -6.58
N GLU D 238 -21.10 10.38 -7.89
CA GLU D 238 -21.90 11.40 -8.55
C GLU D 238 -23.37 10.95 -8.55
N PRO D 239 -24.30 11.87 -8.22
CA PRO D 239 -25.72 11.54 -8.35
C PRO D 239 -26.08 11.14 -9.78
N ILE D 240 -25.44 11.83 -10.73
CA ILE D 240 -25.50 11.52 -12.16
C ILE D 240 -24.07 11.55 -12.70
N GLN D 241 -23.60 10.48 -13.33
CA GLN D 241 -22.19 10.47 -13.78
C GLN D 241 -22.04 11.40 -14.96
N GLY D 242 -21.10 12.34 -14.86
CA GLY D 242 -20.92 13.38 -15.85
C GLY D 242 -20.01 12.91 -16.96
N GLU D 243 -18.72 12.84 -16.66
CA GLU D 243 -17.74 12.45 -17.66
C GLU D 243 -18.01 11.04 -18.12
N GLY D 244 -18.62 10.25 -17.23
CA GLY D 244 -19.11 8.92 -17.57
C GLY D 244 -20.05 8.84 -18.77
N GLY D 245 -20.53 9.99 -19.26
CA GLY D 245 -21.43 10.03 -20.40
C GLY D 245 -22.88 10.36 -20.03
N VAL D 246 -23.07 11.12 -18.97
CA VAL D 246 -24.40 11.49 -18.47
C VAL D 246 -25.22 10.23 -18.22
N ILE D 247 -24.96 9.57 -17.10
CA ILE D 247 -25.60 8.30 -16.76
C ILE D 247 -26.52 8.49 -15.59
N LEU D 248 -27.82 8.35 -15.85
CA LEU D 248 -28.82 8.48 -14.82
C LEU D 248 -28.93 7.14 -14.12
N PRO D 249 -28.73 7.13 -12.80
CA PRO D 249 -28.97 5.90 -12.05
C PRO D 249 -30.48 5.59 -12.04
N PRO D 250 -30.84 4.32 -11.85
CA PRO D 250 -32.29 4.08 -11.74
C PRO D 250 -32.87 4.79 -10.52
N PRO D 251 -34.02 5.47 -10.69
CA PRO D 251 -34.75 6.09 -9.57
C PRO D 251 -34.81 5.17 -8.35
N GLY D 252 -34.36 5.65 -7.20
CA GLY D 252 -34.37 4.85 -5.99
C GLY D 252 -32.96 4.50 -5.53
N TYR D 253 -32.02 4.59 -6.45
CA TYR D 253 -30.63 4.27 -6.20
C TYR D 253 -30.02 5.12 -5.09
N LEU D 254 -29.98 6.43 -5.28
CA LEU D 254 -29.34 7.31 -4.32
C LEU D 254 -29.88 7.11 -2.92
N THR D 255 -31.19 6.90 -2.83
CA THR D 255 -31.82 6.68 -1.54
C THR D 255 -31.35 5.36 -0.94
N ALA D 256 -31.23 4.34 -1.78
CA ALA D 256 -30.80 3.03 -1.30
C ALA D 256 -29.34 3.07 -0.86
N VAL D 257 -28.53 3.86 -1.55
CA VAL D 257 -27.14 4.04 -1.15
C VAL D 257 -27.09 4.72 0.22
N ARG D 258 -27.94 5.74 0.39
CA ARG D 258 -28.05 6.42 1.67
C ARG D 258 -28.41 5.45 2.81
N LYS D 259 -29.42 4.60 2.60
CA LYS D 259 -29.82 3.60 3.60
C LYS D 259 -28.67 2.61 3.89
N LEU D 260 -27.98 2.18 2.83
CA LEU D 260 -26.88 1.22 2.97
C LEU D 260 -25.72 1.78 3.79
N CYS D 261 -25.43 3.07 3.58
CA CYS D 261 -24.38 3.73 4.32
C CYS D 261 -24.80 3.82 5.79
N ASP D 262 -26.05 4.19 6.04
CA ASP D 262 -26.56 4.23 7.42
C ASP D 262 -26.34 2.89 8.11
N GLU D 263 -26.76 1.81 7.44
CA GLU D 263 -26.67 0.49 8.04
C GLU D 263 -25.25 0.08 8.44
N PHE D 264 -24.29 0.34 7.55
CA PHE D 264 -22.91 -0.05 7.81
C PHE D 264 -22.10 1.01 8.56
N GLY D 265 -22.65 2.22 8.70
CA GLY D 265 -21.93 3.27 9.41
C GLY D 265 -20.79 3.78 8.56
N ALA D 266 -21.00 3.72 7.25
CA ALA D 266 -20.15 4.39 6.27
C ALA D 266 -20.69 5.80 6.01
N LEU D 267 -19.79 6.73 5.73
CA LEU D 267 -20.18 8.07 5.29
C LEU D 267 -20.59 8.07 3.84
N MET D 268 -21.49 8.99 3.47
CA MET D 268 -21.92 9.15 2.10
C MET D 268 -21.40 10.47 1.54
N ILE D 269 -20.55 10.35 0.53
CA ILE D 269 -20.01 11.50 -0.20
C ILE D 269 -20.69 11.66 -1.55
N LEU D 270 -21.38 12.77 -1.75
CA LEU D 270 -21.95 13.08 -3.06
C LEU D 270 -21.08 14.08 -3.80
N ASP D 271 -20.56 13.66 -4.95
CA ASP D 271 -19.80 14.56 -5.79
C ASP D 271 -20.76 15.28 -6.74
N GLU D 272 -21.11 16.52 -6.39
CA GLU D 272 -21.99 17.34 -7.22
C GLU D 272 -21.21 18.48 -7.86
N VAL D 273 -19.94 18.24 -8.11
CA VAL D 273 -19.10 19.22 -8.78
C VAL D 273 -19.71 19.61 -10.12
N GLN D 274 -20.23 18.64 -10.87
CA GLN D 274 -20.82 18.96 -12.17
C GLN D 274 -22.36 19.05 -12.15
N THR D 275 -23.02 18.22 -11.36
CA THR D 275 -24.47 18.27 -11.27
C THR D 275 -25.00 19.45 -10.45
N GLY D 276 -24.11 20.09 -9.69
CA GLY D 276 -24.54 21.08 -8.71
C GLY D 276 -24.90 22.46 -9.27
N MET D 277 -25.39 23.32 -8.38
CA MET D 277 -25.82 24.68 -8.72
C MET D 277 -26.86 24.71 -9.83
N GLY D 278 -27.92 23.93 -9.66
CA GLY D 278 -29.07 24.06 -10.51
C GLY D 278 -29.08 23.28 -11.81
N ARG D 279 -27.93 22.74 -12.23
CA ARG D 279 -27.84 22.19 -13.58
C ARG D 279 -28.92 21.14 -13.89
N THR D 280 -29.30 20.36 -12.88
CA THR D 280 -30.24 19.24 -13.07
C THR D 280 -31.74 19.61 -13.01
N GLY D 281 -32.05 20.88 -12.86
CA GLY D 281 -33.43 21.28 -12.69
C GLY D 281 -33.76 21.53 -11.23
N LYS D 282 -32.81 21.21 -10.36
CA LYS D 282 -32.91 21.54 -8.95
C LYS D 282 -31.57 22.09 -8.53
N MET D 283 -31.50 22.80 -7.42
CA MET D 283 -30.22 23.36 -6.95
C MET D 283 -29.13 22.27 -6.88
N PHE D 284 -29.46 21.16 -6.25
CA PHE D 284 -28.57 20.00 -6.19
C PHE D 284 -29.30 18.77 -6.66
N ALA D 285 -28.64 17.96 -7.46
CA ALA D 285 -29.24 16.74 -7.97
C ALA D 285 -29.77 15.85 -6.84
N CYS D 286 -29.17 15.92 -5.65
CA CYS D 286 -29.58 15.04 -4.56
C CYS D 286 -30.98 15.40 -4.05
N GLU D 287 -31.44 16.60 -4.38
CA GLU D 287 -32.77 17.07 -3.98
C GLU D 287 -33.91 16.37 -4.74
N HIS D 288 -33.56 15.75 -5.86
CA HIS D 288 -34.52 15.00 -6.65
C HIS D 288 -35.15 13.86 -5.81
N GLU D 289 -34.32 13.01 -5.21
CA GLU D 289 -34.84 11.98 -4.32
C GLU D 289 -34.73 12.43 -2.87
N ASN D 290 -34.35 13.69 -2.68
CA ASN D 290 -34.20 14.22 -1.34
C ASN D 290 -33.24 13.39 -0.50
N VAL D 291 -32.06 13.14 -1.02
CA VAL D 291 -31.05 12.44 -0.25
C VAL D 291 -30.05 13.41 0.37
N GLN D 292 -29.82 13.27 1.67
CA GLN D 292 -28.76 14.06 2.30
C GLN D 292 -27.45 13.28 2.47
N PRO D 293 -26.37 13.70 1.78
CA PRO D 293 -25.07 13.09 2.05
C PRO D 293 -24.45 13.57 3.37
N ASP D 294 -23.37 12.92 3.79
CA ASP D 294 -22.66 13.41 4.97
C ASP D 294 -21.73 14.52 4.54
N ILE D 295 -21.31 14.44 3.28
CA ILE D 295 -20.34 15.34 2.69
C ILE D 295 -20.75 15.66 1.25
N LEU D 296 -20.69 16.93 0.89
CA LEU D 296 -21.18 17.36 -0.42
C LEU D 296 -20.12 18.20 -1.11
N CYS D 297 -19.80 17.82 -2.35
CA CYS D 297 -18.73 18.46 -3.08
C CYS D 297 -19.28 19.34 -4.21
N LEU D 298 -18.86 20.60 -4.22
CA LEU D 298 -19.30 21.56 -5.22
C LEU D 298 -18.08 22.25 -5.80
N ALA D 299 -18.21 22.69 -7.05
CA ALA D 299 -17.21 23.53 -7.71
C ALA D 299 -17.80 24.02 -9.03
N LYS D 300 -16.99 24.06 -10.08
CA LYS D 300 -17.41 24.50 -11.41
C LYS D 300 -18.32 25.71 -11.35
N ALA D 301 -19.63 25.49 -11.49
CA ALA D 301 -20.58 26.59 -11.58
C ALA D 301 -20.67 27.40 -10.29
N LEU D 302 -20.18 26.88 -9.17
CA LEU D 302 -20.24 27.65 -7.91
C LEU D 302 -19.55 29.02 -8.04
N GLY D 303 -18.57 29.15 -8.94
CA GLY D 303 -17.92 30.44 -9.14
C GLY D 303 -18.59 31.37 -10.14
N GLY D 304 -19.80 30.99 -10.57
CA GLY D 304 -20.62 31.83 -11.42
C GLY D 304 -20.10 32.12 -12.81
N GLY D 305 -19.14 31.34 -13.26
CA GLY D 305 -18.56 31.52 -14.58
C GLY D 305 -17.42 32.53 -14.55
N VAL D 306 -17.11 33.07 -13.37
CA VAL D 306 -16.08 34.12 -13.25
C VAL D 306 -14.87 33.69 -12.42
N MET D 307 -15.09 33.07 -11.27
CA MET D 307 -13.98 32.65 -10.44
C MET D 307 -13.87 31.13 -10.31
N PRO D 308 -12.64 30.64 -10.17
CA PRO D 308 -12.42 29.25 -9.75
C PRO D 308 -12.76 29.10 -8.28
N ILE D 309 -13.45 28.04 -7.91
CA ILE D 309 -13.79 27.80 -6.52
C ILE D 309 -14.28 26.39 -6.36
N GLY D 310 -13.99 25.80 -5.20
CA GLY D 310 -14.59 24.53 -4.81
C GLY D 310 -15.09 24.68 -3.39
N ALA D 311 -16.06 23.86 -3.02
CA ALA D 311 -16.54 23.86 -1.66
C ALA D 311 -16.88 22.44 -1.21
N THR D 312 -16.48 22.11 0.01
CA THR D 312 -16.77 20.81 0.59
C THR D 312 -17.58 20.98 1.87
N ILE D 313 -18.84 20.55 1.80
CA ILE D 313 -19.81 20.83 2.84
C ILE D 313 -20.17 19.54 3.57
N ALA D 314 -20.07 19.54 4.88
CA ALA D 314 -20.35 18.32 5.64
C ALA D 314 -21.14 18.62 6.89
N THR D 315 -21.65 17.57 7.49
CA THR D 315 -22.33 17.68 8.79
C THR D 315 -21.35 18.13 9.85
N GLU D 316 -21.86 18.68 10.94
CA GLU D 316 -21.01 19.08 12.05
C GLU D 316 -20.33 17.85 12.66
N GLU D 317 -21.05 16.75 12.72
CA GLU D 317 -20.51 15.46 13.20
C GLU D 317 -19.23 15.08 12.45
N VAL D 318 -19.24 15.21 11.13
CA VAL D 318 -18.05 14.88 10.36
C VAL D 318 -17.03 16.03 10.42
N PHE D 319 -17.49 17.26 10.20
CA PHE D 319 -16.56 18.37 9.96
C PHE D 319 -15.76 18.68 11.21
N SER D 320 -16.32 18.32 12.35
CA SER D 320 -15.73 18.61 13.65
C SER D 320 -14.33 18.02 13.82
N VAL D 321 -13.97 17.08 12.97
CA VAL D 321 -12.62 16.50 13.03
C VAL D 321 -11.58 17.55 12.70
N LEU D 322 -11.99 18.69 12.13
CA LEU D 322 -11.05 19.75 11.78
C LEU D 322 -11.00 20.87 12.83
N PHE D 323 -11.79 20.74 13.89
CA PHE D 323 -11.95 21.82 14.87
C PHE D 323 -10.77 21.97 15.81
N ASP D 324 -10.27 20.84 16.31
CA ASP D 324 -9.31 20.85 17.39
C ASP D 324 -7.95 21.39 16.94
N ASN D 325 -7.50 20.96 15.76
CA ASN D 325 -6.39 21.57 15.06
C ASN D 325 -6.92 22.07 13.73
N PRO D 326 -7.12 23.40 13.62
CA PRO D 326 -7.67 24.07 12.43
C PRO D 326 -6.78 24.00 11.21
N PHE D 327 -5.54 23.55 11.38
CA PHE D 327 -4.59 23.54 10.28
C PHE D 327 -4.38 22.15 9.73
N LEU D 328 -5.18 21.22 10.24
CA LEU D 328 -5.21 19.86 9.73
C LEU D 328 -5.51 19.84 8.24
N HIS D 329 -6.54 20.58 7.81
CA HIS D 329 -6.70 20.78 6.37
C HIS D 329 -6.92 22.25 6.02
N THR D 330 -6.05 22.75 5.15
CA THR D 330 -6.06 24.12 4.63
C THR D 330 -5.74 24.13 3.14
N THR D 331 -5.86 25.30 2.53
CA THR D 331 -5.29 25.56 1.20
C THR D 331 -5.08 27.08 1.13
N THR D 332 -4.13 27.52 0.33
CA THR D 332 -3.64 28.89 0.47
C THR D 332 -4.60 29.97 -0.05
N PHE D 333 -5.30 29.68 -1.15
CA PHE D 333 -6.22 30.67 -1.73
C PHE D 333 -7.69 30.41 -1.39
N GLY D 334 -7.96 29.29 -0.73
CA GLY D 334 -9.33 28.83 -0.56
C GLY D 334 -10.19 29.81 0.18
N GLY D 335 -11.33 30.12 -0.40
CA GLY D 335 -12.27 31.03 0.20
C GLY D 335 -11.79 32.47 0.19
N ASN D 336 -10.86 32.78 -0.71
CA ASN D 336 -10.48 34.17 -0.94
C ASN D 336 -11.71 35.02 -1.28
N PRO D 337 -11.64 36.33 -1.00
CA PRO D 337 -12.77 37.24 -1.19
C PRO D 337 -13.40 37.26 -2.59
N LEU D 338 -12.58 37.30 -3.65
CA LEU D 338 -13.12 37.35 -5.01
C LEU D 338 -13.96 36.12 -5.32
N ALA D 339 -13.48 34.97 -4.86
CA ALA D 339 -14.16 33.72 -5.15
C ALA D 339 -15.44 33.69 -4.37
N CYS D 340 -15.37 34.05 -3.09
CA CYS D 340 -16.57 34.16 -2.27
C CYS D 340 -17.59 35.12 -2.89
N ALA D 341 -17.14 36.31 -3.29
CA ALA D 341 -18.00 37.29 -3.97
C ALA D 341 -18.71 36.61 -5.13
N ALA D 342 -17.94 35.93 -5.98
CA ALA D 342 -18.54 35.30 -7.15
C ALA D 342 -19.62 34.29 -6.73
N ALA D 343 -19.33 33.44 -5.76
CA ALA D 343 -20.28 32.37 -5.42
C ALA D 343 -21.54 32.94 -4.74
N LEU D 344 -21.37 34.00 -3.97
CA LEU D 344 -22.52 34.61 -3.32
C LEU D 344 -23.44 35.24 -4.36
N ALA D 345 -22.83 35.80 -5.41
CA ALA D 345 -23.60 36.37 -6.51
C ALA D 345 -24.38 35.28 -7.20
N THR D 346 -23.66 34.23 -7.60
CA THR D 346 -24.20 33.08 -8.30
C THR D 346 -25.41 32.48 -7.59
N ILE D 347 -25.28 32.29 -6.28
CA ILE D 347 -26.37 31.76 -5.51
C ILE D 347 -27.59 32.69 -5.62
N ASN D 348 -27.37 33.99 -5.42
CA ASN D 348 -28.45 34.97 -5.54
C ASN D 348 -29.14 34.91 -6.91
N VAL D 349 -28.34 34.93 -7.97
CA VAL D 349 -28.85 34.83 -9.34
C VAL D 349 -29.69 33.56 -9.60
N LEU D 350 -29.26 32.43 -9.05
CA LEU D 350 -29.92 31.16 -9.32
C LEU D 350 -31.29 31.14 -8.70
N LEU D 351 -31.37 31.63 -7.47
CA LEU D 351 -32.59 31.70 -6.71
C LEU D 351 -33.54 32.79 -7.23
N GLU D 352 -33.04 34.01 -7.40
CA GLU D 352 -33.86 35.12 -7.91
C GLU D 352 -34.53 34.80 -9.23
N GLN D 353 -33.76 34.26 -10.16
CA GLN D 353 -34.28 34.10 -11.50
C GLN D 353 -34.84 32.72 -11.68
N ASN D 354 -34.90 31.98 -10.58
CA ASN D 354 -35.41 30.61 -10.57
C ASN D 354 -34.79 29.78 -11.69
N LEU D 355 -33.48 29.90 -11.85
CA LEU D 355 -32.79 29.17 -12.90
C LEU D 355 -32.91 27.64 -12.81
N PRO D 356 -32.95 27.05 -11.59
CA PRO D 356 -33.21 25.60 -11.58
C PRO D 356 -34.48 25.17 -12.33
N ALA D 357 -35.61 25.81 -12.04
CA ALA D 357 -36.85 25.50 -12.74
C ALA D 357 -36.70 25.74 -14.22
N GLN D 358 -35.97 26.79 -14.60
CA GLN D 358 -35.71 27.06 -16.01
C GLN D 358 -34.91 25.93 -16.66
N ALA D 359 -33.94 25.38 -15.93
CA ALA D 359 -33.13 24.25 -16.40
C ALA D 359 -34.01 23.03 -16.69
N GLU D 360 -34.96 22.79 -15.80
CA GLU D 360 -35.93 21.72 -15.96
C GLU D 360 -36.69 21.90 -17.27
N GLN D 361 -37.18 23.11 -17.52
CA GLN D 361 -38.02 23.35 -18.68
C GLN D 361 -37.22 23.36 -19.98
N LYS D 362 -36.09 24.07 -19.99
CA LYS D 362 -35.25 24.10 -21.19
C LYS D 362 -34.67 22.70 -21.48
N GLY D 363 -34.31 21.99 -20.41
CA GLY D 363 -33.80 20.63 -20.52
C GLY D 363 -34.81 19.65 -21.12
N ASP D 364 -36.06 19.70 -20.67
CA ASP D 364 -37.10 18.82 -21.21
C ASP D 364 -37.24 19.05 -22.69
N MET D 365 -37.13 20.33 -23.05
CA MET D 365 -37.35 20.81 -24.38
C MET D 365 -36.25 20.36 -25.32
N LEU D 366 -35.00 20.56 -24.89
CA LEU D 366 -33.88 20.17 -25.73
C LEU D 366 -33.84 18.65 -25.87
N LEU D 367 -34.01 17.94 -24.75
CA LEU D 367 -33.91 16.48 -24.78
C LEU D 367 -35.00 15.89 -25.66
N ASP D 368 -36.20 16.46 -25.57
CA ASP D 368 -37.28 16.02 -26.44
C ASP D 368 -36.87 16.25 -27.90
N GLY D 369 -36.28 17.41 -28.17
CA GLY D 369 -35.71 17.67 -29.48
C GLY D 369 -34.66 16.65 -29.89
N PHE D 370 -33.72 16.36 -28.97
CA PHE D 370 -32.66 15.40 -29.26
C PHE D 370 -33.22 13.98 -29.41
N ARG D 371 -34.26 13.64 -28.65
CA ARG D 371 -34.88 12.32 -28.77
C ARG D 371 -35.63 12.17 -30.09
N GLN D 372 -36.24 13.26 -30.55
CA GLN D 372 -36.84 13.28 -31.87
C GLN D 372 -35.79 12.98 -32.93
N LEU D 373 -34.70 13.73 -32.90
CA LEU D 373 -33.62 13.58 -33.88
C LEU D 373 -33.03 12.19 -33.82
N ALA D 374 -32.96 11.61 -32.63
CA ALA D 374 -32.45 10.26 -32.46
C ALA D 374 -33.32 9.26 -33.23
N ARG D 375 -34.63 9.45 -33.15
CA ARG D 375 -35.58 8.62 -33.89
C ARG D 375 -35.34 8.67 -35.39
N GLU D 376 -35.13 9.87 -35.91
CA GLU D 376 -34.91 10.07 -37.33
C GLU D 376 -33.57 9.54 -37.84
N TYR D 377 -32.54 9.57 -37.00
CA TYR D 377 -31.22 9.13 -37.44
C TYR D 377 -30.65 8.02 -36.57
N PRO D 378 -31.27 6.83 -36.59
CA PRO D 378 -30.75 5.71 -35.79
C PRO D 378 -29.53 5.06 -36.43
N ASP D 379 -29.21 5.48 -37.65
CA ASP D 379 -27.97 5.05 -38.29
C ASP D 379 -26.78 5.77 -37.65
N LEU D 380 -27.05 6.92 -37.05
CA LEU D 380 -25.99 7.73 -36.46
C LEU D 380 -26.07 7.81 -34.95
N VAL D 381 -27.28 7.96 -34.42
CA VAL D 381 -27.46 8.17 -33.01
C VAL D 381 -27.93 6.90 -32.29
N GLN D 382 -27.30 6.63 -31.15
CA GLN D 382 -27.67 5.53 -30.27
C GLN D 382 -28.85 5.89 -29.38
N GLU D 383 -28.69 6.95 -28.58
CA GLU D 383 -29.76 7.49 -27.77
C GLU D 383 -29.39 8.88 -27.26
N ALA D 384 -30.41 9.66 -26.89
CA ALA D 384 -30.22 10.93 -26.22
C ALA D 384 -30.77 10.82 -24.81
N ARG D 385 -30.05 11.35 -23.83
CA ARG D 385 -30.51 11.24 -22.46
C ARG D 385 -30.12 12.48 -21.71
N GLY D 386 -30.61 12.60 -20.49
CA GLY D 386 -30.24 13.72 -19.66
C GLY D 386 -31.28 14.11 -18.63
N LYS D 387 -30.89 15.01 -17.74
CA LYS D 387 -31.78 15.52 -16.72
C LYS D 387 -31.54 17.01 -16.67
N GLY D 388 -32.60 17.80 -16.73
CA GLY D 388 -32.45 19.25 -16.78
C GLY D 388 -31.47 19.63 -17.88
N MET D 389 -30.53 20.52 -17.56
CA MET D 389 -29.58 20.99 -18.56
C MET D 389 -28.27 20.16 -18.59
N LEU D 390 -28.31 18.94 -18.07
CA LEU D 390 -27.20 18.01 -18.26
C LEU D 390 -27.64 16.93 -19.23
N MET D 391 -27.20 17.04 -20.47
CA MET D 391 -27.64 16.11 -21.48
C MET D 391 -26.45 15.53 -22.21
N ALA D 392 -26.67 14.39 -22.85
CA ALA D 392 -25.72 13.90 -23.81
C ALA D 392 -26.42 13.17 -24.95
N ILE D 393 -25.80 13.22 -26.11
CA ILE D 393 -26.21 12.40 -27.21
C ILE D 393 -25.13 11.36 -27.40
N GLU D 394 -25.51 10.10 -27.37
CA GLU D 394 -24.55 9.04 -27.66
C GLU D 394 -24.66 8.68 -29.12
N PHE D 395 -23.53 8.48 -29.77
CA PHE D 395 -23.54 8.08 -31.17
C PHE D 395 -23.12 6.63 -31.32
N VAL D 396 -23.34 6.09 -32.52
CA VAL D 396 -23.08 4.70 -32.84
C VAL D 396 -21.64 4.32 -32.56
N ASP D 397 -20.71 5.19 -32.96
CA ASP D 397 -19.30 4.98 -32.66
C ASP D 397 -18.57 6.31 -32.52
N ASN D 398 -17.31 6.25 -32.11
CA ASN D 398 -16.53 7.44 -31.83
C ASN D 398 -16.47 8.39 -33.01
N GLU D 399 -16.19 7.87 -34.20
CA GLU D 399 -15.93 8.73 -35.36
C GLU D 399 -17.17 9.51 -35.77
N ILE D 400 -18.35 8.92 -35.61
CA ILE D 400 -19.58 9.64 -35.92
C ILE D 400 -19.77 10.74 -34.90
N GLY D 401 -19.47 10.43 -33.64
CA GLY D 401 -19.47 11.43 -32.58
C GLY D 401 -18.57 12.60 -32.89
N TYR D 402 -17.32 12.32 -33.28
CA TYR D 402 -16.34 13.38 -33.55
C TYR D 402 -16.80 14.23 -34.73
N ASN D 403 -17.51 13.60 -35.67
CA ASN D 403 -18.08 14.30 -36.82
C ASN D 403 -19.25 15.21 -36.46
N PHE D 404 -20.06 14.79 -35.49
CA PHE D 404 -21.16 15.63 -35.03
C PHE D 404 -20.60 16.90 -34.40
N ALA D 405 -19.60 16.74 -33.52
CA ALA D 405 -18.97 17.86 -32.84
C ALA D 405 -18.38 18.83 -33.86
N SER D 406 -17.88 18.26 -34.95
CA SER D 406 -17.25 19.03 -36.00
C SER D 406 -18.29 19.79 -36.81
N GLU D 407 -19.38 19.13 -37.17
CA GLU D 407 -20.44 19.76 -37.94
C GLU D 407 -21.16 20.83 -37.14
N MET D 408 -21.30 20.60 -35.84
CA MET D 408 -21.94 21.56 -34.96
C MET D 408 -21.07 22.80 -34.78
N PHE D 409 -19.76 22.59 -34.76
CA PHE D 409 -18.81 23.68 -34.62
C PHE D 409 -18.85 24.53 -35.89
N ARG D 410 -18.99 23.86 -37.02
CA ARG D 410 -19.10 24.53 -38.31
C ARG D 410 -20.30 25.45 -38.37
N GLN D 411 -21.37 25.04 -37.69
CA GLN D 411 -22.57 25.85 -37.56
C GLN D 411 -22.50 26.81 -36.39
N ARG D 412 -21.28 27.09 -35.92
CA ARG D 412 -21.03 27.95 -34.77
C ARG D 412 -21.88 27.59 -33.54
N VAL D 413 -21.98 26.30 -33.25
CA VAL D 413 -22.55 25.84 -31.97
C VAL D 413 -21.50 24.96 -31.28
N LEU D 414 -21.03 25.42 -30.12
CA LEU D 414 -19.98 24.69 -29.42
C LEU D 414 -20.50 23.46 -28.66
N VAL D 415 -19.96 22.28 -28.99
CA VAL D 415 -20.18 21.09 -28.16
C VAL D 415 -18.87 20.34 -27.96
N ALA D 416 -18.84 19.39 -27.02
CA ALA D 416 -17.64 18.57 -26.86
C ALA D 416 -17.96 17.24 -26.21
N GLY D 417 -16.98 16.33 -26.26
CA GLY D 417 -17.13 14.98 -25.73
C GLY D 417 -17.10 14.88 -24.21
N THR D 418 -17.22 13.65 -23.71
CA THR D 418 -17.16 13.41 -22.28
C THR D 418 -15.94 12.54 -21.96
N LEU D 419 -15.31 12.80 -20.81
CA LEU D 419 -14.01 12.21 -20.50
C LEU D 419 -13.99 10.68 -20.33
N ASN D 420 -15.10 10.10 -19.88
CA ASN D 420 -15.17 8.67 -19.61
C ASN D 420 -16.07 7.90 -20.58
N ASN D 421 -16.36 8.50 -21.74
CA ASN D 421 -17.24 7.88 -22.73
C ASN D 421 -16.98 8.49 -24.11
N ALA D 422 -16.35 7.71 -25.00
CA ALA D 422 -15.82 8.24 -26.26
C ALA D 422 -16.89 8.46 -27.34
N LYS D 423 -18.02 7.78 -27.22
CA LYS D 423 -19.07 7.84 -28.26
C LYS D 423 -20.07 8.96 -27.97
N THR D 424 -19.87 9.64 -26.84
CA THR D 424 -20.87 10.55 -26.32
C THR D 424 -20.47 12.03 -26.44
N ILE D 425 -21.39 12.85 -26.93
CA ILE D 425 -21.20 14.29 -26.98
C ILE D 425 -22.13 14.98 -25.99
N ARG D 426 -21.58 15.72 -25.04
CA ARG D 426 -22.41 16.34 -24.03
C ARG D 426 -23.13 17.57 -24.57
N ILE D 427 -24.30 17.84 -24.00
CA ILE D 427 -25.01 19.09 -24.24
C ILE D 427 -25.23 19.79 -22.90
N GLU D 428 -24.38 20.77 -22.61
CA GLU D 428 -24.38 21.42 -21.28
C GLU D 428 -24.44 22.95 -21.36
N PRO D 429 -25.51 23.50 -21.95
CA PRO D 429 -25.55 24.95 -22.17
C PRO D 429 -25.75 25.69 -20.86
N PRO D 430 -25.49 27.00 -20.84
CA PRO D 430 -25.85 27.80 -19.66
C PRO D 430 -27.36 27.69 -19.35
N LEU D 431 -27.74 27.84 -18.09
CA LEU D 431 -29.14 27.64 -17.73
C LEU D 431 -29.95 28.82 -18.29
N THR D 432 -29.23 29.87 -18.69
CA THR D 432 -29.82 31.09 -19.24
C THR D 432 -30.04 31.03 -20.77
N LEU D 433 -29.76 29.89 -21.38
CA LEU D 433 -29.94 29.75 -22.83
C LEU D 433 -31.38 30.08 -23.20
N THR D 434 -31.56 31.04 -24.10
CA THR D 434 -32.90 31.51 -24.45
C THR D 434 -33.69 30.45 -25.21
N ILE D 435 -35.00 30.59 -25.19
CA ILE D 435 -35.89 29.72 -25.92
C ILE D 435 -35.54 29.66 -27.41
N GLU D 436 -35.22 30.82 -27.99
CA GLU D 436 -34.88 30.87 -29.41
C GLU D 436 -33.59 30.10 -29.66
N GLN D 437 -32.60 30.32 -28.80
CA GLN D 437 -31.32 29.62 -28.93
C GLN D 437 -31.52 28.11 -28.79
N CYS D 438 -32.44 27.70 -27.91
CA CYS D 438 -32.81 26.29 -27.77
C CYS D 438 -33.28 25.69 -29.10
N GLU D 439 -34.10 26.42 -29.85
CA GLU D 439 -34.64 25.91 -31.10
C GLU D 439 -33.53 25.82 -32.13
N LEU D 440 -32.73 26.88 -32.19
CA LEU D 440 -31.56 26.94 -33.07
C LEU D 440 -30.63 25.74 -32.84
N VAL D 441 -30.45 25.36 -31.58
CA VAL D 441 -29.55 24.26 -31.25
C VAL D 441 -30.12 22.95 -31.80
N ILE D 442 -31.43 22.83 -31.76
CA ILE D 442 -32.10 21.69 -32.38
C ILE D 442 -31.93 21.75 -33.91
N LYS D 443 -32.21 22.91 -34.51
CA LYS D 443 -32.04 23.10 -35.95
C LYS D 443 -30.59 22.83 -36.40
N ALA D 444 -29.63 23.25 -35.58
CA ALA D 444 -28.22 23.03 -35.85
C ALA D 444 -27.87 21.55 -35.79
N ALA D 445 -28.45 20.84 -34.83
CA ALA D 445 -28.21 19.42 -34.68
C ALA D 445 -28.80 18.65 -35.86
N ARG D 446 -29.96 19.11 -36.34
CA ARG D 446 -30.61 18.47 -37.48
C ARG D 446 -29.76 18.57 -38.75
N LYS D 447 -29.30 19.79 -39.07
CA LYS D 447 -28.41 19.96 -40.21
C LYS D 447 -27.15 19.11 -40.09
N ALA D 448 -26.60 19.05 -38.88
CA ALA D 448 -25.39 18.28 -38.64
C ALA D 448 -25.62 16.80 -38.92
N LEU D 449 -26.73 16.26 -38.43
CA LEU D 449 -27.03 14.85 -38.65
C LEU D 449 -27.27 14.54 -40.13
N ALA D 450 -27.95 15.45 -40.83
CA ALA D 450 -28.21 15.27 -42.26
C ALA D 450 -26.90 15.24 -43.05
N ALA D 451 -26.00 16.17 -42.72
CA ALA D 451 -24.69 16.23 -43.34
C ALA D 451 -23.91 14.96 -43.09
N MET D 452 -24.02 14.46 -41.86
CA MET D 452 -23.29 13.28 -41.45
C MET D 452 -23.75 12.05 -42.21
N ARG D 453 -25.05 12.00 -42.50
CA ARG D 453 -25.61 10.93 -43.30
C ARG D 453 -24.95 10.88 -44.68
N VAL D 454 -24.90 12.03 -45.35
CA VAL D 454 -24.23 12.17 -46.64
C VAL D 454 -22.78 11.70 -46.60
N SER D 455 -22.00 12.27 -45.69
CA SER D 455 -20.57 12.01 -45.58
C SER D 455 -20.26 10.53 -45.36
N VAL D 456 -21.03 9.91 -44.49
CA VAL D 456 -20.91 8.48 -44.21
C VAL D 456 -21.41 7.63 -45.36
N GLU D 457 -22.56 8.01 -45.92
CA GLU D 457 -23.20 7.25 -46.98
C GLU D 457 -22.33 7.12 -48.22
N GLU D 458 -21.70 8.23 -48.63
CA GLU D 458 -20.81 8.20 -49.79
C GLU D 458 -19.54 7.44 -49.44
N ALA D 459 -19.07 7.59 -48.21
CA ALA D 459 -17.85 6.92 -47.74
C ALA D 459 -18.13 5.48 -47.26
N1 PLP E . -4.85 -23.74 3.50
C2 PLP E . -5.93 -24.48 3.95
C2A PLP E . -7.09 -24.79 3.04
C3 PLP E . -5.98 -25.00 5.35
O3 PLP E . -7.04 -25.74 5.78
C4 PLP E . -4.82 -24.67 6.23
C4A PLP E . -4.76 -25.12 7.65
C5 PLP E . -3.73 -23.85 5.64
C6 PLP E . -3.79 -23.44 4.30
C5A PLP E . -2.52 -23.50 6.49
O4P PLP E . -1.73 -24.68 6.67
P PLP E . -0.41 -24.70 7.61
O1P PLP E . 0.50 -23.58 7.14
O2P PLP E . -0.97 -24.44 9.00
O3P PLP E . 0.22 -26.09 7.40
N2 PUT F . -5.85 -25.29 8.74
C4 PUT F . -6.26 -25.67 10.07
C3 PUT F . -5.44 -24.94 11.09
C2 PUT F . -4.57 -25.92 11.84
C1 PUT F . -4.35 -25.43 13.25
N1 PUT F . -5.54 -25.64 14.03
C FMT G . 10.78 -28.65 -20.63
O1 FMT G . 11.63 -27.93 -20.10
O2 FMT G . 11.00 -29.79 -21.02
C FMT H . -9.54 -18.56 25.70
O1 FMT H . -8.48 -19.06 25.30
O2 FMT H . -10.61 -19.17 25.82
C1 GOL I . 0.23 -16.53 33.35
O1 GOL I . -0.45 -15.76 32.37
C2 GOL I . 1.70 -16.68 33.01
O2 GOL I . 2.37 -17.33 34.07
C3 GOL I . 2.34 -15.32 32.78
O3 GOL I . 2.12 -14.50 33.91
N1 PLP J . 16.70 -16.37 7.41
C2 PLP J . 18.04 -16.55 7.18
C2A PLP J . 19.06 -15.71 7.93
C3 PLP J . 18.53 -17.58 6.21
O3 PLP J . 19.87 -17.75 5.96
C4 PLP J . 17.49 -18.38 5.51
C4A PLP J . 17.88 -19.41 4.52
C5 PLP J . 16.06 -18.11 5.84
C6 PLP J . 15.74 -17.10 6.79
C5A PLP J . 14.97 -18.89 5.16
O4P PLP J . 14.61 -20.05 5.92
P PLP J . 13.93 -21.33 5.16
O1P PLP J . 14.78 -21.42 3.90
O2P PLP J . 14.04 -22.50 6.13
O3P PLP J . 12.52 -20.89 4.87
N2 PUT K . 18.78 -19.52 3.11
C4 PUT K . 19.57 -20.50 2.41
C3 PUT K . 18.73 -21.36 1.49
C2 PUT K . 19.22 -21.23 0.06
C1 PUT K . 18.63 -22.33 -0.80
N1 PUT K . 19.30 -23.56 -0.52
C1 GOL L . 36.03 -33.06 17.30
O1 GOL L . 37.03 -32.61 16.40
C2 GOL L . 34.74 -33.20 16.51
O2 GOL L . 33.60 -32.97 17.32
C3 GOL L . 34.75 -34.57 15.82
O3 GOL L . 33.48 -34.81 15.26
N1 PLP M . 4.34 23.88 -1.40
C2 PLP M . 4.95 24.82 -0.62
C2A PLP M . 6.45 24.95 -0.61
C3 PLP M . 4.14 25.71 0.27
O3 PLP M . 4.76 26.63 1.06
C4 PLP M . 2.67 25.54 0.23
C4A PLP M . 1.76 26.38 1.08
O4A PLP M . 2.20 26.96 2.06
C5 PLP M . 2.10 24.50 -0.69
C6 PLP M . 3.00 23.72 -1.46
C5A PLP M . 0.61 24.27 -0.76
O4P PLP M . -0.04 24.99 -1.83
P PLP M . -1.52 25.61 -1.60
O1P PLP M . -1.51 25.95 -0.11
O2P PLP M . -1.67 26.84 -2.49
O3P PLP M . -2.43 24.45 -1.97
N2 PUT N . 0.78 28.54 3.45
C4 PUT N . -0.60 28.73 3.78
C3 PUT N . -0.80 28.49 5.26
C2 PUT N . -2.25 28.14 5.53
C1 PUT N . -3.12 29.27 5.04
N1 PUT N . -4.51 28.93 5.17
C FMT O . 8.33 3.12 2.43
O1 FMT O . 8.38 1.91 2.21
O2 FMT O . 7.61 3.90 1.77
C FMT P . 5.39 1.77 1.44
O1 FMT P . 5.22 1.41 0.28
O2 FMT P . 4.53 2.30 2.13
C1 PEG Q . 0.93 -1.84 -10.09
O1 PEG Q . -0.08 -0.97 -9.60
C2 PEG Q . 2.20 -1.05 -10.43
O2 PEG Q . 3.11 -1.13 -9.32
C3 PEG Q . 4.44 -1.54 -9.68
C4 PEG Q . 5.31 -1.67 -8.42
O4 PEG Q . 5.22 -3.01 -7.92
N1 PLP R . -15.77 15.72 -9.99
C2 PLP R . -16.55 15.71 -11.11
C2A PLP R . -17.86 14.96 -11.12
C3 PLP R . -16.13 16.46 -12.33
O3 PLP R . -16.89 16.47 -13.46
C4 PLP R . -14.85 17.21 -12.27
C4A PLP R . -14.35 17.96 -13.47
O4A PLP R . -14.78 17.73 -14.59
C5 PLP R . -14.09 17.12 -10.99
C6 PLP R . -14.59 16.38 -9.91
C5A PLP R . -12.76 17.84 -10.84
O4P PLP R . -12.92 19.22 -11.14
P PLP R . -11.61 20.11 -11.48
O1P PLP R . -11.24 19.71 -12.89
O2P PLP R . -12.06 21.55 -11.30
O3P PLP R . -10.58 19.67 -10.47
C FMT S . -8.26 -2.69 -3.14
O1 FMT S . -8.20 -1.49 -2.85
O2 FMT S . -8.47 -3.61 -2.33
C1 GOL T . -4.06 2.74 -19.56
O1 GOL T . -4.07 2.05 -20.78
C2 GOL T . -2.84 3.65 -19.45
O2 GOL T . -1.66 2.87 -19.52
C3 GOL T . -2.89 4.72 -20.56
O3 GOL T . -3.05 6.02 -20.01
C FMT U . -4.07 0.66 7.89
O1 FMT U . -3.03 1.25 8.23
O2 FMT U . -4.50 -0.37 8.43
#